data_9DIX
#
_entry.id   9DIX
#
_cell.length_a   1.00
_cell.length_b   1.00
_cell.length_c   1.00
_cell.angle_alpha   90.00
_cell.angle_beta   90.00
_cell.angle_gamma   90.00
#
_symmetry.space_group_name_H-M   'P 1'
#
loop_
_entity.id
_entity.type
_entity.pdbx_description
1 polymer 'Envelope glycoprotein H'
2 polymer 'Protein UL141'
3 polymer UL116
4 branched 2-acetamido-2-deoxy-beta-D-glucopyranose-(1-4)-2-acetamido-2-deoxy-beta-D-glucopyranose
5 branched beta-D-mannopyranose-(1-4)-2-acetamido-2-deoxy-beta-D-glucopyranose-(1-4)-2-acetamido-2-deoxy-beta-D-glucopyranose
6 non-polymer 2-acetamido-2-deoxy-beta-D-glucopyranose
#
loop_
_entity_poly.entity_id
_entity_poly.type
_entity_poly.pdbx_seq_one_letter_code
_entity_poly.pdbx_strand_id
1 'polypeptide(L)'
;ASEALDPHAFHLLLNTYGRPIRFLRENTTQCTYNSSLRNSTVVRENAISFNFFQSYNQYYVFHMPRCLFAGPLAEQFLNQ
VDLTETLERYQQRLNTYALVSKDLASYRSFSQQLKAQDSLGQQPTTVPPPIDLSIPHVWMPPQTTPHDWKGSHTTSGLHR
PHFNQTCILFDGHDLLFSTVTPCLHQGFYLMDELRYVKITLTEDFFVVTVSIDDDTPMLLIFGHLPRVLFKAPYQRDNFI
LRQTEKHELLVLVKKTQLNRHSYLKDSDFLDAALDFNYLDLSALLRNSFHRYAVDVLKSGRCQMLDRRTVEMAFAYALAL
FAAARQEEAGTEISIPRALDRQAALLQIQEFMITCLSQTPPRTTLLLYPTAVDLAKRALWTPDQITDITSLVRLVYILSK
QNQQHLIPQWALRQIADFALQLHKTHLASFLSAFARQELYLMGSLVHSMLVHTTERREIFIVETGLCSLAELSHFTQLLA
HPHHEYLSDLYTPCSSSGRRDHSLERLTRLFPDATVPATVPAALSILSTMQPSTLETFPDLFCLPLGESFSALTVSEHVS
YVVTNQYLIKGISYPVSTTVVGQSLIITQTDSQSKCELTRNMHTTHSITAALNISLENCAFCQSALLEYDDTQGVINIMY
MHDSDDVLFALDPYNEVVVSSPRTHYLMLLKNGTVLEVTD
;
A,D
2 'polypeptide(L)'
;SFPFATADIAEKMWAENYETTSPAPVLVAEGEQVTIPCTVMTHSWPMVSIRARFCRSHDGSDELILDAVKGHRLMNGLQY
RLPYATWNFSQLHLGQIFSLTFNVSTDTAGMYECVLRNYSHGLIMQRFVILTQLETLSRPDEPCCTPALGRYSLGDQIWS
PTPWRLRNHDCGMYRGFQRNYFYIGRADAEDCWKPACPDEEPDRCWTVIQRYRLPGDCYRSQPHPPKFLPVTPAPPADID
TGMSPWATRGGSGGGSLEVLFQGPGHHHHHHHH
;
B,E
3 'polypeptide(L)'
;VETNATTVTSTTAAAATTNTTVATTGTTTTSPNVTSTTSNTVITPTTVSSVSNLTSSATSIPISTSTVSGTRNTRNNNTT
TIGTNVTSPSPSVSILTTVTPAATSTTSNNGDVTSDYTPTFDLENITTTRAPTRPPAQDLCSHNLSIILYEEESQSSVDI
AVDEEEPELEDDDEYDELWFPLYFEAECNLNYTLQYVNHSCDYSVRQSSVSFPPWRDIDSVTFVPRNLSNCSAHGLAVIV
AGNQTWYVNPFSLAHLLDAIYNVLGIEDLSANFRRQLAPYRHTLIVPQTGGSGGSGSDDDDKAGWSHPQFEKGGGSGGGS
GGGSWSHPQFEK
;
C,F
#
loop_
_chem_comp.id
_chem_comp.type
_chem_comp.name
_chem_comp.formula
BMA D-saccharide, beta linking beta-D-mannopyranose 'C6 H12 O6'
NAG D-saccharide, beta linking 2-acetamido-2-deoxy-beta-D-glucopyranose 'C8 H15 N O6'
#
# COMPACT_ATOMS: atom_id res chain seq x y z
N GLU A 45 17.49 63.63 -8.95
CA GLU A 45 16.58 62.88 -9.85
C GLU A 45 16.48 61.40 -9.43
N ASN A 46 15.37 60.77 -9.79
CA ASN A 46 15.10 59.36 -9.50
C ASN A 46 14.92 59.09 -8.01
N ALA A 47 14.74 60.12 -7.20
CA ALA A 47 14.50 59.93 -5.78
C ALA A 47 13.04 59.60 -5.52
N ILE A 48 12.75 59.22 -4.27
CA ILE A 48 11.40 58.92 -3.83
C ILE A 48 10.93 60.04 -2.91
N SER A 49 9.70 60.49 -3.13
CA SER A 49 9.15 61.65 -2.43
C SER A 49 8.22 61.20 -1.31
N PHE A 50 8.51 61.65 -0.10
CA PHE A 50 7.60 61.48 1.04
C PHE A 50 6.94 62.83 1.31
N ASN A 51 5.62 62.86 1.23
CA ASN A 51 4.86 64.10 1.36
C ASN A 51 3.68 63.88 2.30
N PHE A 52 3.21 64.98 2.88
CA PHE A 52 2.12 64.94 3.85
C PHE A 52 1.05 65.97 3.55
N PHE A 53 0.98 66.47 2.31
CA PHE A 53 -0.13 67.30 1.84
C PHE A 53 -0.31 68.53 2.73
N GLN A 54 0.69 69.40 2.69
CA GLN A 54 0.60 70.68 3.41
C GLN A 54 -0.72 71.38 3.08
N SER A 55 -1.04 71.46 1.79
CA SER A 55 -2.31 72.04 1.35
C SER A 55 -2.57 71.59 -0.08
N TYR A 56 -3.82 71.78 -0.52
CA TYR A 56 -4.16 71.45 -1.89
C TYR A 56 -3.32 72.26 -2.88
N ASN A 57 -3.04 73.51 -2.56
CA ASN A 57 -2.21 74.33 -3.43
C ASN A 57 -0.79 73.79 -3.52
N GLN A 58 -0.21 73.37 -2.39
CA GLN A 58 1.16 72.88 -2.37
C GLN A 58 1.34 71.95 -1.17
N TYR A 59 2.31 71.03 -1.30
CA TYR A 59 2.59 70.06 -0.26
C TYR A 59 4.06 70.12 0.11
N TYR A 60 4.36 69.77 1.36
CA TYR A 60 5.74 69.61 1.80
C TYR A 60 6.21 68.20 1.53
N VAL A 61 7.48 68.06 1.17
CA VAL A 61 8.03 66.81 0.68
C VAL A 61 9.40 66.57 1.28
N PHE A 62 9.69 65.30 1.52
CA PHE A 62 11.04 64.83 1.84
C PHE A 62 11.57 64.11 0.62
N HIS A 63 12.72 64.55 0.12
CA HIS A 63 13.31 63.97 -1.09
C HIS A 63 14.40 62.97 -0.70
N MET A 64 13.95 61.80 -0.29
CA MET A 64 14.85 60.77 0.19
C MET A 64 15.59 60.16 -0.99
N PRO A 65 16.92 60.13 -0.99
CA PRO A 65 17.64 59.44 -2.08
C PRO A 65 17.26 57.97 -2.14
N ARG A 66 17.15 57.45 -3.36
CA ARG A 66 16.82 56.05 -3.55
C ARG A 66 17.99 55.13 -3.23
N CYS A 67 19.22 55.66 -3.21
CA CYS A 67 20.37 54.83 -2.85
C CYS A 67 20.22 54.24 -1.45
N LEU A 68 19.55 54.96 -0.55
CA LEU A 68 19.31 54.44 0.78
C LEU A 68 18.43 53.20 0.78
N PHE A 69 17.70 52.97 -0.31
CA PHE A 69 16.88 51.77 -0.47
C PHE A 69 17.41 50.87 -1.57
N ALA A 70 18.61 51.14 -2.09
CA ALA A 70 19.16 50.33 -3.17
C ALA A 70 19.38 48.89 -2.73
N GLY A 71 19.87 48.70 -1.50
CA GLY A 71 20.20 47.39 -1.02
C GLY A 71 18.97 46.50 -0.89
N PRO A 72 19.18 45.18 -0.92
CA PRO A 72 18.04 44.26 -0.82
C PRO A 72 17.39 44.26 0.55
N LEU A 73 18.04 44.85 1.56
CA LEU A 73 17.48 44.82 2.91
C LEU A 73 16.04 45.30 2.93
N ALA A 74 15.75 46.38 2.19
CA ALA A 74 14.39 46.91 2.19
C ALA A 74 13.41 45.92 1.57
N GLU A 75 13.78 45.29 0.46
CA GLU A 75 12.85 44.42 -0.25
C GLU A 75 12.48 43.20 0.57
N GLN A 76 13.48 42.48 1.09
CA GLN A 76 13.19 41.33 1.93
C GLN A 76 12.42 41.74 3.18
N PHE A 77 12.49 43.02 3.56
CA PHE A 77 11.73 43.51 4.70
C PHE A 77 10.27 43.72 4.35
N LEU A 78 10.00 44.25 3.15
CA LEU A 78 8.64 44.61 2.77
C LEU A 78 7.78 43.37 2.53
N ASN A 79 8.33 42.37 1.85
CA ASN A 79 7.53 41.22 1.45
C ASN A 79 7.02 40.39 2.63
N GLN A 80 7.54 40.61 3.83
CA GLN A 80 7.15 39.81 4.98
C GLN A 80 5.91 40.33 5.69
N VAL A 81 5.39 41.47 5.29
CA VAL A 81 4.23 42.08 5.95
C VAL A 81 3.24 42.51 4.89
N ASP A 82 1.96 42.16 5.10
CA ASP A 82 0.89 42.61 4.23
C ASP A 82 0.46 44.01 4.67
N LEU A 83 0.66 44.99 3.79
CA LEU A 83 0.36 46.37 4.13
C LEU A 83 -1.13 46.69 4.02
N THR A 84 -1.95 45.77 3.52
CA THR A 84 -3.37 46.02 3.32
C THR A 84 -4.24 45.60 4.50
N GLU A 85 -3.71 44.79 5.41
CA GLU A 85 -4.54 44.27 6.50
C GLU A 85 -4.98 45.39 7.43
N THR A 86 -6.19 45.25 7.96
CA THR A 86 -6.78 46.26 8.84
C THR A 86 -6.37 45.98 10.28
N LEU A 87 -6.79 46.88 11.18
CA LEU A 87 -6.54 46.68 12.60
C LEU A 87 -7.20 45.39 13.11
N GLU A 88 -8.30 44.98 12.49
CA GLU A 88 -9.00 43.79 12.95
C GLU A 88 -8.11 42.55 12.82
N ARG A 89 -7.40 42.42 11.69
CA ARG A 89 -6.52 41.28 11.52
C ARG A 89 -5.41 41.28 12.55
N TYR A 90 -4.81 42.45 12.81
CA TYR A 90 -3.74 42.51 13.80
C TYR A 90 -4.25 42.15 15.18
N GLN A 91 -5.45 42.62 15.53
CA GLN A 91 -6.04 42.24 16.81
C GLN A 91 -6.28 40.74 16.88
N GLN A 92 -6.74 40.15 15.76
CA GLN A 92 -6.99 38.71 15.75
C GLN A 92 -5.70 37.93 15.95
N ARG A 93 -4.63 38.33 15.28
CA ARG A 93 -3.36 37.60 15.39
C ARG A 93 -2.86 37.60 16.83
N LEU A 94 -2.90 38.75 17.49
CA LEU A 94 -2.45 38.82 18.87
C LEU A 94 -3.32 37.95 19.77
N ASN A 95 -4.60 37.80 19.44
CA ASN A 95 -5.50 37.01 20.29
C ASN A 95 -5.08 35.56 20.38
N THR A 96 -4.24 35.08 19.46
CA THR A 96 -3.84 33.68 19.43
C THR A 96 -2.55 33.40 20.18
N TYR A 97 -1.78 34.42 20.54
CA TYR A 97 -0.51 34.25 21.23
C TYR A 97 -0.70 34.56 22.71
N ALA A 98 -0.44 33.56 23.56
CA ALA A 98 -0.59 33.76 24.99
C ALA A 98 0.35 34.85 25.49
N LEU A 99 -0.12 35.61 26.47
CA LEU A 99 0.62 36.75 26.99
C LEU A 99 1.15 36.45 28.39
N VAL A 100 2.19 37.19 28.77
CA VAL A 100 2.94 36.88 29.99
C VAL A 100 2.02 36.94 31.20
N SER A 101 1.43 38.11 31.47
CA SER A 101 0.71 38.32 32.71
C SER A 101 -0.71 37.75 32.67
N LYS A 102 -1.23 37.43 31.49
CA LYS A 102 -2.60 36.96 31.36
C LYS A 102 -2.72 35.45 31.25
N ASP A 103 -1.71 34.77 30.72
CA ASP A 103 -1.79 33.33 30.52
C ASP A 103 -0.61 32.61 31.13
N LEU A 104 0.57 33.25 31.12
CA LEU A 104 1.79 32.64 31.62
C LEU A 104 2.11 33.17 33.02
N ALA A 105 3.22 32.71 33.57
CA ALA A 105 3.67 33.21 34.86
C ALA A 105 3.92 34.70 34.78
N SER A 106 3.58 35.42 35.85
CA SER A 106 3.67 36.86 35.84
C SER A 106 5.12 37.31 35.67
N TYR A 107 5.29 38.50 35.12
CA TYR A 107 6.61 39.07 34.91
C TYR A 107 7.32 39.33 36.23
N ARG A 108 8.61 39.06 36.27
CA ARG A 108 9.43 39.36 37.43
C ARG A 108 10.87 39.47 36.98
N SER A 109 11.68 40.15 37.79
CA SER A 109 13.02 40.55 37.41
C SER A 109 14.04 40.05 38.42
N PHE A 110 15.27 39.83 37.94
CA PHE A 110 16.40 39.47 38.78
C PHE A 110 17.53 40.46 38.55
N SER A 111 18.36 40.65 39.57
CA SER A 111 19.45 41.62 39.51
C SER A 111 20.61 41.11 40.35
N GLN A 112 21.77 40.95 39.72
CA GLN A 112 22.98 40.53 40.41
C GLN A 112 24.18 40.99 39.59
N GLN A 113 25.35 40.97 40.22
CA GLN A 113 26.60 41.29 39.54
C GLN A 113 26.90 40.20 38.52
N LEU A 114 26.71 40.50 37.24
CA LEU A 114 26.91 39.51 36.18
C LEU A 114 28.38 39.51 35.79
N LYS A 115 29.16 38.70 36.49
CA LYS A 115 30.59 38.55 36.20
C LYS A 115 31.09 37.28 36.86
N ALA A 116 32.13 36.70 36.26
CA ALA A 116 32.72 35.49 36.79
C ALA A 116 33.24 35.70 38.21
N LEU A 158 46.14 33.59 17.97
CA LEU A 158 45.43 34.42 18.93
C LEU A 158 44.17 35.04 18.31
N HIS A 159 43.88 34.64 17.07
CA HIS A 159 42.70 35.15 16.38
C HIS A 159 41.43 34.69 17.10
N ARG A 160 40.43 35.57 17.11
CA ARG A 160 39.19 35.19 17.79
C ARG A 160 38.30 34.39 16.84
N PRO A 161 37.46 33.49 17.37
CA PRO A 161 36.61 32.67 16.50
C PRO A 161 35.54 33.52 15.81
N HIS A 162 34.98 32.94 14.75
CA HIS A 162 33.90 33.56 13.99
C HIS A 162 32.80 32.53 13.78
N PHE A 163 31.56 33.02 13.66
CA PHE A 163 30.44 32.14 13.39
C PHE A 163 30.45 31.70 11.93
N ASN A 164 31.17 30.61 11.64
CA ASN A 164 31.31 30.15 10.27
C ASN A 164 30.08 29.35 9.84
N GLN A 165 28.91 29.95 9.99
CA GLN A 165 27.66 29.28 9.69
C GLN A 165 26.53 30.30 9.74
N THR A 166 25.57 30.16 8.84
CA THR A 166 24.49 31.13 8.71
C THR A 166 23.14 30.42 8.75
N CYS A 167 22.13 31.12 9.25
CA CYS A 167 20.78 30.59 9.30
C CYS A 167 19.79 31.74 9.19
N ILE A 168 18.57 31.41 8.76
CA ILE A 168 17.51 32.39 8.56
C ILE A 168 16.64 32.38 9.81
N LEU A 169 16.81 33.39 10.65
CA LEU A 169 16.08 33.46 11.91
C LEU A 169 14.63 33.80 11.68
N PHE A 170 13.74 33.07 12.34
CA PHE A 170 12.31 33.35 12.32
C PHE A 170 11.77 33.40 10.89
N ASP A 171 11.84 32.27 10.22
CA ASP A 171 11.32 32.16 8.86
C ASP A 171 9.81 31.96 8.88
N GLY A 172 9.10 32.78 8.12
CA GLY A 172 7.66 32.64 8.02
C GLY A 172 6.93 32.85 9.32
N HIS A 173 7.51 33.60 10.25
CA HIS A 173 6.87 33.84 11.53
C HIS A 173 5.77 34.89 11.39
N ASP A 174 4.97 35.04 12.45
CA ASP A 174 3.83 35.94 12.43
C ASP A 174 4.16 37.30 13.03
N LEU A 175 4.76 37.33 14.21
CA LEU A 175 5.01 38.57 14.92
C LEU A 175 6.40 39.15 14.70
N LEU A 176 7.27 38.46 13.96
CA LEU A 176 8.68 38.82 13.89
C LEU A 176 9.15 38.90 12.45
N PHE A 177 10.17 39.73 12.23
CA PHE A 177 10.76 39.90 10.92
C PHE A 177 11.85 38.87 10.68
N SER A 178 11.82 38.24 9.50
CA SER A 178 12.85 37.28 9.14
C SER A 178 14.11 37.99 8.69
N THR A 179 15.25 37.52 9.17
CA THR A 179 16.54 38.11 8.84
C THR A 179 17.56 37.01 8.61
N VAL A 180 18.61 37.35 7.86
CA VAL A 180 19.70 36.44 7.56
C VAL A 180 20.96 36.97 8.23
N THR A 181 21.52 36.19 9.13
CA THR A 181 22.64 36.62 9.94
C THR A 181 23.57 35.43 10.18
N PRO A 182 24.85 35.69 10.46
CA PRO A 182 25.72 34.61 10.93
C PRO A 182 25.26 34.12 12.30
N CYS A 183 25.38 32.82 12.53
CA CYS A 183 24.79 32.21 13.70
C CYS A 183 25.46 30.88 13.97
N LEU A 184 25.22 30.36 15.17
CA LEU A 184 25.60 29.00 15.54
C LEU A 184 24.30 28.20 15.67
N HIS A 185 24.01 27.39 14.65
CA HIS A 185 22.75 26.69 14.54
C HIS A 185 22.99 25.21 14.79
N GLN A 186 22.22 24.63 15.72
CA GLN A 186 22.45 23.27 16.17
C GLN A 186 21.10 22.65 16.53
N GLY A 187 20.73 21.59 15.82
CA GLY A 187 19.41 20.98 15.96
C GLY A 187 19.49 19.60 16.57
N PHE A 188 18.54 19.30 17.47
CA PHE A 188 18.44 18.01 18.11
C PHE A 188 17.09 17.39 17.75
N TYR A 189 17.11 16.12 17.33
CA TYR A 189 15.92 15.41 16.88
C TYR A 189 15.73 14.18 17.75
N LEU A 190 14.67 14.16 18.54
CA LEU A 190 14.46 13.09 19.51
C LEU A 190 14.15 11.78 18.78
N MET A 191 13.97 10.72 19.58
CA MET A 191 13.57 9.43 19.03
C MET A 191 12.31 9.57 18.19
N ASP A 192 11.27 10.17 18.77
CA ASP A 192 10.03 10.38 18.05
C ASP A 192 10.24 11.40 16.93
N GLU A 193 9.69 11.12 15.76
CA GLU A 193 9.89 11.99 14.60
C GLU A 193 9.11 13.29 14.69
N LEU A 194 8.14 13.38 15.59
CA LEU A 194 7.29 14.57 15.70
C LEU A 194 7.82 15.61 16.67
N ARG A 195 8.98 15.38 17.29
CA ARG A 195 9.55 16.31 18.24
C ARG A 195 10.99 16.61 17.86
N TYR A 196 11.42 17.83 18.19
CA TYR A 196 12.82 18.21 18.01
C TYR A 196 13.03 19.57 18.64
N VAL A 197 14.23 19.77 19.17
CA VAL A 197 14.63 21.01 19.81
C VAL A 197 15.83 21.57 19.05
N LYS A 198 15.75 22.85 18.70
CA LYS A 198 16.81 23.52 17.93
C LYS A 198 17.33 24.69 18.73
N ILE A 199 18.66 24.79 18.80
CA ILE A 199 19.34 25.87 19.51
C ILE A 199 20.05 26.74 18.49
N THR A 200 19.78 28.04 18.54
CA THR A 200 20.43 29.02 17.69
C THR A 200 20.96 30.14 18.56
N LEU A 201 22.17 30.60 18.23
CA LEU A 201 22.84 31.64 19.00
C LEU A 201 23.35 32.72 18.05
N THR A 202 23.40 33.94 18.55
CA THR A 202 23.93 35.06 17.77
C THR A 202 24.91 35.86 18.61
N GLU A 203 25.32 37.03 18.11
CA GLU A 203 26.32 37.82 18.80
C GLU A 203 25.84 38.28 20.16
N ASP A 204 24.59 38.74 20.25
CA ASP A 204 24.07 39.35 21.48
C ASP A 204 22.87 38.63 22.07
N PHE A 205 22.25 37.71 21.36
CA PHE A 205 21.10 36.99 21.88
C PHE A 205 21.04 35.62 21.21
N PHE A 206 20.31 34.71 21.84
CA PHE A 206 20.14 33.36 21.32
C PHE A 206 18.67 32.98 21.35
N VAL A 207 18.36 31.91 20.62
CA VAL A 207 16.99 31.45 20.42
C VAL A 207 16.92 29.97 20.73
N VAL A 208 15.82 29.56 21.37
CA VAL A 208 15.55 28.16 21.65
C VAL A 208 14.20 27.82 21.02
N THR A 209 14.21 26.88 20.09
CA THR A 209 13.00 26.49 19.36
C THR A 209 12.60 25.10 19.81
N VAL A 210 11.36 24.96 20.28
CA VAL A 210 10.80 23.69 20.70
C VAL A 210 9.62 23.40 19.79
N SER A 211 9.67 22.28 19.08
CA SER A 211 8.67 21.92 18.10
C SER A 211 8.01 20.61 18.48
N ILE A 212 6.70 20.55 18.31
CA ILE A 212 5.91 19.35 18.58
C ILE A 212 4.92 19.17 17.45
N ASP A 213 4.83 17.94 16.93
CA ASP A 213 3.80 17.57 15.95
C ASP A 213 4.01 18.26 14.61
N ASP A 214 5.01 19.14 14.50
CA ASP A 214 5.32 19.97 13.34
C ASP A 214 4.47 21.23 13.26
N ASP A 215 3.70 21.54 14.30
CA ASP A 215 2.96 22.78 14.32
C ASP A 215 3.91 23.96 14.55
N THR A 216 3.34 25.15 14.69
CA THR A 216 4.16 26.32 14.97
C THR A 216 4.87 26.14 16.31
N PRO A 217 6.18 26.34 16.38
CA PRO A 217 6.92 26.01 17.60
C PRO A 217 6.97 27.16 18.60
N MET A 218 7.10 26.77 19.87
CA MET A 218 7.37 27.73 20.93
C MET A 218 8.77 28.28 20.77
N LEU A 219 8.97 29.51 21.25
CA LEU A 219 10.24 30.20 21.12
C LEU A 219 10.62 30.85 22.44
N LEU A 220 11.86 30.61 22.87
CA LEU A 220 12.45 31.33 24.00
C LEU A 220 13.63 32.14 23.47
N ILE A 221 13.62 33.43 23.73
CA ILE A 221 14.64 34.35 23.24
C ILE A 221 15.24 35.07 24.44
N PHE A 222 16.57 35.09 24.50
CA PHE A 222 17.27 35.67 25.63
C PHE A 222 18.46 36.48 25.11
N GLY A 223 18.74 37.59 25.79
CA GLY A 223 19.84 38.45 25.41
C GLY A 223 19.40 39.88 25.19
N HIS A 224 20.19 40.65 24.43
CA HIS A 224 19.80 42.00 24.06
C HIS A 224 18.92 41.95 22.83
N LEU A 225 17.71 42.50 22.95
CA LEU A 225 16.77 42.41 21.83
C LEU A 225 16.80 43.69 21.01
N PRO A 226 16.68 43.60 19.69
CA PRO A 226 16.69 44.82 18.88
C PRO A 226 15.41 45.62 19.05
N ARG A 227 15.48 46.88 18.65
CA ARG A 227 14.38 47.80 18.87
C ARG A 227 13.15 47.43 18.04
N VAL A 228 13.34 46.90 16.84
CA VAL A 228 12.26 46.79 15.86
C VAL A 228 12.05 45.34 15.46
N LEU A 229 12.22 44.42 16.41
CA LEU A 229 12.09 43.00 16.09
C LEU A 229 10.70 42.65 15.59
N PHE A 230 9.66 43.20 16.22
CA PHE A 230 8.29 42.81 15.91
C PHE A 230 7.86 43.31 14.54
N LYS A 231 6.95 42.57 13.90
CA LYS A 231 6.45 42.91 12.58
C LYS A 231 5.33 43.93 12.59
N ALA A 232 4.71 44.17 13.75
CA ALA A 232 3.67 45.16 13.88
C ALA A 232 3.84 45.86 15.22
N PRO A 233 3.32 47.07 15.37
CA PRO A 233 3.53 47.80 16.63
C PRO A 233 2.76 47.19 17.79
N TYR A 234 3.18 46.01 18.21
CA TYR A 234 2.57 45.34 19.34
C TYR A 234 3.15 45.86 20.65
N GLN A 235 2.49 45.53 21.76
CA GLN A 235 2.97 45.87 23.09
C GLN A 235 3.84 44.72 23.58
N ARG A 236 5.15 44.83 23.34
CA ARG A 236 6.05 43.73 23.65
C ARG A 236 6.10 43.40 25.13
N ASP A 237 5.78 44.36 26.01
CA ASP A 237 5.81 44.11 27.44
C ASP A 237 4.87 43.00 27.87
N ASN A 238 3.99 42.53 26.98
CA ASN A 238 3.15 41.39 27.25
C ASN A 238 3.80 40.06 26.88
N PHE A 239 5.05 40.09 26.40
CA PHE A 239 5.73 38.88 25.94
C PHE A 239 7.02 38.57 26.67
N ILE A 240 7.64 39.54 27.34
CA ILE A 240 8.86 39.28 28.08
C ILE A 240 8.49 38.59 29.39
N LEU A 241 8.96 37.36 29.57
CA LEU A 241 8.59 36.57 30.73
C LEU A 241 9.48 36.84 31.94
N ARG A 242 10.79 36.98 31.72
CA ARG A 242 11.73 37.24 32.80
C ARG A 242 12.77 38.23 32.32
N GLN A 243 13.17 39.12 33.23
CA GLN A 243 14.15 40.15 32.94
C GLN A 243 15.31 40.04 33.92
N THR A 244 16.51 40.35 33.43
CA THR A 244 17.72 40.27 34.23
C THR A 244 18.45 41.61 34.19
N GLU A 245 19.59 41.66 34.86
CA GLU A 245 20.34 42.90 34.97
C GLU A 245 20.79 43.41 33.60
N LYS A 246 21.02 42.51 32.64
CA LYS A 246 21.56 42.89 31.36
C LYS A 246 20.84 42.28 30.16
N HIS A 247 19.85 41.42 30.39
CA HIS A 247 19.19 40.74 29.29
C HIS A 247 17.74 40.47 29.68
N GLU A 248 16.94 40.15 28.66
CA GLU A 248 15.51 39.90 28.84
C GLU A 248 15.14 38.58 28.19
N LEU A 249 14.12 37.93 28.75
CA LEU A 249 13.62 36.67 28.23
C LEU A 249 12.27 36.92 27.56
N LEU A 250 12.18 36.56 26.28
CA LEU A 250 10.99 36.80 25.47
C LEU A 250 10.41 35.47 25.02
N VAL A 251 9.11 35.29 25.23
CA VAL A 251 8.46 34.00 25.00
C VAL A 251 7.28 34.19 24.06
N LEU A 252 7.23 33.38 23.01
CA LEU A 252 6.10 33.35 22.08
C LEU A 252 5.57 31.92 22.00
N VAL A 253 4.25 31.77 22.07
CA VAL A 253 3.64 30.45 21.98
C VAL A 253 2.16 30.64 21.65
N LYS A 254 1.66 29.79 20.77
CA LYS A 254 0.24 29.83 20.41
C LYS A 254 -0.61 29.45 21.61
N LYS A 255 -1.75 30.13 21.76
CA LYS A 255 -2.58 29.89 22.94
C LYS A 255 -3.06 28.45 23.02
N THR A 256 -3.18 27.77 21.87
CA THR A 256 -3.63 26.39 21.89
C THR A 256 -2.55 25.43 22.43
N GLN A 257 -1.30 25.87 22.47
CA GLN A 257 -0.21 24.99 22.88
C GLN A 257 -0.03 24.90 24.39
N LEU A 258 -0.72 25.72 25.17
CA LEU A 258 -0.55 25.67 26.62
C LEU A 258 -1.07 24.37 27.23
N ASN A 259 -1.83 23.57 26.47
CA ASN A 259 -2.22 22.27 26.97
C ASN A 259 -1.05 21.30 27.07
N ARG A 260 0.09 21.64 26.47
CA ARG A 260 1.30 20.82 26.54
C ARG A 260 2.42 21.49 27.31
N HIS A 261 2.80 22.71 26.93
CA HIS A 261 3.89 23.41 27.60
C HIS A 261 3.39 24.10 28.86
N SER A 262 2.72 23.35 29.74
CA SER A 262 2.13 23.95 30.92
C SER A 262 3.17 24.47 31.91
N TYR A 263 4.42 24.01 31.81
CA TYR A 263 5.42 24.44 32.76
C TYR A 263 5.64 25.94 32.74
N LEU A 264 5.27 26.62 31.66
CA LEU A 264 5.38 28.07 31.63
C LEU A 264 4.57 28.72 32.74
N LYS A 265 3.40 28.14 33.06
CA LYS A 265 2.52 28.70 34.08
C LYS A 265 3.14 28.65 35.47
N ASP A 266 4.15 27.83 35.70
CA ASP A 266 4.76 27.68 37.01
C ASP A 266 5.78 28.80 37.23
N SER A 267 5.66 29.48 38.37
CA SER A 267 6.55 30.58 38.68
C SER A 267 7.99 30.13 38.92
N ASP A 268 8.20 28.84 39.17
CA ASP A 268 9.54 28.33 39.43
C ASP A 268 10.35 28.10 38.17
N PHE A 269 9.73 28.20 36.99
CA PHE A 269 10.41 27.91 35.74
C PHE A 269 11.70 28.71 35.60
N LEU A 270 12.82 28.00 35.52
CA LEU A 270 14.15 28.57 35.30
C LEU A 270 14.61 29.45 36.45
N ASP A 271 13.93 29.39 37.61
CA ASP A 271 14.38 30.19 38.74
C ASP A 271 15.79 29.79 39.18
N ALA A 272 16.16 28.53 38.97
CA ALA A 272 17.48 28.05 39.38
C ALA A 272 18.57 28.36 38.36
N ALA A 273 18.21 28.77 37.14
CA ALA A 273 19.18 29.01 36.10
C ALA A 273 19.46 30.48 35.84
N LEU A 274 18.63 31.38 36.36
CA LEU A 274 18.79 32.81 36.13
C LEU A 274 19.11 33.59 37.41
N ASP A 275 18.53 33.20 38.54
CA ASP A 275 18.55 34.01 39.75
C ASP A 275 19.89 33.89 40.48
N PHE A 276 20.97 34.16 39.74
CA PHE A 276 22.30 34.31 40.32
C PHE A 276 23.23 34.79 39.21
N ASN A 277 24.51 34.92 39.53
CA ASN A 277 25.50 35.46 38.59
C ASN A 277 25.80 34.39 37.54
N TYR A 278 24.92 34.31 36.55
CA TYR A 278 25.01 33.24 35.57
C TYR A 278 26.21 33.37 34.64
N LEU A 279 26.91 34.51 34.64
CA LEU A 279 28.15 34.60 33.88
C LEU A 279 29.29 33.84 34.54
N ASP A 280 29.11 33.39 35.79
CA ASP A 280 30.10 32.56 36.47
C ASP A 280 29.92 31.11 35.99
N LEU A 281 30.59 30.80 34.88
CA LEU A 281 30.41 29.49 34.26
C LEU A 281 30.74 28.37 35.24
N SER A 282 31.85 28.52 35.98
CA SER A 282 32.24 27.49 36.94
C SER A 282 31.10 27.18 37.89
N ALA A 283 30.47 28.22 38.45
CA ALA A 283 29.31 28.02 39.30
C ALA A 283 28.06 27.69 38.49
N LEU A 284 27.97 28.22 37.25
CA LEU A 284 26.77 28.00 36.46
C LEU A 284 26.54 26.53 36.20
N LEU A 285 27.55 25.83 35.68
CA LEU A 285 27.38 24.41 35.37
C LEU A 285 27.05 23.61 36.62
N ARG A 286 27.72 23.92 37.73
CA ARG A 286 27.48 23.20 38.97
C ARG A 286 26.05 23.40 39.47
N ASN A 287 25.54 24.62 39.37
CA ASN A 287 24.28 24.97 40.01
C ASN A 287 23.06 24.72 39.15
N SER A 288 23.16 24.89 37.83
CA SER A 288 22.00 24.87 36.96
C SER A 288 21.95 23.67 36.03
N PHE A 289 22.97 23.46 35.21
CA PHE A 289 22.88 22.40 34.20
C PHE A 289 22.97 21.02 34.85
N HIS A 290 24.10 20.72 35.50
CA HIS A 290 24.26 19.41 36.10
C HIS A 290 23.15 19.10 37.08
N ARG A 291 22.58 20.14 37.71
CA ARG A 291 21.45 19.91 38.60
C ARG A 291 20.27 19.29 37.86
N TYR A 292 19.98 19.79 36.66
CA TYR A 292 18.93 19.18 35.85
C TYR A 292 19.36 17.84 35.30
N ALA A 293 20.65 17.71 34.96
CA ALA A 293 21.14 16.48 34.35
C ALA A 293 21.00 15.30 35.29
N VAL A 294 21.38 15.50 36.55
CA VAL A 294 21.30 14.40 37.52
C VAL A 294 19.86 13.95 37.67
N ASP A 295 18.94 14.91 37.83
CA ASP A 295 17.54 14.56 38.02
C ASP A 295 16.98 13.85 36.80
N VAL A 296 17.28 14.36 35.59
CA VAL A 296 16.75 13.74 34.39
C VAL A 296 17.29 12.32 34.23
N LEU A 297 18.59 12.14 34.47
CA LEU A 297 19.18 10.82 34.33
C LEU A 297 18.58 9.86 35.34
N LYS A 298 18.39 10.30 36.58
CA LYS A 298 17.83 9.42 37.61
C LYS A 298 16.40 9.04 37.28
N SER A 299 15.56 10.02 36.95
CA SER A 299 14.15 9.74 36.68
C SER A 299 13.94 9.09 35.33
N GLY A 300 14.97 9.00 34.49
CA GLY A 300 14.82 8.37 33.19
C GLY A 300 13.86 9.09 32.26
N ARG A 301 13.91 10.42 32.25
CA ARG A 301 13.08 11.22 31.37
C ARG A 301 13.75 11.54 30.05
N CYS A 302 14.94 10.99 29.79
CA CYS A 302 15.64 11.26 28.56
C CYS A 302 14.82 10.80 27.36
N GLN A 303 15.10 11.40 26.21
CA GLN A 303 14.42 11.14 24.94
C GLN A 303 12.96 11.55 24.96
N MET A 304 12.50 12.21 26.03
CA MET A 304 11.12 12.66 26.13
C MET A 304 11.13 14.16 26.39
N LEU A 305 10.31 14.89 25.65
CA LEU A 305 10.26 16.34 25.74
C LEU A 305 9.36 16.72 26.91
N ASP A 306 9.98 17.04 28.05
CA ASP A 306 9.25 17.42 29.25
C ASP A 306 9.87 18.68 29.84
N ARG A 307 9.34 19.11 30.98
CA ARG A 307 9.80 20.35 31.59
C ARG A 307 11.30 20.30 31.87
N ARG A 308 11.77 19.21 32.45
CA ARG A 308 13.17 19.13 32.83
C ARG A 308 14.07 19.16 31.61
N THR A 309 13.68 18.49 30.53
CA THR A 309 14.50 18.49 29.32
C THR A 309 14.57 19.89 28.71
N VAL A 310 13.46 20.62 28.67
CA VAL A 310 13.47 21.97 28.13
C VAL A 310 14.32 22.88 29.00
N GLU A 311 14.20 22.75 30.33
CA GLU A 311 15.06 23.53 31.21
C GLU A 311 16.52 23.20 30.97
N MET A 312 16.84 21.93 30.76
CA MET A 312 18.20 21.53 30.44
C MET A 312 18.69 22.21 29.18
N ALA A 313 17.87 22.19 28.12
CA ALA A 313 18.29 22.77 26.85
C ALA A 313 18.52 24.27 27.01
N PHE A 314 17.63 24.95 27.72
CA PHE A 314 17.81 26.38 27.93
C PHE A 314 19.08 26.65 28.73
N ALA A 315 19.34 25.83 29.76
CA ALA A 315 20.55 26.02 30.55
C ALA A 315 21.79 25.81 29.70
N TYR A 316 21.77 24.82 28.81
CA TYR A 316 22.90 24.57 27.93
C TYR A 316 23.14 25.77 27.01
N ALA A 317 22.06 26.29 26.43
CA ALA A 317 22.21 27.47 25.57
C ALA A 317 22.75 28.65 26.35
N LEU A 318 22.26 28.84 27.58
CA LEU A 318 22.76 29.94 28.41
C LEU A 318 24.24 29.76 28.72
N ALA A 319 24.66 28.52 29.01
CA ALA A 319 26.07 28.27 29.28
C ALA A 319 26.91 28.61 28.06
N LEU A 320 26.47 28.19 26.87
CA LEU A 320 27.20 28.55 25.67
C LEU A 320 27.28 30.06 25.51
N PHE A 321 26.17 30.76 25.76
CA PHE A 321 26.18 32.22 25.65
C PHE A 321 27.19 32.83 26.63
N ALA A 322 27.26 32.30 27.84
CA ALA A 322 28.19 32.84 28.82
C ALA A 322 29.63 32.68 28.36
N ALA A 323 29.95 31.53 27.76
CA ALA A 323 31.33 31.28 27.34
C ALA A 323 31.80 32.34 26.35
N ALA A 324 30.95 32.68 25.38
CA ALA A 324 31.32 33.73 24.42
C ALA A 324 31.54 35.07 25.10
N ARG A 325 30.95 35.29 26.28
CA ARG A 325 31.09 36.55 26.98
C ARG A 325 32.34 36.61 27.86
N GLN A 326 33.11 35.53 27.94
CA GLN A 326 34.24 35.45 28.86
C GLN A 326 35.51 36.00 28.20
N GLU A 327 35.52 37.33 28.05
CA GLU A 327 36.72 38.08 27.70
C GLU A 327 37.34 37.56 26.39
N GLU A 328 36.59 37.74 25.31
CA GLU A 328 37.11 37.45 23.98
C GLU A 328 38.20 38.44 23.56
N ALA A 329 38.39 39.52 24.32
CA ALA A 329 39.41 40.50 23.96
C ALA A 329 40.79 39.86 23.87
N GLY A 330 41.03 38.77 24.61
CA GLY A 330 42.28 38.05 24.52
C GLY A 330 43.21 38.26 25.70
N THR A 331 42.64 38.30 26.91
CA THR A 331 43.45 38.35 28.11
C THR A 331 44.21 37.04 28.29
N GLU A 332 45.37 37.13 28.93
CA GLU A 332 46.18 35.94 29.17
C GLU A 332 45.43 34.98 30.09
N ILE A 333 45.57 33.67 29.81
CA ILE A 333 44.84 32.64 30.51
C ILE A 333 45.80 31.53 30.92
N SER A 334 45.64 31.05 32.15
CA SER A 334 46.35 29.84 32.58
C SER A 334 45.76 28.65 31.83
N ILE A 335 46.61 27.94 31.09
CA ILE A 335 46.11 26.92 30.16
C ILE A 335 45.30 25.85 30.89
N PRO A 336 45.71 25.34 32.05
CA PRO A 336 44.88 24.32 32.71
C PRO A 336 43.46 24.77 32.97
N ARG A 337 43.27 26.03 33.36
CA ARG A 337 41.91 26.52 33.60
C ARG A 337 41.09 26.51 32.32
N ALA A 338 41.68 26.95 31.21
CA ALA A 338 40.98 26.91 29.94
C ALA A 338 40.65 25.47 29.55
N LEU A 339 41.58 24.55 29.80
CA LEU A 339 41.33 23.14 29.51
C LEU A 339 40.13 22.64 30.30
N ASP A 340 40.08 22.96 31.59
CA ASP A 340 38.96 22.53 32.42
C ASP A 340 37.64 23.10 31.90
N ARG A 341 37.64 24.40 31.59
CA ARG A 341 36.41 25.04 31.11
C ARG A 341 35.92 24.39 29.81
N GLN A 342 36.83 24.24 28.84
CA GLN A 342 36.44 23.65 27.57
C GLN A 342 35.99 22.20 27.75
N ALA A 343 36.67 21.45 28.62
CA ALA A 343 36.27 20.07 28.86
C ALA A 343 34.86 20.01 29.43
N ALA A 344 34.54 20.91 30.36
CA ALA A 344 33.18 20.95 30.90
C ALA A 344 32.17 21.24 29.80
N LEU A 345 32.47 22.22 28.95
CA LEU A 345 31.52 22.55 27.89
C LEU A 345 31.33 21.38 26.93
N LEU A 346 32.41 20.70 26.56
CA LEU A 346 32.29 19.56 25.66
C LEU A 346 31.53 18.42 26.32
N GLN A 347 31.75 18.19 27.61
CA GLN A 347 30.97 17.18 28.31
C GLN A 347 29.49 17.51 28.26
N ILE A 348 29.15 18.78 28.47
CA ILE A 348 27.76 19.20 28.40
C ILE A 348 27.18 18.89 27.02
N GLN A 349 27.91 19.29 25.98
CA GLN A 349 27.41 19.07 24.62
C GLN A 349 27.23 17.59 24.34
N GLU A 350 28.20 16.77 24.75
CA GLU A 350 28.09 15.33 24.49
C GLU A 350 26.91 14.73 25.22
N PHE A 351 26.71 15.13 26.49
CA PHE A 351 25.57 14.61 27.23
C PHE A 351 24.27 14.98 26.54
N MET A 352 24.15 16.22 26.07
CA MET A 352 22.92 16.61 25.40
C MET A 352 22.75 15.83 24.09
N ILE A 353 23.84 15.61 23.36
CA ILE A 353 23.75 14.85 22.12
C ILE A 353 23.21 13.45 22.40
N THR A 354 23.73 12.81 23.45
CA THR A 354 23.29 11.44 23.73
C THR A 354 21.90 11.38 24.34
N CYS A 355 21.50 12.44 25.05
CA CYS A 355 20.23 12.43 25.77
C CYS A 355 19.05 12.92 24.94
N LEU A 356 19.29 13.72 23.89
CA LEU A 356 18.19 14.40 23.22
C LEU A 356 18.33 14.40 21.70
N SER A 357 19.15 13.52 21.13
CA SER A 357 19.38 13.55 19.69
C SER A 357 19.72 12.16 19.20
N GLN A 358 19.69 12.00 17.88
CA GLN A 358 20.00 10.72 17.25
C GLN A 358 21.46 10.65 16.80
N THR A 359 21.98 11.71 16.21
CA THR A 359 23.38 11.77 15.81
C THR A 359 23.94 13.15 16.15
N PRO A 360 25.23 13.25 16.41
CA PRO A 360 25.78 14.53 16.83
C PRO A 360 25.63 15.56 15.72
N PRO A 361 25.40 16.83 16.08
CA PRO A 361 25.36 17.87 15.05
C PRO A 361 26.73 18.08 14.43
N ARG A 362 26.75 18.22 13.10
CA ARG A 362 28.01 18.38 12.39
C ARG A 362 28.64 19.75 12.60
N THR A 363 27.92 20.70 13.21
CA THR A 363 28.42 22.07 13.26
C THR A 363 29.77 22.14 13.99
N THR A 364 29.83 21.59 15.19
CA THR A 364 31.07 21.61 15.99
C THR A 364 31.66 23.03 15.92
N LEU A 365 32.99 23.15 16.03
CA LEU A 365 33.67 24.43 15.97
C LEU A 365 33.04 25.45 16.92
N LEU A 366 32.82 25.03 18.16
CA LEU A 366 32.36 25.96 19.17
C LEU A 366 33.44 26.99 19.46
N LEU A 367 33.03 28.26 19.55
CA LEU A 367 33.97 29.32 19.86
C LEU A 367 34.44 29.20 21.31
N TYR A 368 35.75 29.34 21.51
CA TYR A 368 36.39 29.15 22.81
C TYR A 368 37.32 30.31 23.09
N PRO A 369 37.69 30.52 24.36
CA PRO A 369 38.65 31.58 24.67
C PRO A 369 39.93 31.48 23.87
N THR A 370 40.42 30.26 23.65
CA THR A 370 41.62 30.03 22.87
C THR A 370 41.31 29.03 21.76
N ALA A 371 41.71 29.36 20.54
CA ALA A 371 41.54 28.43 19.44
C ALA A 371 42.32 27.16 19.70
N VAL A 372 41.75 26.03 19.31
CA VAL A 372 42.35 24.73 19.64
C VAL A 372 43.76 24.63 19.07
N ASP A 373 43.97 25.16 17.86
CA ASP A 373 45.30 25.14 17.27
C ASP A 373 46.28 25.91 18.13
N LEU A 374 45.87 27.08 18.62
CA LEU A 374 46.75 27.87 19.49
C LEU A 374 47.10 27.11 20.76
N ALA A 375 46.11 26.47 21.38
CA ALA A 375 46.39 25.69 22.57
C ALA A 375 47.38 24.58 22.27
N LYS A 376 47.15 23.84 21.19
CA LYS A 376 48.04 22.76 20.81
C LYS A 376 49.47 23.26 20.67
N ARG A 377 49.66 24.32 19.88
CA ARG A 377 51.03 24.76 19.60
C ARG A 377 51.68 25.37 20.83
N ALA A 378 50.94 26.16 21.60
CA ALA A 378 51.50 26.77 22.80
C ALA A 378 51.84 25.72 23.85
N LEU A 379 51.19 24.56 23.81
CA LEU A 379 51.41 23.56 24.84
C LEU A 379 52.44 22.51 24.45
N TRP A 380 52.58 22.20 23.16
CA TRP A 380 53.55 21.22 22.72
C TRP A 380 54.85 21.83 22.24
N THR A 381 55.00 23.14 22.35
CA THR A 381 56.28 23.79 22.08
C THR A 381 57.20 23.61 23.28
N PRO A 382 56.73 23.93 24.49
CA PRO A 382 57.55 23.66 25.68
C PRO A 382 57.31 22.32 26.35
N ASP A 383 56.34 21.54 25.87
CA ASP A 383 55.93 20.30 26.53
C ASP A 383 55.51 20.58 27.98
N GLN A 384 54.69 21.62 28.14
CA GLN A 384 54.24 22.07 29.45
C GLN A 384 53.27 21.08 30.11
N ILE A 385 52.71 20.14 29.37
CA ILE A 385 51.69 19.23 29.92
C ILE A 385 52.46 18.06 30.55
N THR A 386 52.84 18.26 31.81
CA THR A 386 53.42 17.18 32.59
C THR A 386 52.35 16.36 33.31
N ASP A 387 51.15 16.91 33.49
CA ASP A 387 50.08 16.20 34.16
C ASP A 387 49.32 15.35 33.15
N ILE A 388 49.13 14.07 33.48
CA ILE A 388 48.43 13.17 32.58
C ILE A 388 46.99 13.60 32.40
N THR A 389 46.35 14.07 33.48
CA THR A 389 44.96 14.50 33.39
C THR A 389 44.81 15.67 32.42
N SER A 390 45.72 16.64 32.49
CA SER A 390 45.68 17.73 31.53
C SER A 390 45.85 17.22 30.10
N LEU A 391 46.72 16.22 29.91
CA LEU A 391 46.91 15.67 28.58
C LEU A 391 45.64 15.04 28.04
N VAL A 392 44.95 14.24 28.86
CA VAL A 392 43.72 13.62 28.39
C VAL A 392 42.67 14.67 28.10
N ARG A 393 42.59 15.70 28.93
CA ARG A 393 41.65 16.78 28.66
C ARG A 393 41.96 17.46 27.33
N LEU A 394 43.24 17.72 27.07
CA LEU A 394 43.62 18.37 25.81
C LEU A 394 43.27 17.49 24.62
N VAL A 395 43.52 16.19 24.71
CA VAL A 395 43.20 15.30 23.61
C VAL A 395 41.70 15.25 23.39
N TYR A 396 40.92 15.26 24.47
CA TYR A 396 39.47 15.31 24.34
C TYR A 396 39.03 16.57 23.61
N ILE A 397 39.61 17.71 23.99
CA ILE A 397 39.25 18.97 23.34
C ILE A 397 39.57 18.89 21.86
N LEU A 398 40.76 18.41 21.51
CA LEU A 398 41.13 18.34 20.09
C LEU A 398 40.22 17.40 19.33
N SER A 399 39.89 16.24 19.90
CA SER A 399 39.10 15.25 19.18
C SER A 399 37.67 15.75 18.96
N LYS A 400 37.06 16.33 19.99
CA LYS A 400 35.68 16.78 19.84
C LYS A 400 35.58 17.97 18.90
N GLN A 401 36.60 18.82 18.87
CA GLN A 401 36.58 19.97 17.97
C GLN A 401 36.81 19.60 16.52
N ASN A 402 36.87 18.32 16.17
CA ASN A 402 36.93 17.90 14.78
C ASN A 402 38.25 18.29 14.13
N GLN A 403 39.35 18.10 14.86
CA GLN A 403 40.70 18.39 14.39
C GLN A 403 41.61 17.20 14.62
N GLN A 404 41.14 16.03 14.21
CA GLN A 404 41.84 14.78 14.54
C GLN A 404 43.29 14.81 14.09
N HIS A 405 43.56 15.37 12.92
CA HIS A 405 44.90 15.30 12.35
C HIS A 405 45.98 15.90 13.23
N LEU A 406 45.61 16.64 14.29
CA LEU A 406 46.59 17.27 15.15
C LEU A 406 47.10 16.35 16.26
N ILE A 407 46.46 15.20 16.47
CA ILE A 407 46.78 14.35 17.61
C ILE A 407 47.99 13.47 17.29
N PRO A 408 49.09 13.58 18.04
CA PRO A 408 50.23 12.69 17.81
C PRO A 408 50.05 11.33 18.47
N GLN A 409 50.90 10.39 18.05
CA GLN A 409 50.77 9.01 18.52
C GLN A 409 51.28 8.85 19.94
N TRP A 410 52.38 9.52 20.29
CA TRP A 410 52.99 9.31 21.59
C TRP A 410 52.06 9.74 22.72
N ALA A 411 51.31 10.82 22.53
CA ALA A 411 50.35 11.23 23.55
C ALA A 411 49.31 10.15 23.78
N LEU A 412 48.81 9.55 22.71
CA LEU A 412 47.83 8.49 22.86
C LEU A 412 48.44 7.25 23.52
N ARG A 413 49.72 6.99 23.23
CA ARG A 413 50.41 5.91 23.92
C ARG A 413 50.47 6.15 25.42
N GLN A 414 50.77 7.40 25.81
CA GLN A 414 50.80 7.73 27.24
C GLN A 414 49.41 7.62 27.86
N ILE A 415 48.38 8.02 27.12
CA ILE A 415 47.01 7.86 27.62
C ILE A 415 46.70 6.39 27.85
N ALA A 416 47.10 5.53 26.91
CA ALA A 416 46.87 4.10 27.09
C ALA A 416 47.63 3.57 28.29
N ASP A 417 48.85 4.06 28.51
CA ASP A 417 49.61 3.64 29.69
C ASP A 417 48.88 4.04 30.97
N PHE A 418 48.33 5.25 31.00
CA PHE A 418 47.55 5.67 32.17
C PHE A 418 46.32 4.79 32.35
N ALA A 419 45.68 4.42 31.25
CA ALA A 419 44.53 3.52 31.34
C ALA A 419 44.93 2.19 31.95
N LEU A 420 46.07 1.65 31.53
CA LEU A 420 46.56 0.40 32.12
C LEU A 420 46.86 0.57 33.60
N GLN A 421 47.44 1.72 33.97
CA GLN A 421 47.66 2.00 35.38
C GLN A 421 46.36 1.90 36.16
N LEU A 422 45.31 2.56 35.66
CA LEU A 422 44.02 2.50 36.33
C LEU A 422 43.50 1.07 36.38
N HIS A 423 43.64 0.33 35.29
CA HIS A 423 43.17 -1.05 35.27
C HIS A 423 43.84 -1.88 36.36
N LYS A 424 45.15 -1.73 36.51
CA LYS A 424 45.84 -2.42 37.58
C LYS A 424 45.35 -1.96 38.95
N THR A 425 45.13 -0.66 39.12
CA THR A 425 44.78 -0.13 40.43
C THR A 425 43.46 -0.70 40.93
N HIS A 426 42.38 -0.47 40.18
CA HIS A 426 41.04 -0.83 40.61
C HIS A 426 40.56 -2.16 40.04
N LEU A 427 41.47 -3.12 39.87
CA LEU A 427 41.11 -4.40 39.30
C LEU A 427 40.05 -5.09 40.17
N ALA A 428 38.99 -5.57 39.51
CA ALA A 428 37.97 -6.37 40.17
C ALA A 428 37.42 -5.68 41.41
N SER A 429 37.13 -4.39 41.29
CA SER A 429 36.55 -3.62 42.38
C SER A 429 35.87 -2.40 41.80
N PHE A 430 35.03 -1.78 42.62
CA PHE A 430 34.30 -0.59 42.18
C PHE A 430 35.25 0.59 42.03
N LEU A 431 35.00 1.40 41.01
CA LEU A 431 35.88 2.51 40.67
C LEU A 431 35.71 3.66 41.66
N SER A 432 36.82 4.20 42.15
CA SER A 432 36.77 5.38 42.98
C SER A 432 36.34 6.60 42.17
N ALA A 433 35.75 7.57 42.86
CA ALA A 433 35.18 8.73 42.18
C ALA A 433 36.18 9.35 41.21
N PHE A 434 37.43 9.51 41.66
CA PHE A 434 38.45 10.06 40.77
C PHE A 434 38.61 9.20 39.53
N ALA A 435 38.66 7.88 39.72
CA ALA A 435 38.81 6.98 38.59
C ALA A 435 37.63 7.10 37.64
N ARG A 436 36.41 7.14 38.17
CA ARG A 436 35.24 7.30 37.31
C ARG A 436 35.33 8.59 36.50
N GLN A 437 35.63 9.70 37.17
CA GLN A 437 35.67 10.99 36.50
C GLN A 437 36.72 10.98 35.39
N GLU A 438 37.91 10.48 35.68
CA GLU A 438 38.97 10.48 34.67
C GLU A 438 38.62 9.55 33.53
N LEU A 439 38.24 8.31 33.83
CA LEU A 439 37.98 7.34 32.77
C LEU A 439 36.76 7.70 31.93
N TYR A 440 35.88 8.58 32.43
CA TYR A 440 34.78 9.01 31.59
C TYR A 440 35.30 9.67 30.32
N LEU A 441 36.28 10.57 30.46
CA LEU A 441 36.84 11.24 29.29
C LEU A 441 37.48 10.24 28.35
N MET A 442 38.25 9.30 28.87
CA MET A 442 38.91 8.33 28.01
C MET A 442 37.90 7.47 27.27
N GLY A 443 36.84 7.04 27.96
CA GLY A 443 35.82 6.25 27.30
C GLY A 443 35.09 7.03 26.22
N SER A 444 34.84 8.32 26.47
CA SER A 444 34.19 9.14 25.46
C SER A 444 35.15 9.53 24.33
N LEU A 445 36.45 9.36 24.52
CA LEU A 445 37.42 9.80 23.54
C LEU A 445 37.58 8.80 22.40
N VAL A 446 37.93 7.56 22.72
CA VAL A 446 38.31 6.57 21.72
C VAL A 446 37.21 6.38 20.70
N HIS A 447 35.98 6.71 21.06
CA HIS A 447 34.86 6.55 20.14
C HIS A 447 34.70 7.71 19.17
N SER A 448 35.53 8.76 19.29
CA SER A 448 35.42 9.95 18.45
C SER A 448 36.71 10.19 17.66
N MET A 449 37.27 9.13 17.10
CA MET A 449 38.49 9.24 16.31
C MET A 449 38.56 8.07 15.33
N LEU A 450 39.44 8.21 14.34
CA LEU A 450 39.76 7.12 13.44
C LEU A 450 41.24 6.87 13.29
N VAL A 451 42.08 7.72 13.85
CA VAL A 451 43.53 7.56 13.78
C VAL A 451 44.00 6.77 14.99
N HIS A 452 45.07 6.01 14.83
CA HIS A 452 45.64 5.20 15.90
C HIS A 452 44.61 4.20 16.43
N THR A 453 44.19 3.29 15.55
CA THR A 453 43.23 2.28 15.95
C THR A 453 43.80 1.33 17.00
N THR A 454 45.11 1.12 16.98
CA THR A 454 45.72 0.20 17.94
C THR A 454 45.54 0.68 19.37
N GLU A 455 45.92 1.93 19.64
CA GLU A 455 45.81 2.46 20.99
C GLU A 455 44.34 2.62 21.40
N ARG A 456 43.48 2.99 20.45
CA ARG A 456 42.07 3.07 20.77
C ARG A 456 41.51 1.71 21.17
N ARG A 457 41.93 0.65 20.47
CA ARG A 457 41.52 -0.70 20.88
C ARG A 457 42.04 -1.04 22.27
N GLU A 458 43.31 -0.69 22.53
CA GLU A 458 43.91 -1.01 23.82
C GLU A 458 43.19 -0.28 24.95
N ILE A 459 42.61 0.89 24.67
CA ILE A 459 41.87 1.61 25.70
C ILE A 459 40.44 1.09 25.80
N PHE A 460 39.84 0.73 24.66
CA PHE A 460 38.47 0.24 24.66
C PHE A 460 38.36 -1.08 25.40
N ILE A 461 39.33 -1.96 25.23
CA ILE A 461 39.29 -3.24 25.95
C ILE A 461 39.31 -3.00 27.44
N VAL A 462 40.16 -2.08 27.90
CA VAL A 462 40.21 -1.76 29.33
C VAL A 462 38.87 -1.20 29.79
N GLU A 463 38.32 -0.27 29.02
CA GLU A 463 37.03 0.31 29.40
C GLU A 463 35.95 -0.76 29.49
N THR A 464 36.04 -1.81 28.67
CA THR A 464 35.10 -2.91 28.77
C THR A 464 35.39 -3.82 29.95
N GLY A 465 36.66 -3.99 30.31
CA GLY A 465 37.05 -4.96 31.31
C GLY A 465 36.86 -4.53 32.74
N LEU A 466 36.50 -3.28 32.98
CA LEU A 466 36.22 -2.83 34.33
C LEU A 466 34.79 -3.10 34.77
N CYS A 467 33.96 -3.67 33.89
CA CYS A 467 32.56 -3.90 34.19
C CYS A 467 32.36 -5.21 34.96
N SER A 468 33.00 -5.28 36.12
CA SER A 468 32.84 -6.42 37.00
C SER A 468 31.55 -6.26 37.82
N LEU A 469 31.00 -7.40 38.24
CA LEU A 469 29.73 -7.36 38.99
C LEU A 469 29.85 -6.49 40.23
N ALA A 470 31.05 -6.40 40.81
CA ALA A 470 31.25 -5.47 41.91
C ALA A 470 30.97 -4.04 41.47
N GLU A 471 31.41 -3.68 40.26
CA GLU A 471 31.08 -2.36 39.74
C GLU A 471 29.59 -2.18 39.60
N LEU A 472 28.89 -3.21 39.13
CA LEU A 472 27.44 -3.12 39.00
C LEU A 472 26.80 -2.85 40.36
N SER A 473 27.22 -3.59 41.38
CA SER A 473 26.64 -3.41 42.71
C SER A 473 26.92 -2.01 43.24
N HIS A 474 28.17 -1.56 43.14
CA HIS A 474 28.52 -0.24 43.68
C HIS A 474 27.76 0.85 42.94
N PHE A 475 27.64 0.74 41.62
CA PHE A 475 26.85 1.71 40.87
C PHE A 475 25.40 1.68 41.32
N THR A 476 24.86 0.49 41.55
CA THR A 476 23.49 0.38 42.06
C THR A 476 23.34 1.16 43.35
N GLN A 477 24.23 0.93 44.31
CA GLN A 477 24.15 1.69 45.55
C GLN A 477 24.40 3.17 45.32
N LEU A 478 25.27 3.52 44.36
CA LEU A 478 25.53 4.92 44.07
C LEU A 478 24.27 5.63 43.58
N LEU A 479 23.49 4.96 42.73
CA LEU A 479 22.36 5.62 42.09
C LEU A 479 21.33 6.13 43.09
N ALA A 480 21.31 5.58 44.31
CA ALA A 480 20.35 6.00 45.31
C ALA A 480 20.83 7.16 46.17
N HIS A 481 22.08 7.57 46.03
CA HIS A 481 22.59 8.67 46.83
C HIS A 481 22.07 10.01 46.30
N PRO A 482 21.63 10.91 47.18
CA PRO A 482 21.15 12.21 46.70
C PRO A 482 22.28 13.20 46.45
N HIS A 483 23.40 12.99 47.13
CA HIS A 483 24.54 13.91 47.07
C HIS A 483 25.36 13.61 45.80
N HIS A 484 24.82 14.05 44.66
CA HIS A 484 25.48 13.90 43.36
C HIS A 484 25.47 15.26 42.69
N GLU A 485 26.49 16.07 43.00
CA GLU A 485 26.55 17.42 42.43
C GLU A 485 26.79 17.38 40.92
N TYR A 486 27.66 16.50 40.47
CA TYR A 486 28.15 16.52 39.10
C TYR A 486 27.70 15.27 38.34
N LEU A 487 27.50 15.45 37.03
CA LEU A 487 27.05 14.36 36.18
C LEU A 487 28.13 13.31 35.96
N SER A 488 29.40 13.67 36.12
CA SER A 488 30.47 12.70 35.88
C SER A 488 30.39 11.55 36.85
N ASP A 489 30.07 11.83 38.12
CA ASP A 489 30.11 10.80 39.15
C ASP A 489 29.22 9.62 38.81
N LEU A 490 28.16 9.84 38.03
CA LEU A 490 27.23 8.78 37.67
C LEU A 490 27.68 8.00 36.45
N TYR A 491 28.93 8.15 36.03
CA TYR A 491 29.44 7.35 34.92
C TYR A 491 29.86 5.98 35.40
N THR A 492 29.70 4.98 34.54
CA THR A 492 30.15 3.64 34.80
C THR A 492 30.63 3.04 33.49
N PRO A 493 31.77 2.33 33.48
CA PRO A 493 32.23 1.75 32.21
C PRO A 493 31.25 0.76 31.60
N CYS A 494 30.37 0.17 32.41
CA CYS A 494 29.41 -0.79 31.88
C CYS A 494 28.49 -0.18 30.84
N SER A 495 28.33 1.14 30.83
CA SER A 495 27.32 1.77 29.97
C SER A 495 27.82 1.91 28.54
N SER A 496 28.87 2.69 28.33
CA SER A 496 29.32 3.02 26.98
C SER A 496 30.28 2.01 26.39
N SER A 497 30.78 1.06 27.18
CA SER A 497 31.76 0.13 26.69
C SER A 497 31.11 -0.87 25.71
N GLY A 498 31.86 -1.92 25.39
CA GLY A 498 31.43 -2.86 24.37
C GLY A 498 30.45 -3.90 24.84
N ARG A 499 29.99 -3.81 26.09
CA ARG A 499 29.00 -4.73 26.64
C ARG A 499 27.63 -4.07 26.58
N ARG A 500 26.77 -4.59 25.72
CA ARG A 500 25.44 -4.03 25.48
C ARG A 500 24.39 -5.12 25.48
N ASP A 501 24.44 -6.00 26.48
CA ASP A 501 23.50 -7.11 26.61
C ASP A 501 22.89 -7.14 28.00
N HIS A 502 22.83 -6.00 28.68
CA HIS A 502 22.32 -5.96 30.04
C HIS A 502 20.81 -6.22 30.06
N SER A 503 20.35 -6.83 31.15
CA SER A 503 18.94 -7.09 31.35
C SER A 503 18.66 -7.13 32.85
N LEU A 504 17.40 -6.97 33.20
CA LEU A 504 17.03 -6.97 34.62
C LEU A 504 17.37 -8.29 35.29
N GLU A 505 17.38 -9.38 34.53
CA GLU A 505 17.70 -10.69 35.10
C GLU A 505 19.09 -10.71 35.69
N ARG A 506 20.08 -10.24 34.92
CA ARG A 506 21.45 -10.19 35.43
C ARG A 506 21.55 -9.30 36.66
N LEU A 507 20.86 -8.16 36.63
CA LEU A 507 20.93 -7.24 37.75
C LEU A 507 20.28 -7.82 38.99
N THR A 508 19.06 -8.36 38.85
CA THR A 508 18.35 -8.88 40.01
C THR A 508 19.10 -10.04 40.66
N ARG A 509 19.60 -10.96 39.84
CA ARG A 509 20.25 -12.15 40.37
C ARG A 509 21.56 -11.83 41.08
N LEU A 510 22.08 -10.61 40.94
CA LEU A 510 23.31 -10.21 41.61
C LEU A 510 23.15 -10.09 43.11
N PHE A 511 21.92 -10.08 43.63
CA PHE A 511 21.68 -9.77 45.03
C PHE A 511 21.21 -11.01 45.77
N PRO A 512 21.91 -11.42 46.85
CA PRO A 512 21.40 -12.53 47.66
C PRO A 512 20.24 -12.13 48.56
N ASP A 513 20.12 -10.86 48.91
CA ASP A 513 19.02 -10.38 49.75
C ASP A 513 17.67 -10.48 49.06
N ALA A 514 17.65 -10.72 47.74
CA ALA A 514 16.41 -10.73 46.97
C ALA A 514 15.69 -9.40 47.06
N THR A 515 16.44 -8.33 47.32
CA THR A 515 15.87 -7.00 47.48
C THR A 515 16.85 -5.96 46.96
N VAL A 516 16.33 -5.03 46.16
CA VAL A 516 17.09 -3.87 45.70
C VAL A 516 16.23 -2.63 45.86
N PRO A 517 16.84 -1.51 46.24
CA PRO A 517 16.06 -0.28 46.40
C PRO A 517 15.16 -0.04 45.21
N ALA A 518 13.88 0.22 45.48
CA ALA A 518 12.83 -0.01 44.50
C ALA A 518 13.14 0.63 43.15
N THR A 519 13.50 1.91 43.14
CA THR A 519 13.70 2.61 41.88
C THR A 519 15.01 2.19 41.21
N VAL A 520 15.98 1.75 41.99
CA VAL A 520 17.34 1.59 41.47
C VAL A 520 17.41 0.53 40.36
N PRO A 521 16.87 -0.68 40.53
CA PRO A 521 16.99 -1.66 39.44
C PRO A 521 16.27 -1.23 38.18
N ALA A 522 15.16 -0.50 38.31
CA ALA A 522 14.47 -0.01 37.12
C ALA A 522 15.29 1.07 36.42
N ALA A 523 15.94 1.95 37.19
CA ALA A 523 16.69 3.04 36.58
C ALA A 523 18.00 2.53 35.99
N LEU A 524 18.61 1.52 36.60
CA LEU A 524 19.90 1.02 36.12
C LEU A 524 19.78 0.46 34.72
N SER A 525 18.69 -0.24 34.43
CA SER A 525 18.52 -0.82 33.11
C SER A 525 18.50 0.28 32.04
N ILE A 526 17.74 1.35 32.28
CA ILE A 526 17.64 2.40 31.26
C ILE A 526 18.96 3.16 31.16
N LEU A 527 19.64 3.37 32.29
CA LEU A 527 20.94 4.02 32.22
C LEU A 527 21.94 3.21 31.42
N SER A 528 21.99 1.90 31.62
CA SER A 528 22.95 1.05 30.93
C SER A 528 22.50 0.71 29.51
N THR A 529 21.25 0.96 29.15
CA THR A 529 20.75 0.67 27.82
C THR A 529 20.60 1.92 26.96
N MET A 530 21.00 3.09 27.46
CA MET A 530 21.04 4.27 26.60
C MET A 530 22.07 4.05 25.50
N GLN A 531 21.70 4.40 24.27
CA GLN A 531 22.45 3.97 23.10
C GLN A 531 23.41 5.06 22.65
N PRO A 532 24.73 4.88 22.79
CA PRO A 532 25.67 5.78 22.12
C PRO A 532 25.88 5.40 20.67
N SER A 533 25.74 4.10 20.38
CA SER A 533 25.96 3.57 19.03
C SER A 533 27.30 4.06 18.48
N THR A 534 28.37 3.73 19.20
CA THR A 534 29.70 4.23 18.91
C THR A 534 30.67 3.13 18.48
N LEU A 535 30.17 2.03 17.92
CA LEU A 535 31.04 1.00 17.38
C LEU A 535 31.44 1.27 15.93
N GLU A 536 30.89 2.32 15.31
CA GLU A 536 31.20 2.60 13.91
C GLU A 536 32.66 2.95 13.70
N THR A 537 33.36 3.42 14.74
CA THR A 537 34.74 3.86 14.59
C THR A 537 35.73 2.72 14.61
N PHE A 538 35.28 1.48 14.38
CA PHE A 538 36.16 0.33 14.29
C PHE A 538 35.90 -0.36 12.95
N PRO A 539 36.92 -0.57 12.11
CA PRO A 539 36.64 -1.06 10.75
C PRO A 539 35.93 -2.39 10.71
N ASP A 540 36.17 -3.26 11.68
CA ASP A 540 35.65 -4.63 11.64
C ASP A 540 34.34 -4.81 12.40
N LEU A 541 33.75 -3.73 12.92
CA LEU A 541 32.54 -3.85 13.72
C LEU A 541 31.43 -2.88 13.37
N PHE A 542 31.69 -1.88 12.52
CA PHE A 542 30.65 -0.90 12.21
C PHE A 542 29.42 -1.58 11.63
N CYS A 543 29.59 -2.75 11.01
CA CYS A 543 28.46 -3.49 10.47
C CYS A 543 27.47 -3.90 11.55
N LEU A 544 27.95 -4.11 12.77
CA LEU A 544 27.17 -4.78 13.80
C LEU A 544 25.90 -4.00 14.12
N PRO A 545 24.71 -4.60 14.00
CA PRO A 545 23.49 -3.90 14.41
C PRO A 545 23.52 -3.52 15.87
N LEU A 546 22.97 -2.35 16.18
CA LEU A 546 22.96 -1.85 17.55
C LEU A 546 21.83 -2.40 18.40
N GLY A 547 20.85 -3.07 17.78
CA GLY A 547 19.69 -3.54 18.52
C GLY A 547 19.94 -4.80 19.31
N GLU A 548 20.28 -5.88 18.62
CA GLU A 548 20.42 -7.18 19.28
C GLU A 548 21.48 -7.11 20.38
N SER A 549 21.18 -7.75 21.50
CA SER A 549 22.15 -7.83 22.58
C SER A 549 23.39 -8.59 22.12
N PHE A 550 24.55 -8.17 22.61
CA PHE A 550 25.81 -8.74 22.16
C PHE A 550 26.90 -8.30 23.12
N SER A 551 28.14 -8.68 22.80
CA SER A 551 29.32 -8.25 23.53
C SER A 551 30.49 -8.15 22.55
N ALA A 552 31.34 -7.15 22.75
CA ALA A 552 32.49 -6.93 21.89
C ALA A 552 33.74 -6.81 22.75
N LEU A 553 34.85 -7.32 22.22
CA LEU A 553 36.12 -7.31 22.95
C LEU A 553 37.24 -7.15 21.95
N THR A 554 38.00 -6.06 22.07
CA THR A 554 39.17 -5.82 21.23
C THR A 554 40.41 -6.22 22.04
N VAL A 555 40.62 -7.55 22.12
CA VAL A 555 41.66 -8.07 23.00
C VAL A 555 43.03 -7.59 22.57
N SER A 556 43.23 -7.34 21.28
CA SER A 556 44.53 -6.92 20.78
C SER A 556 44.32 -6.25 19.43
N GLU A 557 45.42 -5.99 18.73
CA GLU A 557 45.33 -5.35 17.41
C GLU A 557 44.83 -6.33 16.36
N HIS A 558 45.35 -7.56 16.38
CA HIS A 558 45.08 -8.51 15.31
C HIS A 558 43.77 -9.25 15.47
N VAL A 559 43.34 -9.53 16.70
CA VAL A 559 42.16 -10.35 16.96
C VAL A 559 41.09 -9.49 17.60
N SER A 560 39.84 -9.89 17.40
CA SER A 560 38.70 -9.16 17.98
C SER A 560 37.53 -10.14 18.07
N TYR A 561 37.06 -10.39 19.29
CA TYR A 561 36.00 -11.35 19.53
C TYR A 561 34.67 -10.62 19.72
N VAL A 562 33.60 -11.19 19.17
CA VAL A 562 32.23 -10.74 19.41
C VAL A 562 31.44 -11.94 19.91
N VAL A 563 30.85 -11.80 21.10
CA VAL A 563 30.08 -12.85 21.74
C VAL A 563 28.61 -12.49 21.63
N THR A 564 27.82 -13.38 21.06
CA THR A 564 26.43 -13.09 20.74
C THR A 564 25.57 -14.32 20.97
N ASN A 565 24.27 -14.08 21.17
CA ASN A 565 23.30 -15.16 21.15
C ASN A 565 23.08 -15.73 19.75
N GLN A 566 23.58 -15.04 18.72
CA GLN A 566 23.30 -15.40 17.35
C GLN A 566 24.53 -15.07 16.50
N TYR A 567 24.65 -15.75 15.37
CA TYR A 567 25.70 -15.47 14.39
C TYR A 567 25.34 -14.17 13.68
N LEU A 568 25.98 -13.07 14.06
CA LEU A 568 25.63 -11.77 13.51
C LEU A 568 26.55 -11.34 12.37
N ILE A 569 27.86 -11.56 12.50
CA ILE A 569 28.83 -11.07 11.53
C ILE A 569 29.70 -12.23 11.06
N LYS A 570 30.30 -12.03 9.90
CA LYS A 570 31.14 -13.06 9.30
C LYS A 570 32.41 -13.28 10.13
N GLY A 571 32.95 -14.48 10.03
CA GLY A 571 34.18 -14.82 10.72
C GLY A 571 34.09 -16.16 11.42
N ILE A 572 35.18 -16.60 12.04
CA ILE A 572 35.16 -17.84 12.79
C ILE A 572 34.18 -17.70 13.95
N SER A 573 33.33 -18.69 14.13
CA SER A 573 32.25 -18.65 15.12
C SER A 573 32.22 -19.97 15.88
N TYR A 574 32.71 -19.97 17.11
CA TYR A 574 32.61 -21.15 17.95
C TYR A 574 31.28 -21.16 18.68
N PRO A 575 30.40 -22.14 18.45
CA PRO A 575 29.22 -22.28 19.29
C PRO A 575 29.58 -22.88 20.65
N VAL A 576 28.73 -22.58 21.64
CA VAL A 576 28.93 -23.05 23.00
C VAL A 576 27.60 -23.60 23.51
N SER A 577 27.67 -24.29 24.65
CA SER A 577 26.48 -24.88 25.24
C SER A 577 25.37 -23.85 25.35
N THR A 578 24.13 -24.33 25.24
CA THR A 578 22.98 -23.44 25.21
C THR A 578 22.74 -22.81 26.58
N THR A 579 22.53 -21.50 26.61
CA THR A 579 22.04 -20.85 27.83
C THR A 579 20.68 -21.41 28.19
N VAL A 580 19.80 -21.57 27.21
CA VAL A 580 18.54 -22.29 27.35
C VAL A 580 18.28 -23.01 26.04
N VAL A 581 17.64 -24.18 26.14
CA VAL A 581 17.37 -24.99 24.95
C VAL A 581 16.65 -24.13 23.92
N GLY A 582 17.26 -23.99 22.75
CA GLY A 582 16.79 -23.09 21.71
C GLY A 582 17.55 -21.79 21.62
N GLN A 583 18.30 -21.43 22.65
CA GLN A 583 19.15 -20.25 22.66
C GLN A 583 20.58 -20.68 22.97
N SER A 584 21.54 -20.12 22.24
CA SER A 584 22.92 -20.56 22.33
C SER A 584 23.84 -19.36 22.51
N LEU A 585 24.91 -19.57 23.27
CA LEU A 585 25.98 -18.60 23.42
C LEU A 585 26.96 -18.81 22.28
N ILE A 586 27.03 -17.84 21.36
CA ILE A 586 27.87 -17.94 20.17
C ILE A 586 29.06 -17.01 20.34
N ILE A 587 30.26 -17.53 20.11
CA ILE A 587 31.49 -16.76 20.19
C ILE A 587 32.04 -16.61 18.78
N THR A 588 32.20 -15.37 18.34
CA THR A 588 32.71 -15.07 17.00
C THR A 588 34.08 -14.43 17.13
N GLN A 589 35.05 -14.96 16.39
CA GLN A 589 36.41 -14.45 16.37
C GLN A 589 36.71 -13.94 14.96
N THR A 590 37.26 -12.72 14.89
CA THR A 590 37.54 -12.08 13.61
C THR A 590 38.86 -11.34 13.72
N ASP A 591 39.39 -10.97 12.55
CA ASP A 591 40.64 -10.22 12.47
C ASP A 591 40.33 -8.75 12.22
N SER A 592 40.95 -7.87 13.01
CA SER A 592 40.61 -6.46 12.96
C SER A 592 40.95 -5.83 11.62
N GLN A 593 41.97 -6.35 10.93
CA GLN A 593 42.46 -5.71 9.71
C GLN A 593 41.52 -5.89 8.52
N SER A 594 40.37 -6.51 8.69
CA SER A 594 39.46 -6.80 7.58
C SER A 594 38.13 -6.08 7.79
N LYS A 595 37.61 -5.51 6.70
CA LYS A 595 36.29 -4.92 6.73
C LYS A 595 35.24 -6.00 7.01
N CYS A 596 34.22 -5.63 7.76
CA CYS A 596 33.19 -6.58 8.15
C CYS A 596 32.12 -6.71 7.08
N GLU A 597 31.33 -7.78 7.22
CA GLU A 597 30.14 -8.01 6.40
C GLU A 597 29.09 -8.67 7.27
N LEU A 598 27.83 -8.30 7.05
CA LEU A 598 26.73 -8.80 7.87
C LEU A 598 26.28 -10.18 7.36
N THR A 599 27.16 -11.16 7.53
CA THR A 599 26.90 -12.53 7.11
C THR A 599 26.25 -13.28 8.27
N ARG A 600 25.02 -13.73 8.07
CA ARG A 600 24.26 -14.45 9.08
C ARG A 600 24.34 -15.98 8.89
N ASN A 601 25.09 -16.46 7.91
CA ASN A 601 25.10 -17.86 7.58
C ASN A 601 25.95 -18.66 8.57
N MET A 602 25.73 -19.97 8.56
CA MET A 602 26.49 -20.89 9.40
C MET A 602 27.72 -21.37 8.64
N HIS A 603 28.90 -21.07 9.16
CA HIS A 603 30.14 -21.56 8.57
C HIS A 603 31.25 -21.43 9.59
N THR A 604 32.29 -22.25 9.40
CA THR A 604 33.44 -22.27 10.31
C THR A 604 32.98 -22.44 11.76
N THR A 605 32.01 -23.31 11.97
CA THR A 605 31.45 -23.57 13.30
C THR A 605 32.38 -24.53 14.04
N HIS A 606 33.57 -24.03 14.35
CA HIS A 606 34.59 -24.86 14.99
C HIS A 606 34.23 -25.13 16.45
N SER A 607 34.78 -26.22 16.98
CA SER A 607 34.46 -26.66 18.33
C SER A 607 35.40 -26.02 19.34
N ILE A 608 34.95 -26.01 20.60
CA ILE A 608 35.73 -25.45 21.69
C ILE A 608 36.79 -26.46 22.12
N THR A 609 38.03 -26.01 22.23
CA THR A 609 39.11 -26.84 22.73
C THR A 609 39.21 -26.66 24.25
N ALA A 610 40.09 -27.46 24.88
CA ALA A 610 40.25 -27.43 26.33
C ALA A 610 41.71 -27.57 26.69
N ALA A 611 42.07 -27.03 27.85
CA ALA A 611 43.42 -27.15 28.39
C ALA A 611 43.37 -26.90 29.89
N LEU A 612 44.12 -27.69 30.65
CA LEU A 612 44.13 -27.61 32.09
C LEU A 612 45.46 -27.09 32.64
N ASN A 613 46.57 -27.77 32.32
CA ASN A 613 47.89 -27.31 32.74
C ASN A 613 48.43 -26.35 31.67
N ILE A 614 47.82 -25.17 31.63
CA ILE A 614 48.16 -24.19 30.62
C ILE A 614 49.63 -23.79 30.75
N SER A 615 50.25 -23.50 29.61
CA SER A 615 51.64 -23.09 29.54
C SER A 615 51.72 -21.56 29.51
N LEU A 616 52.56 -21.00 30.37
CA LEU A 616 52.70 -19.55 30.51
C LEU A 616 54.07 -19.05 30.05
N GLU A 617 54.74 -19.79 29.17
CA GLU A 617 56.03 -19.36 28.68
C GLU A 617 55.92 -18.01 27.98
N ASN A 618 56.80 -17.08 28.34
CA ASN A 618 56.78 -15.73 27.77
C ASN A 618 55.39 -15.12 27.81
N CYS A 619 54.58 -15.55 28.78
CA CYS A 619 53.20 -15.11 28.92
C CYS A 619 52.48 -15.13 27.57
N ALA A 620 52.38 -16.33 27.00
CA ALA A 620 51.57 -16.50 25.80
C ALA A 620 50.09 -16.25 26.07
N PHE A 621 49.67 -16.22 27.33
CA PHE A 621 48.29 -15.93 27.70
C PHE A 621 48.07 -14.45 28.02
N CYS A 622 49.12 -13.64 28.03
CA CYS A 622 48.95 -12.22 28.28
C CYS A 622 47.97 -11.61 27.28
N GLN A 623 47.44 -10.44 27.64
CA GLN A 623 46.48 -9.73 26.80
C GLN A 623 45.37 -10.66 26.32
N SER A 624 44.71 -11.29 27.29
CA SER A 624 43.65 -12.25 27.00
C SER A 624 42.44 -11.94 27.88
N ALA A 625 41.26 -12.27 27.38
CA ALA A 625 40.02 -12.05 28.11
C ALA A 625 39.37 -13.39 28.45
N LEU A 626 38.84 -13.47 29.66
CA LEU A 626 38.20 -14.68 30.15
C LEU A 626 36.72 -14.41 30.40
N LEU A 627 35.93 -15.49 30.35
CA LEU A 627 34.49 -15.40 30.51
C LEU A 627 34.00 -16.64 31.25
N GLU A 628 33.22 -16.43 32.31
CA GLU A 628 32.63 -17.54 33.06
C GLU A 628 31.21 -17.74 32.53
N TYR A 629 31.08 -18.70 31.61
CA TYR A 629 29.79 -18.99 31.02
C TYR A 629 28.95 -19.85 31.95
N ASP A 630 27.70 -19.46 32.15
CA ASP A 630 26.76 -20.20 32.98
C ASP A 630 25.73 -20.88 32.08
N ASP A 631 25.55 -22.18 32.28
CA ASP A 631 24.76 -22.97 31.33
C ASP A 631 23.29 -22.61 31.39
N THR A 632 22.75 -22.38 32.59
CA THR A 632 21.31 -22.23 32.79
C THR A 632 20.90 -20.80 33.09
N GLN A 633 21.63 -19.83 32.55
CA GLN A 633 21.26 -18.42 32.71
C GLN A 633 22.11 -17.59 31.76
N GLY A 634 21.94 -16.28 31.84
CA GLY A 634 22.68 -15.39 30.96
C GLY A 634 24.16 -15.38 31.28
N VAL A 635 24.97 -15.10 30.26
CA VAL A 635 26.40 -15.00 30.45
C VAL A 635 26.73 -13.79 31.32
N ILE A 636 27.83 -13.87 32.06
CA ILE A 636 28.11 -12.89 33.10
C ILE A 636 29.61 -12.70 33.27
N ASN A 637 29.99 -11.49 33.67
CA ASN A 637 31.28 -11.21 34.31
C ASN A 637 32.46 -11.59 33.42
N ILE A 638 32.58 -10.84 32.32
CA ILE A 638 33.78 -10.90 31.49
C ILE A 638 34.90 -10.13 32.18
N MET A 639 36.13 -10.61 32.01
CA MET A 639 37.30 -9.96 32.58
C MET A 639 38.45 -10.00 31.58
N TYR A 640 39.31 -8.99 31.66
CA TYR A 640 40.44 -8.84 30.75
C TYR A 640 41.74 -8.77 31.55
N MET A 641 42.70 -9.61 31.17
CA MET A 641 44.01 -9.66 31.82
C MET A 641 45.06 -9.17 30.86
N HIS A 642 45.86 -8.20 31.30
CA HIS A 642 46.89 -7.63 30.44
C HIS A 642 48.21 -8.39 30.53
N ASP A 643 48.79 -8.44 31.72
CA ASP A 643 50.11 -9.01 31.95
C ASP A 643 49.99 -10.39 32.60
N SER A 644 51.15 -10.99 32.90
CA SER A 644 51.16 -12.26 33.61
C SER A 644 50.59 -12.11 35.01
N ASP A 645 50.88 -10.99 35.68
CA ASP A 645 50.41 -10.78 37.03
C ASP A 645 48.89 -10.73 37.09
N ASP A 646 48.27 -10.08 36.11
CA ASP A 646 46.82 -9.97 36.10
C ASP A 646 46.17 -11.36 35.99
N VAL A 647 46.69 -12.19 35.09
CA VAL A 647 46.11 -13.53 34.92
C VAL A 647 46.39 -14.38 36.15
N LEU A 648 47.57 -14.22 36.76
CA LEU A 648 47.85 -14.95 37.99
C LEU A 648 46.86 -14.57 39.09
N PHE A 649 46.57 -13.27 39.22
CA PHE A 649 45.59 -12.83 40.21
C PHE A 649 44.21 -13.40 39.89
N ALA A 650 43.81 -13.34 38.62
CA ALA A 650 42.47 -13.80 38.26
C ALA A 650 42.31 -15.29 38.52
N LEU A 651 43.32 -16.10 38.17
CA LEU A 651 43.20 -17.54 38.34
C LEU A 651 43.11 -17.90 39.82
N ASP A 652 43.85 -17.20 40.67
CA ASP A 652 43.85 -17.49 42.10
C ASP A 652 42.42 -17.45 42.63
N PRO A 653 41.82 -18.59 42.96
CA PRO A 653 40.42 -18.58 43.42
C PRO A 653 40.21 -17.80 44.70
N TYR A 654 41.25 -17.59 45.51
CA TYR A 654 41.09 -16.85 46.75
C TYR A 654 40.53 -15.46 46.50
N ASN A 655 40.84 -14.86 45.36
CA ASN A 655 40.33 -13.56 45.00
C ASN A 655 38.88 -13.61 44.51
N GLU A 656 38.28 -14.79 44.46
CA GLU A 656 36.88 -14.99 44.09
C GLU A 656 36.62 -14.70 42.62
N VAL A 657 37.66 -14.49 41.82
CA VAL A 657 37.46 -14.27 40.39
C VAL A 657 36.95 -15.55 39.73
N VAL A 658 37.42 -16.71 40.18
CA VAL A 658 37.02 -18.00 39.64
C VAL A 658 36.49 -18.86 40.79
N VAL A 659 35.33 -19.47 40.58
CA VAL A 659 34.70 -20.28 41.61
C VAL A 659 34.69 -21.77 41.25
N SER A 660 34.64 -22.11 39.98
CA SER A 660 34.76 -23.50 39.52
C SER A 660 33.51 -24.33 39.87
N SER A 661 32.34 -23.69 39.94
CA SER A 661 31.12 -24.43 40.18
C SER A 661 30.76 -25.26 38.94
N PRO A 662 30.13 -26.43 39.13
CA PRO A 662 29.80 -27.26 37.96
C PRO A 662 28.93 -26.55 36.94
N ARG A 663 27.97 -25.74 37.39
CA ARG A 663 27.07 -25.07 36.45
C ARG A 663 27.81 -24.11 35.54
N THR A 664 28.74 -23.34 36.08
CA THR A 664 29.47 -22.34 35.32
C THR A 664 30.75 -22.93 34.73
N HIS A 665 31.17 -22.37 33.61
CA HIS A 665 32.38 -22.82 32.92
C HIS A 665 33.18 -21.59 32.51
N TYR A 666 34.49 -21.69 32.62
CA TYR A 666 35.40 -20.58 32.37
C TYR A 666 36.13 -20.79 31.06
N LEU A 667 36.19 -19.74 30.24
CA LEU A 667 36.80 -19.79 28.92
C LEU A 667 37.90 -18.74 28.81
N MET A 668 38.87 -19.01 27.95
CA MET A 668 39.99 -18.11 27.69
C MET A 668 39.99 -17.72 26.22
N LEU A 669 40.09 -16.42 25.95
CA LEU A 669 40.22 -15.89 24.60
C LEU A 669 41.59 -15.23 24.51
N LEU A 670 42.48 -15.83 23.74
CA LEU A 670 43.88 -15.43 23.70
C LEU A 670 44.12 -14.38 22.62
N LYS A 671 45.35 -13.86 22.60
CA LYS A 671 45.68 -12.80 21.66
C LYS A 671 45.54 -13.26 20.22
N ASN A 672 45.74 -14.55 19.96
CA ASN A 672 45.47 -15.11 18.65
C ASN A 672 44.07 -15.71 18.64
N GLY A 673 43.73 -16.44 17.60
CA GLY A 673 42.37 -16.90 17.40
C GLY A 673 41.92 -18.06 18.26
N THR A 674 42.76 -18.52 19.19
CA THR A 674 42.40 -19.68 20.00
C THR A 674 41.27 -19.36 20.97
N VAL A 675 40.27 -20.22 20.99
CA VAL A 675 39.21 -20.20 22.00
C VAL A 675 39.21 -21.56 22.68
N LEU A 676 39.37 -21.57 24.00
CA LEU A 676 39.56 -22.83 24.71
C LEU A 676 38.89 -22.75 26.07
N GLU A 677 38.60 -23.92 26.63
CA GLU A 677 38.04 -24.03 27.96
C GLU A 677 39.14 -24.08 29.01
N VAL A 678 38.82 -23.61 30.21
CA VAL A 678 39.77 -23.61 31.29
C VAL A 678 39.84 -25.00 31.91
N PHE B 4 -10.97 34.20 9.00
CA PHE B 4 -10.06 33.51 8.06
C PHE B 4 -10.73 32.25 7.51
N ALA B 5 -10.27 31.80 6.33
CA ALA B 5 -10.83 30.59 5.73
C ALA B 5 -10.58 29.37 6.60
N THR B 6 -9.50 29.36 7.37
CA THR B 6 -9.20 28.26 8.28
C THR B 6 -7.97 28.64 9.10
N ALA B 7 -7.59 27.73 9.98
CA ALA B 7 -6.38 27.84 10.79
C ALA B 7 -5.48 26.65 10.52
N ASP B 8 -4.37 26.59 11.25
CA ASP B 8 -3.46 25.44 11.12
C ASP B 8 -4.17 24.18 11.58
N ILE B 9 -3.75 23.05 11.02
CA ILE B 9 -4.45 21.78 11.26
C ILE B 9 -4.46 21.50 12.75
N ALA B 10 -5.65 21.50 13.36
CA ALA B 10 -5.77 21.22 14.77
C ALA B 10 -5.64 19.74 15.08
N GLU B 11 -6.14 18.88 14.19
CA GLU B 11 -6.18 17.44 14.45
C GLU B 11 -5.87 16.72 13.14
N LYS B 12 -4.61 16.32 12.97
CA LYS B 12 -4.19 15.63 11.75
C LYS B 12 -4.64 14.18 11.76
N MET B 13 -4.58 13.57 10.58
CA MET B 13 -4.81 12.15 10.42
C MET B 13 -3.94 11.66 9.26
N TRP B 14 -3.64 10.37 9.26
CA TRP B 14 -2.82 9.76 8.23
C TRP B 14 -3.58 8.60 7.61
N ALA B 15 -3.65 8.59 6.28
CA ALA B 15 -4.23 7.46 5.58
C ALA B 15 -3.33 6.24 5.71
N GLU B 16 -3.94 5.05 5.76
CA GLU B 16 -3.16 3.83 5.91
C GLU B 16 -2.22 3.61 4.74
N ASN B 17 -2.51 4.21 3.59
CA ASN B 17 -1.62 4.14 2.44
C ASN B 17 -0.57 5.24 2.46
N TYR B 18 -0.55 6.06 3.52
CA TYR B 18 0.38 7.18 3.59
C TYR B 18 1.82 6.73 3.40
N GLU B 19 2.26 5.70 4.14
CA GLU B 19 3.64 5.24 4.04
C GLU B 19 3.80 4.14 2.99
N THR B 20 2.70 3.70 2.37
CA THR B 20 2.78 2.70 1.32
C THR B 20 2.76 3.30 -0.08
N THR B 21 2.35 4.56 -0.21
CA THR B 21 2.28 5.22 -1.50
C THR B 21 3.25 6.38 -1.65
N SER B 22 3.84 6.86 -0.56
CA SER B 22 4.76 7.99 -0.66
C SER B 22 6.02 7.55 -1.40
N PRO B 23 6.36 8.16 -2.53
CA PRO B 23 7.57 7.76 -3.24
C PRO B 23 8.82 8.01 -2.41
N ALA B 24 9.84 7.19 -2.64
CA ALA B 24 11.09 7.35 -1.94
C ALA B 24 11.74 8.68 -2.32
N PRO B 25 12.60 9.22 -1.46
CA PRO B 25 13.22 10.52 -1.75
C PRO B 25 13.83 10.55 -3.15
N VAL B 26 13.93 11.76 -3.70
CA VAL B 26 14.39 11.96 -5.06
C VAL B 26 15.46 13.04 -5.07
N LEU B 27 16.50 12.83 -5.85
CA LEU B 27 17.58 13.80 -6.03
C LEU B 27 17.40 14.51 -7.36
N VAL B 28 17.23 15.83 -7.32
CA VAL B 28 16.99 16.63 -8.51
C VAL B 28 17.98 17.78 -8.53
N ALA B 29 18.58 18.02 -9.71
CA ALA B 29 19.57 19.08 -9.83
C ALA B 29 18.95 20.44 -9.56
N GLU B 30 19.76 21.34 -9.02
CA GLU B 30 19.29 22.69 -8.74
C GLU B 30 18.97 23.41 -10.04
N GLY B 31 18.02 24.34 -9.95
CA GLY B 31 17.63 25.14 -11.09
C GLY B 31 16.66 24.49 -12.05
N GLU B 32 16.21 23.27 -11.76
CA GLU B 32 15.29 22.56 -12.63
C GLU B 32 13.85 22.72 -12.11
N GLN B 33 12.91 22.73 -13.05
CA GLN B 33 11.51 23.04 -12.75
C GLN B 33 10.76 21.74 -12.46
N VAL B 34 10.75 21.35 -11.19
CA VAL B 34 9.97 20.20 -10.77
C VAL B 34 8.53 20.63 -10.49
N THR B 35 7.60 19.68 -10.63
CA THR B 35 6.21 19.90 -10.26
C THR B 35 5.72 18.71 -9.47
N ILE B 36 4.92 18.96 -8.45
CA ILE B 36 4.43 17.89 -7.56
C ILE B 36 3.09 17.38 -8.10
N PRO B 37 3.00 16.13 -8.54
CA PRO B 37 1.71 15.58 -8.96
C PRO B 37 0.87 15.19 -7.75
N CYS B 38 -0.38 14.84 -8.03
CA CYS B 38 -1.29 14.40 -6.99
C CYS B 38 -2.57 13.90 -7.64
N THR B 39 -3.25 12.99 -6.95
CA THR B 39 -4.51 12.44 -7.44
C THR B 39 -5.34 12.01 -6.25
N VAL B 40 -6.44 12.71 -6.00
CA VAL B 40 -7.35 12.41 -4.91
C VAL B 40 -8.71 12.07 -5.50
N MET B 41 -9.28 10.95 -5.07
CA MET B 41 -10.58 10.54 -5.57
C MET B 41 -11.66 11.48 -5.04
N THR B 42 -12.80 11.49 -5.73
CA THR B 42 -13.90 12.36 -5.35
C THR B 42 -14.25 12.14 -3.89
N HIS B 43 -14.34 13.24 -3.14
CA HIS B 43 -14.42 13.18 -1.69
C HIS B 43 -15.54 14.09 -1.21
N SER B 44 -15.65 14.22 0.11
CA SER B 44 -16.59 15.10 0.76
C SER B 44 -15.92 16.28 1.46
N TRP B 45 -14.60 16.40 1.35
CA TRP B 45 -13.89 17.47 2.02
C TRP B 45 -14.03 18.77 1.24
N PRO B 46 -14.48 19.86 1.87
CA PRO B 46 -14.62 21.13 1.13
C PRO B 46 -13.33 21.64 0.51
N MET B 47 -12.18 21.42 1.15
CA MET B 47 -10.92 22.02 0.70
C MET B 47 -9.82 20.98 0.61
N VAL B 48 -9.06 21.04 -0.47
CA VAL B 48 -7.83 20.27 -0.61
C VAL B 48 -6.67 21.26 -0.60
N SER B 49 -5.51 20.78 -0.16
CA SER B 49 -4.36 21.67 0.01
C SER B 49 -3.08 20.88 -0.10
N ILE B 50 -1.99 21.59 -0.34
CA ILE B 50 -0.65 21.03 -0.39
C ILE B 50 0.13 21.61 0.78
N ARG B 51 0.71 20.73 1.60
CA ARG B 51 1.41 21.12 2.80
C ARG B 51 2.91 20.90 2.61
N ALA B 52 3.72 21.85 3.08
CA ALA B 52 5.14 21.87 2.81
C ALA B 52 5.93 21.97 4.10
N ARG B 53 7.12 21.35 4.08
CA ARG B 53 8.09 21.49 5.17
C ARG B 53 9.47 21.54 4.52
N PHE B 54 10.03 22.74 4.41
CA PHE B 54 11.32 22.91 3.78
C PHE B 54 12.43 22.44 4.71
N CYS B 55 13.47 21.84 4.12
CA CYS B 55 14.53 21.26 4.92
C CYS B 55 15.30 22.33 5.68
N ARG B 56 15.75 23.38 4.98
CA ARG B 56 16.72 24.30 5.53
C ARG B 56 16.03 25.43 6.30
N SER B 57 16.38 25.58 7.57
CA SER B 57 15.99 26.73 8.38
C SER B 57 14.50 27.02 8.25
N HIS B 58 13.69 26.07 8.71
CA HIS B 58 12.24 26.23 8.64
C HIS B 58 11.60 25.37 9.72
N ASP B 59 10.51 25.88 10.27
CA ASP B 59 9.75 25.17 11.29
C ASP B 59 8.27 25.45 11.07
N GLY B 60 7.43 24.56 11.57
CA GLY B 60 6.01 24.66 11.31
C GLY B 60 5.67 24.17 9.91
N SER B 61 4.54 24.64 9.40
CA SER B 61 4.09 24.25 8.08
C SER B 61 3.38 25.41 7.41
N ASP B 62 3.38 25.38 6.08
CA ASP B 62 2.70 26.37 5.26
C ASP B 62 1.79 25.65 4.28
N GLU B 63 0.58 26.16 4.11
CA GLU B 63 -0.47 25.47 3.38
C GLU B 63 -1.00 26.33 2.25
N LEU B 64 -1.26 25.70 1.11
CA LEU B 64 -1.94 26.31 -0.02
C LEU B 64 -3.28 25.61 -0.19
N ILE B 65 -4.37 26.35 -0.01
CA ILE B 65 -5.70 25.78 0.11
C ILE B 65 -6.48 26.09 -1.17
N LEU B 66 -6.96 25.05 -1.84
CA LEU B 66 -7.77 25.17 -3.03
C LEU B 66 -9.17 24.65 -2.73
N ASP B 67 -10.18 25.31 -3.31
CA ASP B 67 -11.54 24.78 -3.23
C ASP B 67 -11.57 23.39 -3.85
N ALA B 68 -12.35 22.50 -3.23
CA ALA B 68 -12.30 21.09 -3.63
C ALA B 68 -12.76 20.87 -5.05
N VAL B 69 -13.81 21.56 -5.49
CA VAL B 69 -14.47 21.27 -6.75
C VAL B 69 -14.09 22.28 -7.83
N LYS B 70 -14.22 23.57 -7.54
CA LYS B 70 -13.98 24.57 -8.58
C LYS B 70 -12.51 24.66 -8.95
N GLY B 71 -11.64 24.71 -7.95
CA GLY B 71 -10.22 24.90 -8.17
C GLY B 71 -9.71 26.29 -7.84
N HIS B 72 -10.56 27.16 -7.31
CA HIS B 72 -10.11 28.49 -6.93
C HIS B 72 -9.10 28.40 -5.79
N ARG B 73 -8.34 29.47 -5.61
CA ARG B 73 -7.43 29.60 -4.48
C ARG B 73 -8.13 30.30 -3.34
N LEU B 74 -7.93 29.80 -2.12
CA LEU B 74 -8.50 30.39 -0.93
C LEU B 74 -7.46 30.95 0.03
N MET B 75 -6.26 30.38 0.06
CA MET B 75 -5.20 30.89 0.91
C MET B 75 -3.89 30.26 0.47
N ASN B 76 -2.84 31.07 0.38
CA ASN B 76 -1.54 30.64 -0.11
C ASN B 76 -0.48 31.06 0.92
N GLY B 77 -0.08 30.13 1.78
CA GLY B 77 0.97 30.38 2.73
C GLY B 77 2.37 30.14 2.22
N LEU B 78 2.51 29.52 1.04
CA LEU B 78 3.83 29.27 0.48
C LEU B 78 4.47 30.50 -0.12
N GLN B 79 3.83 31.67 0.03
CA GLN B 79 4.27 32.86 -0.69
C GLN B 79 5.70 33.26 -0.30
N TYR B 80 5.98 33.33 1.00
CA TYR B 80 7.25 33.88 1.45
C TYR B 80 8.43 33.02 1.05
N ARG B 81 8.20 31.75 0.70
CA ARG B 81 9.28 30.88 0.24
C ARG B 81 9.17 30.50 -1.23
N LEU B 82 8.00 30.64 -1.83
CA LEU B 82 7.79 30.32 -3.25
C LEU B 82 7.07 31.50 -3.90
N PRO B 83 7.75 32.64 -4.04
CA PRO B 83 7.09 33.80 -4.64
C PRO B 83 6.61 33.58 -6.05
N TYR B 84 7.26 32.67 -6.81
CA TYR B 84 6.94 32.47 -8.22
C TYR B 84 6.46 31.07 -8.52
N ALA B 85 5.92 30.37 -7.52
CA ALA B 85 5.35 29.05 -7.76
C ALA B 85 3.93 29.16 -8.29
N THR B 86 3.61 28.36 -9.29
CA THR B 86 2.30 28.35 -9.91
C THR B 86 1.63 27.00 -9.64
N TRP B 87 0.43 27.05 -9.11
CA TRP B 87 -0.32 25.84 -8.79
C TRP B 87 -1.11 25.39 -10.02
N ASN B 88 -2.02 24.45 -9.84
CA ASN B 88 -2.80 23.93 -10.95
C ASN B 88 -3.93 23.07 -10.40
N PHE B 89 -5.04 23.05 -11.11
CA PHE B 89 -6.19 22.24 -10.73
C PHE B 89 -6.93 21.84 -11.99
N SER B 90 -7.26 20.55 -12.09
CA SER B 90 -7.88 19.99 -13.29
C SER B 90 -9.04 19.11 -12.85
N GLN B 91 -10.25 19.66 -12.92
CA GLN B 91 -11.43 18.86 -12.62
C GLN B 91 -11.49 17.67 -13.56
N LEU B 92 -11.79 16.51 -12.98
CA LEU B 92 -11.75 15.25 -13.72
C LEU B 92 -12.78 14.35 -13.07
N HIS B 93 -13.99 14.34 -13.63
CA HIS B 93 -15.19 13.95 -12.90
C HIS B 93 -14.99 12.76 -11.97
N LEU B 94 -14.17 11.80 -12.38
CA LEU B 94 -13.90 10.66 -11.51
C LEU B 94 -13.16 11.11 -10.25
N GLY B 95 -12.18 11.99 -10.40
CA GLY B 95 -11.41 12.46 -9.26
C GLY B 95 -10.51 13.63 -9.60
N GLN B 96 -10.42 14.60 -8.69
CA GLN B 96 -9.71 15.83 -8.97
C GLN B 96 -8.20 15.60 -9.02
N ILE B 97 -7.50 16.53 -9.66
CA ILE B 97 -6.04 16.55 -9.71
C ILE B 97 -5.57 17.98 -9.46
N PHE B 98 -4.48 18.12 -8.71
CA PHE B 98 -3.86 19.42 -8.50
C PHE B 98 -2.35 19.23 -8.43
N SER B 99 -1.63 20.32 -8.70
CA SER B 99 -0.17 20.25 -8.76
C SER B 99 0.41 21.60 -8.36
N LEU B 100 1.69 21.57 -7.99
CA LEU B 100 2.45 22.75 -7.64
C LEU B 100 3.78 22.71 -8.36
N THR B 101 4.17 23.83 -8.97
CA THR B 101 5.40 23.92 -9.75
C THR B 101 6.30 25.00 -9.17
N PHE B 102 7.60 24.79 -9.29
CA PHE B 102 8.58 25.76 -8.82
C PHE B 102 9.93 25.43 -9.44
N ASN B 103 10.95 26.17 -9.02
CA ASN B 103 12.33 25.94 -9.44
C ASN B 103 13.10 25.46 -8.23
N VAL B 104 13.26 24.15 -8.10
CA VAL B 104 13.92 23.59 -6.93
C VAL B 104 15.31 24.19 -6.79
N SER B 105 15.71 24.43 -5.55
CA SER B 105 17.04 24.97 -5.26
C SER B 105 17.37 24.58 -3.82
N THR B 106 18.40 25.21 -3.26
CA THR B 106 18.80 24.87 -1.91
C THR B 106 17.73 25.21 -0.88
N ASP B 107 17.00 26.31 -1.08
CA ASP B 107 16.08 26.80 -0.09
C ASP B 107 14.67 26.22 -0.19
N THR B 108 14.37 25.48 -1.26
CA THR B 108 13.02 24.97 -1.46
C THR B 108 12.94 23.44 -1.40
N ALA B 109 14.02 22.76 -1.06
CA ALA B 109 13.95 21.32 -0.87
C ALA B 109 13.26 21.00 0.44
N GLY B 110 12.45 19.94 0.44
CA GLY B 110 11.73 19.56 1.64
C GLY B 110 10.66 18.54 1.33
N MET B 111 9.76 18.36 2.29
CA MET B 111 8.66 17.41 2.16
C MET B 111 7.41 18.14 1.69
N TYR B 112 6.66 17.50 0.79
CA TYR B 112 5.40 18.04 0.30
C TYR B 112 4.34 16.95 0.42
N GLU B 113 3.17 17.33 0.94
CA GLU B 113 2.13 16.36 1.27
C GLU B 113 0.77 16.87 0.81
N CYS B 114 0.08 16.08 -0.01
CA CYS B 114 -1.30 16.37 -0.31
C CYS B 114 -2.16 16.15 0.92
N VAL B 115 -3.09 17.07 1.17
CA VAL B 115 -3.86 17.05 2.41
C VAL B 115 -5.30 17.43 2.10
N LEU B 116 -6.21 16.46 2.21
CA LEU B 116 -7.63 16.79 2.23
C LEU B 116 -7.94 17.58 3.49
N ARG B 117 -8.73 18.63 3.34
CA ARG B 117 -8.85 19.63 4.40
C ARG B 117 -10.28 20.11 4.54
N ASN B 118 -10.64 20.48 5.76
CA ASN B 118 -11.79 21.34 6.03
C ASN B 118 -11.36 22.33 7.10
N TYR B 119 -12.33 23.03 7.69
CA TYR B 119 -11.98 24.17 8.54
C TYR B 119 -11.01 23.79 9.64
N SER B 120 -11.19 22.61 10.24
CA SER B 120 -10.39 22.21 11.40
C SER B 120 -9.48 21.03 11.10
N HIS B 121 -10.02 19.92 10.63
CA HIS B 121 -9.26 18.69 10.52
C HIS B 121 -8.48 18.63 9.21
N GLY B 122 -7.76 17.52 9.02
CA GLY B 122 -7.02 17.26 7.81
C GLY B 122 -6.68 15.79 7.76
N LEU B 123 -6.29 15.32 6.58
CA LEU B 123 -6.02 13.90 6.37
C LEU B 123 -4.87 13.79 5.37
N ILE B 124 -3.65 13.62 5.89
CA ILE B 124 -2.50 13.44 5.02
C ILE B 124 -2.72 12.20 4.15
N MET B 125 -2.38 12.31 2.88
CA MET B 125 -2.61 11.25 1.92
C MET B 125 -1.35 10.73 1.26
N GLN B 126 -0.38 11.60 0.97
CA GLN B 126 0.83 11.18 0.29
C GLN B 126 1.94 12.15 0.66
N ARG B 127 3.19 11.69 0.51
CA ARG B 127 4.35 12.50 0.86
C ARG B 127 5.41 12.38 -0.22
N PHE B 128 6.04 13.51 -0.55
CA PHE B 128 7.17 13.56 -1.45
C PHE B 128 8.33 14.27 -0.77
N VAL B 129 9.54 13.74 -0.94
CA VAL B 129 10.74 14.32 -0.39
C VAL B 129 11.66 14.71 -1.52
N ILE B 130 12.06 15.98 -1.55
CA ILE B 130 12.93 16.51 -2.60
C ILE B 130 14.27 16.88 -1.96
N LEU B 131 15.36 16.37 -2.52
CA LEU B 131 16.70 16.62 -2.00
C LEU B 131 17.61 17.07 -3.13
N THR B 132 18.63 17.84 -2.76
CA THR B 132 19.64 18.29 -3.70
C THR B 132 21.04 17.83 -3.33
N GLN B 133 21.35 17.72 -2.04
CA GLN B 133 22.65 17.22 -1.58
C GLN B 133 22.41 16.17 -0.50
N LEU B 134 23.15 15.07 -0.59
CA LEU B 134 23.06 13.98 0.37
C LEU B 134 24.43 13.73 0.97
N GLU B 135 24.46 13.47 2.27
CA GLU B 135 25.72 13.31 2.99
C GLU B 135 26.13 11.85 3.01
N THR B 136 27.42 11.61 2.78
CA THR B 136 28.03 10.31 2.97
C THR B 136 29.40 10.49 3.58
N LEU B 137 29.80 9.51 4.39
CA LEU B 137 31.05 9.58 5.14
C LEU B 137 32.02 8.53 4.63
N SER B 138 33.29 8.92 4.53
CA SER B 138 34.34 8.03 4.04
C SER B 138 35.49 8.02 5.03
N ARG B 139 36.11 6.86 5.19
CA ARG B 139 37.22 6.72 6.11
C ARG B 139 38.48 7.33 5.49
N PRO B 140 39.43 7.77 6.32
CA PRO B 140 40.50 8.65 5.80
C PRO B 140 41.29 8.05 4.65
N ASP B 141 41.60 6.76 4.69
CA ASP B 141 42.41 6.14 3.66
C ASP B 141 41.60 5.28 2.69
N GLU B 142 40.37 4.93 3.03
CA GLU B 142 39.56 4.12 2.14
C GLU B 142 39.30 4.88 0.84
N PRO B 143 39.33 4.20 -0.31
CA PRO B 143 39.06 4.90 -1.57
C PRO B 143 37.63 5.44 -1.62
N CYS B 144 37.44 6.48 -2.41
CA CYS B 144 36.14 7.13 -2.51
C CYS B 144 35.06 6.12 -2.91
N CYS B 145 33.92 6.21 -2.23
CA CYS B 145 32.80 5.33 -2.52
C CYS B 145 32.25 5.60 -3.92
N THR B 146 31.29 4.78 -4.33
CA THR B 146 30.70 4.88 -5.66
C THR B 146 29.28 4.36 -5.62
N PRO B 147 28.31 5.23 -5.33
CA PRO B 147 26.91 4.79 -5.38
C PRO B 147 26.47 4.53 -6.81
N ALA B 148 25.35 3.83 -6.93
CA ALA B 148 24.81 3.40 -8.22
C ALA B 148 23.38 3.90 -8.39
N LEU B 149 23.18 5.19 -8.18
CA LEU B 149 21.87 5.77 -8.35
C LEU B 149 21.29 5.42 -9.71
N GLY B 150 19.98 5.16 -9.73
CA GLY B 150 19.27 4.89 -10.95
C GLY B 150 17.90 5.55 -10.89
N ARG B 151 17.16 5.41 -11.97
CA ARG B 151 15.82 5.97 -12.02
C ARG B 151 14.94 5.29 -10.98
N TYR B 152 13.68 5.69 -10.88
CA TYR B 152 12.86 5.32 -9.73
C TYR B 152 12.91 3.83 -9.46
N SER B 153 12.72 3.01 -10.50
CA SER B 153 12.54 1.57 -10.31
C SER B 153 11.40 1.41 -9.30
N LEU B 154 11.59 0.68 -8.21
CA LEU B 154 10.57 0.61 -7.18
C LEU B 154 11.20 0.11 -5.89
N GLY B 155 10.70 0.63 -4.77
CA GLY B 155 11.18 0.23 -3.47
C GLY B 155 11.44 1.42 -2.55
N ASP B 156 12.45 1.28 -1.69
CA ASP B 156 12.83 2.34 -0.77
C ASP B 156 14.19 2.94 -1.12
N GLN B 157 14.65 2.72 -2.35
CA GLN B 157 15.95 3.22 -2.77
C GLN B 157 15.84 4.65 -3.26
N ILE B 158 16.70 5.52 -2.73
CA ILE B 158 16.80 6.88 -3.22
C ILE B 158 17.08 6.82 -4.72
N TRP B 159 16.56 7.78 -5.47
CA TRP B 159 16.64 7.73 -6.93
C TRP B 159 16.70 9.15 -7.48
N SER B 160 17.20 9.26 -8.70
CA SER B 160 17.29 10.52 -9.40
C SER B 160 16.75 10.37 -10.81
N PRO B 161 15.93 11.30 -11.30
CA PRO B 161 15.48 11.21 -12.69
C PRO B 161 16.60 11.31 -13.70
N THR B 162 17.76 11.86 -13.31
CA THR B 162 18.92 11.98 -14.19
C THR B 162 20.16 11.50 -13.44
N PRO B 163 20.26 10.18 -13.21
CA PRO B 163 21.40 9.67 -12.44
C PRO B 163 22.75 9.95 -13.07
N TRP B 164 22.84 9.92 -14.40
CA TRP B 164 24.14 10.05 -15.05
C TRP B 164 24.78 11.41 -14.83
N ARG B 165 24.02 12.40 -14.36
CA ARG B 165 24.57 13.70 -14.01
C ARG B 165 24.98 13.79 -12.54
N LEU B 166 25.36 12.66 -11.94
CA LEU B 166 25.72 12.64 -10.53
C LEU B 166 27.16 13.08 -10.33
N ARG B 167 27.38 13.90 -9.32
CA ARG B 167 28.72 14.36 -8.98
C ARG B 167 28.79 14.59 -7.48
N ASN B 168 29.99 14.51 -6.93
CA ASN B 168 30.19 14.56 -5.49
C ASN B 168 31.35 15.50 -5.15
N HIS B 169 31.31 16.02 -3.93
CA HIS B 169 32.37 16.87 -3.42
C HIS B 169 32.47 16.68 -1.93
N ASP B 170 33.61 17.06 -1.36
CA ASP B 170 33.89 16.87 0.06
C ASP B 170 33.87 18.21 0.77
N CYS B 171 33.32 18.22 1.99
CA CYS B 171 33.11 19.45 2.76
C CYS B 171 33.73 19.33 4.14
N GLY B 172 34.98 18.88 4.19
CA GLY B 172 35.71 18.84 5.44
C GLY B 172 35.65 17.49 6.13
N MET B 173 35.76 17.50 7.46
CA MET B 173 35.81 16.28 8.25
C MET B 173 34.72 16.30 9.30
N TYR B 174 34.43 15.12 9.84
CA TYR B 174 33.45 14.99 10.93
C TYR B 174 33.86 13.79 11.78
N ARG B 175 34.30 14.06 13.01
CA ARG B 175 34.70 13.01 13.94
C ARG B 175 35.68 12.03 13.29
N GLY B 176 36.64 12.59 12.55
CA GLY B 176 37.63 11.80 11.86
C GLY B 176 37.23 11.39 10.46
N PHE B 177 35.95 11.12 10.23
CA PHE B 177 35.48 10.81 8.89
C PHE B 177 35.62 12.03 7.99
N GLN B 178 35.56 11.77 6.69
CA GLN B 178 35.51 12.83 5.69
C GLN B 178 34.13 12.84 5.07
N ARG B 179 33.49 14.01 5.07
CA ARG B 179 32.12 14.15 4.58
C ARG B 179 32.14 14.32 3.07
N ASN B 180 31.59 13.36 2.34
CA ASN B 180 31.43 13.44 0.91
C ASN B 180 29.95 13.62 0.58
N TYR B 181 29.64 14.61 -0.23
CA TYR B 181 28.27 14.95 -0.57
C TYR B 181 28.00 14.59 -2.02
N PHE B 182 26.80 14.08 -2.28
CA PHE B 182 26.38 13.67 -3.60
C PHE B 182 25.30 14.62 -4.12
N TYR B 183 25.41 15.01 -5.38
CA TYR B 183 24.47 15.94 -5.98
C TYR B 183 24.42 15.70 -7.47
N ILE B 184 23.37 16.22 -8.11
CA ILE B 184 23.20 16.14 -9.55
C ILE B 184 23.68 17.46 -10.16
N GLY B 185 24.61 17.37 -11.10
CA GLY B 185 25.21 18.55 -11.68
C GLY B 185 24.79 18.80 -13.12
N ARG B 186 25.75 19.23 -13.95
CA ARG B 186 25.56 19.58 -15.35
C ARG B 186 24.81 20.90 -15.51
N ALA B 187 24.40 21.56 -14.42
CA ALA B 187 23.84 22.90 -14.55
C ALA B 187 24.82 23.83 -15.24
N ASP B 188 26.12 23.59 -15.06
CA ASP B 188 27.18 24.24 -15.81
C ASP B 188 27.92 23.18 -16.63
N ALA B 189 28.74 23.65 -17.57
CA ALA B 189 29.44 22.74 -18.46
C ALA B 189 30.36 21.81 -17.67
N GLU B 190 30.26 20.52 -17.96
CA GLU B 190 31.16 19.49 -17.44
C GLU B 190 31.21 19.61 -15.92
N ASP B 191 32.38 19.61 -15.29
CA ASP B 191 32.53 19.56 -13.84
C ASP B 191 32.61 20.93 -13.20
N CYS B 192 32.40 22.00 -13.97
CA CYS B 192 32.62 23.35 -13.44
C CYS B 192 31.73 23.62 -12.23
N TRP B 193 30.46 23.25 -12.32
CA TRP B 193 29.52 23.61 -11.27
C TRP B 193 29.81 22.84 -9.99
N LYS B 194 29.86 23.56 -8.87
CA LYS B 194 30.02 22.95 -7.55
C LYS B 194 29.02 23.61 -6.62
N PRO B 195 28.05 22.87 -6.08
CA PRO B 195 27.05 23.49 -5.20
C PRO B 195 27.70 24.19 -4.03
N ALA B 196 26.88 24.96 -3.31
CA ALA B 196 27.32 25.61 -2.09
C ALA B 196 27.39 24.60 -0.96
N CYS B 197 28.37 24.76 -0.09
CA CYS B 197 28.56 23.84 1.02
C CYS B 197 27.34 23.89 1.94
N PRO B 198 26.77 22.75 2.34
CA PRO B 198 25.64 22.78 3.25
C PRO B 198 26.01 23.46 4.57
N ASP B 199 25.06 24.20 5.11
CA ASP B 199 25.30 25.01 6.30
C ASP B 199 24.82 24.36 7.59
N GLU B 200 24.13 23.23 7.52
CA GLU B 200 23.68 22.58 8.75
C GLU B 200 23.34 21.13 8.47
N GLU B 201 23.62 20.27 9.45
CA GLU B 201 23.21 18.88 9.43
C GLU B 201 23.30 18.37 10.86
N PRO B 202 22.34 17.54 11.32
CA PRO B 202 21.16 17.06 10.61
C PRO B 202 20.08 18.14 10.56
N ASP B 203 19.34 18.22 9.46
CA ASP B 203 18.33 19.24 9.28
C ASP B 203 16.94 18.61 9.48
N ARG B 204 15.90 19.40 9.22
CA ARG B 204 14.53 18.95 9.47
C ARG B 204 14.19 17.67 8.73
N CYS B 205 14.87 17.40 7.62
CA CYS B 205 14.56 16.24 6.79
C CYS B 205 15.46 15.05 7.09
N TRP B 206 16.35 15.15 8.07
CA TRP B 206 17.31 14.08 8.30
C TRP B 206 16.62 12.79 8.75
N THR B 207 15.60 12.90 9.59
CA THR B 207 14.97 11.69 10.13
C THR B 207 14.40 10.82 9.02
N VAL B 208 13.62 11.42 8.12
CA VAL B 208 12.94 10.63 7.10
C VAL B 208 13.94 10.08 6.08
N ILE B 209 14.88 10.91 5.64
CA ILE B 209 15.75 10.51 4.54
C ILE B 209 16.57 9.29 4.94
N GLN B 210 17.17 9.32 6.13
CA GLN B 210 18.07 8.24 6.53
C GLN B 210 17.36 6.93 6.80
N ARG B 211 16.04 6.87 6.66
CA ARG B 211 15.32 5.61 6.75
C ARG B 211 15.24 4.89 5.42
N TYR B 212 15.79 5.46 4.35
CA TYR B 212 15.74 4.88 3.02
C TYR B 212 17.15 4.56 2.55
N ARG B 213 17.32 3.35 2.03
CA ARG B 213 18.63 2.87 1.61
C ARG B 213 19.09 3.57 0.34
N LEU B 214 20.41 3.62 0.16
CA LEU B 214 21.03 4.16 -1.04
C LEU B 214 21.74 3.03 -1.76
N PRO B 215 21.36 2.66 -2.99
CA PRO B 215 22.01 1.52 -3.64
C PRO B 215 23.51 1.73 -3.79
N GLY B 216 24.25 0.65 -3.65
CA GLY B 216 25.71 0.69 -3.68
C GLY B 216 26.30 0.72 -2.28
N ASP B 217 27.62 0.56 -2.25
CA ASP B 217 28.35 0.53 -0.99
C ASP B 217 28.67 1.95 -0.53
N CYS B 218 28.24 2.29 0.68
CA CYS B 218 28.48 3.62 1.24
C CYS B 218 27.96 3.61 2.67
N TYR B 219 28.54 4.48 3.50
CA TYR B 219 28.23 4.54 4.91
C TYR B 219 27.60 5.88 5.25
N ARG B 220 26.46 5.85 5.94
CA ARG B 220 25.77 7.05 6.40
C ARG B 220 25.36 6.85 7.84
N SER B 221 25.52 7.88 8.66
CA SER B 221 24.98 7.84 10.01
C SER B 221 23.48 7.59 9.92
N GLN B 222 22.98 6.66 10.74
CA GLN B 222 21.62 6.20 10.61
C GLN B 222 20.88 6.31 11.93
N PRO B 223 19.56 6.51 11.89
CA PRO B 223 18.77 6.55 13.12
C PRO B 223 18.92 5.27 13.92
N HIS B 224 18.31 5.26 15.10
CA HIS B 224 18.32 4.11 15.97
C HIS B 224 17.39 3.02 15.44
N ASP C 202 -11.79 50.51 0.83
CA ASP C 202 -10.89 51.56 1.41
C ASP C 202 -9.45 51.39 0.93
N TYR C 203 -8.95 50.16 1.01
CA TYR C 203 -7.55 49.86 0.75
C TYR C 203 -7.45 49.00 -0.50
N SER C 204 -6.53 49.37 -1.40
CA SER C 204 -6.37 48.64 -2.64
C SER C 204 -6.09 47.17 -2.35
N VAL C 205 -7.02 46.29 -2.70
CA VAL C 205 -6.88 44.88 -2.37
C VAL C 205 -5.67 44.31 -3.08
N ARG C 206 -4.86 43.55 -2.35
CA ARG C 206 -3.66 42.90 -2.88
C ARG C 206 -3.87 41.41 -2.89
N GLN C 207 -3.69 40.79 -4.05
CA GLN C 207 -3.86 39.35 -4.20
C GLN C 207 -2.56 38.58 -4.08
N SER C 208 -1.42 39.21 -4.39
CA SER C 208 -0.12 38.55 -4.29
C SER C 208 0.94 39.61 -4.02
N SER C 209 1.93 39.22 -3.21
CA SER C 209 2.97 40.15 -2.82
C SER C 209 3.77 40.63 -4.04
N VAL C 210 4.09 39.73 -4.96
CA VAL C 210 4.86 40.11 -6.14
C VAL C 210 4.16 41.22 -6.90
N SER C 211 2.82 41.24 -6.88
CA SER C 211 2.09 42.34 -7.50
C SER C 211 2.41 43.65 -6.81
N PHE C 212 2.50 43.65 -5.49
CA PHE C 212 2.76 44.87 -4.75
C PHE C 212 4.11 45.45 -5.18
N PRO C 213 4.17 46.70 -5.61
CA PRO C 213 5.45 47.25 -6.08
C PRO C 213 6.49 47.25 -4.98
N PRO C 214 7.74 46.97 -5.30
CA PRO C 214 8.84 47.23 -4.38
C PRO C 214 9.28 48.68 -4.50
N TRP C 215 10.34 49.04 -3.77
CA TRP C 215 10.87 50.39 -3.87
C TRP C 215 11.43 50.70 -5.26
N ARG C 216 11.68 49.67 -6.07
CA ARG C 216 12.22 49.90 -7.40
C ARG C 216 11.22 50.55 -8.33
N ASP C 217 9.93 50.42 -8.07
CA ASP C 217 8.89 50.92 -8.96
C ASP C 217 8.15 52.13 -8.41
N ILE C 218 7.85 52.16 -7.11
CA ILE C 218 7.12 53.29 -6.56
C ILE C 218 7.94 54.57 -6.75
N ASP C 219 7.23 55.70 -6.78
CA ASP C 219 7.86 56.99 -6.99
C ASP C 219 7.50 58.04 -5.95
N SER C 220 6.35 57.92 -5.29
CA SER C 220 5.96 58.90 -4.27
C SER C 220 5.01 58.24 -3.28
N VAL C 221 5.20 58.55 -2.00
CA VAL C 221 4.34 58.08 -0.92
C VAL C 221 3.71 59.29 -0.26
N THR C 222 2.40 59.27 -0.10
CA THR C 222 1.64 60.42 0.38
C THR C 222 0.90 60.08 1.66
N PHE C 223 0.62 61.12 2.45
CA PHE C 223 -0.11 60.99 3.70
C PHE C 223 -1.16 62.08 3.79
N VAL C 224 -2.23 61.81 4.52
CA VAL C 224 -3.25 62.80 4.82
C VAL C 224 -3.68 62.62 6.27
N PRO C 225 -3.50 63.62 7.13
CA PRO C 225 -3.92 63.48 8.53
C PRO C 225 -5.43 63.55 8.67
N ARG C 226 -5.89 63.30 9.90
CA ARG C 226 -7.33 63.31 10.19
C ARG C 226 -7.94 64.69 9.95
N ASN C 227 -7.13 65.75 9.99
CA ASN C 227 -7.66 67.09 9.81
C ASN C 227 -8.41 67.24 8.48
N LEU C 228 -8.04 66.45 7.48
CA LEU C 228 -8.77 66.41 6.21
C LEU C 228 -9.37 65.05 5.90
N SER C 229 -8.91 63.99 6.55
CA SER C 229 -9.42 62.65 6.31
C SER C 229 -10.52 62.32 7.30
N ASN C 230 -11.59 61.70 6.80
CA ASN C 230 -12.71 61.29 7.62
C ASN C 230 -12.55 59.89 8.21
N CYS C 231 -11.46 59.19 7.87
CA CYS C 231 -11.27 57.84 8.35
C CYS C 231 -11.06 57.82 9.87
N SER C 232 -11.55 56.75 10.51
CA SER C 232 -11.40 56.61 11.94
C SER C 232 -9.94 56.41 12.36
N ALA C 233 -9.08 56.02 11.42
CA ALA C 233 -7.66 55.82 11.72
C ALA C 233 -6.90 57.13 11.91
N HIS C 234 -7.58 58.27 11.92
CA HIS C 234 -6.96 59.58 12.13
C HIS C 234 -6.00 59.93 11.00
N GLY C 235 -6.22 59.37 9.82
CA GLY C 235 -5.40 59.69 8.67
C GLY C 235 -5.44 58.58 7.64
N LEU C 236 -4.70 58.81 6.57
CA LEU C 236 -4.59 57.83 5.49
C LEU C 236 -3.31 58.11 4.72
N ALA C 237 -2.85 57.11 3.97
CA ALA C 237 -1.68 57.24 3.14
C ALA C 237 -1.94 56.60 1.79
N VAL C 238 -1.34 57.17 0.75
CA VAL C 238 -1.50 56.67 -0.62
C VAL C 238 -0.14 56.74 -1.31
N ILE C 239 0.12 55.75 -2.17
CA ILE C 239 1.37 55.67 -2.91
C ILE C 239 1.04 55.60 -4.39
N VAL C 240 2.04 55.90 -5.22
CA VAL C 240 1.87 55.93 -6.66
C VAL C 240 2.96 55.08 -7.31
N ALA C 241 2.53 54.16 -8.16
CA ALA C 241 3.42 53.43 -9.06
C ALA C 241 2.90 53.64 -10.48
N GLY C 242 3.78 53.44 -11.46
CA GLY C 242 3.41 53.69 -12.84
C GLY C 242 2.06 53.11 -13.19
N ASN C 243 1.08 53.97 -13.44
CA ASN C 243 -0.29 53.59 -13.76
C ASN C 243 -0.95 52.74 -12.67
N GLN C 244 -0.51 52.90 -11.42
CA GLN C 244 -1.06 52.10 -10.32
C GLN C 244 -0.87 52.86 -9.02
N THR C 245 -1.97 53.21 -8.36
CA THR C 245 -1.95 53.82 -7.04
C THR C 245 -2.56 52.86 -6.04
N TRP C 246 -2.06 52.91 -4.81
CA TRP C 246 -2.47 51.99 -3.75
C TRP C 246 -2.81 52.75 -2.48
N TYR C 247 -3.82 52.27 -1.77
CA TYR C 247 -4.22 52.83 -0.49
C TYR C 247 -3.73 51.92 0.62
N VAL C 248 -3.07 52.51 1.62
CA VAL C 248 -2.44 51.76 2.70
C VAL C 248 -2.76 52.42 4.04
N ASN C 249 -2.85 51.61 5.07
CA ASN C 249 -3.13 52.13 6.41
C ASN C 249 -1.88 52.81 6.97
N PRO C 250 -2.03 53.96 7.64
CA PRO C 250 -0.83 54.66 8.12
C PRO C 250 0.03 53.87 9.10
N PHE C 251 -0.56 53.38 10.20
CA PHE C 251 0.25 52.92 11.32
C PHE C 251 1.17 51.77 10.92
N SER C 252 0.67 50.80 10.17
CA SER C 252 1.50 49.69 9.74
C SER C 252 2.66 50.18 8.89
N LEU C 253 2.36 51.07 7.95
CA LEU C 253 3.41 51.62 7.11
C LEU C 253 4.47 52.33 7.95
N ALA C 254 4.03 53.24 8.82
CA ALA C 254 4.97 54.00 9.63
C ALA C 254 5.83 53.09 10.49
N HIS C 255 5.23 52.01 11.00
CA HIS C 255 6.01 51.02 11.74
C HIS C 255 7.07 50.40 10.85
N LEU C 256 6.71 50.12 9.59
CA LEU C 256 7.68 49.55 8.66
C LEU C 256 8.84 50.50 8.41
N LEU C 257 8.55 51.78 8.18
CA LEU C 257 9.63 52.76 8.00
C LEU C 257 10.48 52.89 9.25
N ASP C 258 9.87 52.85 10.43
CA ASP C 258 10.67 52.91 11.66
C ASP C 258 11.60 51.71 11.74
N ALA C 259 11.09 50.52 11.41
CA ALA C 259 11.93 49.32 11.42
C ALA C 259 13.08 49.45 10.43
N ILE C 260 12.78 49.96 9.23
CA ILE C 260 13.83 50.12 8.22
C ILE C 260 14.89 51.11 8.71
N TYR C 261 14.45 52.22 9.31
CA TYR C 261 15.40 53.20 9.82
C TYR C 261 16.30 52.58 10.88
N ASN C 262 15.71 51.83 11.81
CA ASN C 262 16.52 51.19 12.84
C ASN C 262 17.51 50.19 12.24
N VAL C 263 17.05 49.41 11.25
CA VAL C 263 17.93 48.43 10.63
C VAL C 263 19.08 49.12 9.93
N LEU C 264 18.82 50.27 9.31
CA LEU C 264 19.85 51.04 8.63
C LEU C 264 20.52 52.07 9.54
N GLY C 265 20.13 52.13 10.82
CA GLY C 265 20.75 53.07 11.73
C GLY C 265 20.56 54.52 11.32
N ILE C 266 19.34 54.89 10.92
CA ILE C 266 19.06 56.24 10.45
C ILE C 266 18.52 57.14 11.55
N GLU C 267 18.47 56.66 12.79
CA GLU C 267 17.89 57.45 13.88
C GLU C 267 18.52 58.84 13.97
N ASP C 268 19.82 58.95 13.68
CA ASP C 268 20.47 60.25 13.74
C ASP C 268 19.87 61.22 12.73
N LEU C 269 19.59 60.75 11.52
CA LEU C 269 19.05 61.59 10.46
C LEU C 269 17.53 61.55 10.39
N SER C 270 16.87 60.82 11.28
CA SER C 270 15.44 60.62 11.22
C SER C 270 14.63 61.60 12.06
N ALA C 271 15.30 62.53 12.76
CA ALA C 271 14.62 63.40 13.71
C ALA C 271 13.38 64.04 13.08
N ASN C 272 13.58 64.85 12.05
CA ASN C 272 12.45 65.56 11.43
C ASN C 272 11.46 64.57 10.83
N PHE C 273 11.96 63.56 10.12
CA PHE C 273 11.06 62.62 9.47
C PHE C 273 10.22 61.87 10.49
N ARG C 274 10.86 61.26 11.48
CA ARG C 274 10.11 60.50 12.49
C ARG C 274 9.16 61.40 13.26
N ARG C 275 9.58 62.65 13.53
CA ARG C 275 8.66 63.60 14.15
C ARG C 275 7.44 63.81 13.29
N GLN C 276 7.63 63.91 11.97
CA GLN C 276 6.50 64.10 11.08
C GLN C 276 5.62 62.85 11.04
N LEU C 277 6.19 61.67 11.24
CA LEU C 277 5.39 60.44 11.29
C LEU C 277 4.73 60.23 12.64
N ALA C 278 5.03 61.07 13.63
CA ALA C 278 4.47 60.87 14.97
C ALA C 278 2.96 60.75 14.98
N PRO C 279 2.19 61.58 14.26
CA PRO C 279 0.73 61.45 14.30
C PRO C 279 0.22 60.09 13.84
N TYR C 280 0.97 59.37 13.02
CA TYR C 280 0.53 58.11 12.46
C TYR C 280 1.11 56.88 13.15
N ARG C 281 2.14 57.05 13.98
CA ARG C 281 2.72 55.93 14.72
C ARG C 281 1.88 55.52 15.91
N HIS C 282 0.69 56.09 16.06
CA HIS C 282 -0.18 55.79 17.19
C HIS C 282 -0.89 54.46 16.94
N THR C 283 -1.90 54.17 17.76
CA THR C 283 -2.68 52.94 17.67
C THR C 283 -1.86 51.72 18.05
N LEU C 284 -0.90 51.88 18.96
CA LEU C 284 -0.15 50.73 19.46
C LEU C 284 -1.13 49.71 20.04
N ILE C 285 -1.00 48.47 19.61
CA ILE C 285 -2.03 47.46 19.86
C ILE C 285 -1.91 47.00 21.31
N VAL C 286 -2.76 47.54 22.17
CA VAL C 286 -2.96 47.02 23.51
C VAL C 286 -3.65 45.67 23.33
N PRO C 287 -3.44 44.69 24.20
CA PRO C 287 -3.97 43.34 23.92
C PRO C 287 -5.46 43.32 23.60
N GLN C 288 -6.26 44.14 24.26
CA GLN C 288 -7.69 44.21 23.94
C GLN C 288 -7.89 44.89 22.58
N GLU D 45 -29.96 10.35 -58.58
CA GLU D 45 -29.13 11.31 -57.80
C GLU D 45 -28.74 10.73 -56.44
N ASN D 46 -27.64 11.22 -55.88
CA ASN D 46 -27.11 10.82 -54.58
C ASN D 46 -26.68 9.36 -54.54
N ALA D 47 -26.53 8.71 -55.69
CA ALA D 47 -26.05 7.34 -55.73
C ALA D 47 -24.52 7.31 -55.64
N ILE D 48 -23.98 6.11 -55.48
CA ILE D 48 -22.54 5.89 -55.42
C ILE D 48 -22.12 5.16 -56.68
N SER D 49 -21.03 5.61 -57.29
CA SER D 49 -20.58 5.14 -58.59
C SER D 49 -19.41 4.19 -58.41
N PHE D 50 -19.55 2.97 -58.95
CA PHE D 50 -18.44 2.02 -59.07
C PHE D 50 -17.99 2.00 -60.52
N ASN D 51 -16.74 2.35 -60.76
CA ASN D 51 -16.20 2.46 -62.11
C ASN D 51 -14.86 1.75 -62.19
N PHE D 52 -14.51 1.33 -63.41
CA PHE D 52 -13.29 0.56 -63.63
C PHE D 52 -12.48 1.11 -64.81
N PHE D 53 -12.73 2.36 -65.22
CA PHE D 53 -11.91 3.06 -66.20
C PHE D 53 -11.82 2.29 -67.52
N GLN D 54 -12.98 2.21 -68.19
CA GLN D 54 -13.02 1.61 -69.51
C GLN D 54 -11.94 2.21 -70.42
N SER D 55 -11.85 3.55 -70.44
CA SER D 55 -10.81 4.23 -71.20
C SER D 55 -10.69 5.65 -70.66
N TYR D 56 -9.59 6.30 -71.03
CA TYR D 56 -9.42 7.69 -70.62
C TYR D 56 -10.54 8.57 -71.16
N ASN D 57 -11.01 8.28 -72.38
CA ASN D 57 -12.11 9.04 -72.94
C ASN D 57 -13.39 8.86 -72.12
N GLN D 58 -13.70 7.63 -71.72
CA GLN D 58 -14.91 7.34 -70.97
C GLN D 58 -14.72 6.07 -70.15
N TYR D 59 -15.47 5.97 -69.07
CA TYR D 59 -15.39 4.84 -68.16
C TYR D 59 -16.76 4.20 -67.99
N TYR D 60 -16.78 2.90 -67.74
CA TYR D 60 -18.01 2.20 -67.41
C TYR D 60 -18.26 2.28 -65.91
N VAL D 61 -19.52 2.43 -65.54
CA VAL D 61 -19.90 2.69 -64.16
C VAL D 61 -21.05 1.78 -63.75
N PHE D 62 -21.12 1.51 -62.45
CA PHE D 62 -22.28 0.90 -61.82
C PHE D 62 -22.90 1.95 -60.90
N HIS D 63 -24.18 2.22 -61.08
CA HIS D 63 -24.88 3.25 -60.31
C HIS D 63 -25.67 2.58 -59.18
N MET D 64 -24.93 2.19 -58.15
CA MET D 64 -25.53 1.49 -57.02
C MET D 64 -26.33 2.47 -56.16
N PRO D 65 -27.62 2.24 -55.94
CA PRO D 65 -28.37 3.13 -55.04
C PRO D 65 -27.76 3.15 -53.65
N ARG D 66 -27.76 4.33 -53.03
CA ARG D 66 -27.24 4.47 -51.68
C ARG D 66 -28.17 3.90 -50.62
N CYS D 67 -29.44 3.66 -50.97
CA CYS D 67 -30.37 3.08 -50.01
C CYS D 67 -29.90 1.70 -49.56
N LEU D 68 -29.31 0.92 -50.48
CA LEU D 68 -28.80 -0.39 -50.13
C LEU D 68 -27.73 -0.33 -49.06
N PHE D 69 -27.06 0.82 -48.91
CA PHE D 69 -26.09 1.04 -47.87
C PHE D 69 -26.65 1.89 -46.73
N ALA D 70 -27.96 2.12 -46.71
CA ALA D 70 -28.55 2.96 -45.67
C ALA D 70 -28.34 2.35 -44.29
N GLY D 71 -28.49 1.03 -44.17
CA GLY D 71 -28.40 0.37 -42.89
C GLY D 71 -27.04 0.56 -42.24
N PRO D 72 -27.02 0.68 -40.90
CA PRO D 72 -25.74 0.88 -40.21
C PRO D 72 -24.81 -0.32 -40.29
N LEU D 73 -25.31 -1.50 -40.62
CA LEU D 73 -24.46 -2.69 -40.67
C LEU D 73 -23.34 -2.55 -41.69
N ALA D 74 -23.47 -1.64 -42.65
CA ALA D 74 -22.38 -1.40 -43.60
C ALA D 74 -21.21 -0.73 -42.90
N GLU D 75 -21.47 0.32 -42.12
CA GLU D 75 -20.40 1.06 -41.49
C GLU D 75 -19.67 0.21 -40.46
N GLN D 76 -20.40 -0.41 -39.54
CA GLN D 76 -19.76 -1.22 -38.52
C GLN D 76 -19.03 -2.42 -39.11
N PHE D 77 -19.30 -2.77 -40.36
CA PHE D 77 -18.44 -3.72 -41.06
C PHE D 77 -17.15 -3.05 -41.51
N LEU D 78 -17.25 -1.80 -41.97
CA LEU D 78 -16.09 -1.11 -42.51
C LEU D 78 -15.05 -0.81 -41.44
N ASN D 79 -15.49 -0.32 -40.28
CA ASN D 79 -14.56 0.16 -39.27
C ASN D 79 -13.71 -0.96 -38.67
N GLN D 80 -14.07 -2.22 -38.90
CA GLN D 80 -13.33 -3.34 -38.31
C GLN D 80 -12.11 -3.74 -39.12
N VAL D 81 -11.93 -3.20 -40.32
CA VAL D 81 -10.83 -3.58 -41.20
C VAL D 81 -10.14 -2.32 -41.69
N ASP D 82 -8.81 -2.28 -41.57
CA ASP D 82 -8.01 -1.20 -42.13
C ASP D 82 -7.71 -1.55 -43.58
N LEU D 83 -8.21 -0.74 -44.51
CA LEU D 83 -8.04 -1.01 -45.93
C LEU D 83 -6.69 -0.55 -46.46
N THR D 84 -5.87 0.09 -45.64
CA THR D 84 -4.55 0.54 -46.05
C THR D 84 -3.46 -0.51 -45.84
N GLU D 85 -3.79 -1.63 -45.19
CA GLU D 85 -2.78 -2.63 -44.89
C GLU D 85 -2.26 -3.28 -46.16
N THR D 86 -0.96 -3.51 -46.21
CA THR D 86 -0.33 -4.17 -47.35
C THR D 86 -0.38 -5.69 -47.17
N LEU D 87 -0.08 -6.40 -48.25
CA LEU D 87 -0.05 -7.86 -48.19
C LEU D 87 0.92 -8.35 -47.14
N GLU D 88 1.99 -7.61 -46.88
CA GLU D 88 2.96 -8.04 -45.87
C GLU D 88 2.31 -8.13 -44.49
N ARG D 89 1.49 -7.14 -44.13
CA ARG D 89 0.82 -7.17 -42.84
C ARG D 89 -0.11 -8.37 -42.74
N TYR D 90 -0.88 -8.65 -43.79
CA TYR D 90 -1.78 -9.79 -43.77
C TYR D 90 -1.00 -11.10 -43.63
N GLN D 91 0.13 -11.21 -44.33
CA GLN D 91 0.97 -12.39 -44.17
C GLN D 91 1.48 -12.50 -42.74
N GLN D 92 1.85 -11.37 -42.14
CA GLN D 92 2.33 -11.38 -40.76
C GLN D 92 1.25 -11.86 -39.80
N ARG D 93 0.01 -11.39 -39.98
CA ARG D 93 -1.06 -11.79 -39.07
C ARG D 93 -1.29 -13.30 -39.14
N LEU D 94 -1.34 -13.86 -40.34
CA LEU D 94 -1.54 -15.29 -40.47
C LEU D 94 -0.37 -16.08 -39.89
N ASN D 95 0.83 -15.48 -39.86
CA ASN D 95 1.99 -16.18 -39.35
C ASN D 95 1.89 -16.48 -37.86
N THR D 96 0.95 -15.87 -37.15
CA THR D 96 0.83 -16.02 -35.71
C THR D 96 -0.29 -16.97 -35.29
N TYR D 97 -1.20 -17.33 -36.19
CA TYR D 97 -2.29 -18.23 -35.88
C TYR D 97 -1.94 -19.63 -36.35
N ALA D 98 -1.82 -20.57 -35.43
CA ALA D 98 -1.44 -21.92 -35.77
C ALA D 98 -2.46 -22.53 -36.73
N LEU D 99 -1.96 -23.28 -37.70
CA LEU D 99 -2.79 -23.87 -38.75
C LEU D 99 -3.00 -25.36 -38.50
N VAL D 100 -4.11 -25.87 -39.02
CA VAL D 100 -4.54 -27.24 -38.72
C VAL D 100 -3.45 -28.24 -39.08
N SER D 101 -3.11 -28.31 -40.37
CA SER D 101 -2.24 -29.38 -40.85
C SER D 101 -0.78 -29.16 -40.51
N LYS D 102 -0.39 -27.93 -40.15
CA LYS D 102 1.02 -27.61 -39.91
C LYS D 102 1.38 -27.57 -38.44
N ASP D 103 0.42 -27.31 -37.56
CA ASP D 103 0.73 -27.16 -36.14
C ASP D 103 -0.17 -28.01 -35.27
N LEU D 104 -1.40 -28.24 -35.71
CA LEU D 104 -2.39 -29.00 -34.97
C LEU D 104 -2.57 -30.37 -35.59
N ALA D 105 -3.46 -31.16 -34.98
CA ALA D 105 -3.79 -32.47 -35.53
C ALA D 105 -4.34 -32.32 -36.94
N SER D 106 -3.94 -33.23 -37.82
CA SER D 106 -4.30 -33.13 -39.22
C SER D 106 -5.81 -33.21 -39.40
N TYR D 107 -6.28 -32.60 -40.48
CA TYR D 107 -7.70 -32.59 -40.78
C TYR D 107 -8.20 -34.00 -41.10
N ARG D 108 -9.39 -34.33 -40.58
CA ARG D 108 -10.03 -35.60 -40.89
C ARG D 108 -11.53 -35.42 -40.70
N SER D 109 -12.29 -36.29 -41.33
CA SER D 109 -13.73 -36.13 -41.45
C SER D 109 -14.46 -37.34 -40.89
N PHE D 110 -15.71 -37.11 -40.47
CA PHE D 110 -16.60 -38.15 -39.99
C PHE D 110 -17.91 -38.07 -40.77
N SER D 111 -18.57 -39.22 -40.91
CA SER D 111 -19.83 -39.28 -41.63
C SER D 111 -20.72 -40.36 -41.04
N GLN D 112 -21.93 -39.97 -40.64
CA GLN D 112 -22.90 -40.90 -40.08
C GLN D 112 -24.29 -40.29 -40.25
N GLN D 113 -25.31 -41.13 -40.10
CA GLN D 113 -26.69 -40.66 -40.14
C GLN D 113 -26.95 -39.81 -38.90
N LEU D 114 -27.03 -38.49 -39.09
CA LEU D 114 -27.22 -37.56 -37.98
C LEU D 114 -28.71 -37.46 -37.69
N LYS D 115 -29.18 -38.35 -36.81
CA LYS D 115 -30.58 -38.35 -36.39
C LYS D 115 -30.70 -39.23 -35.16
N ALA D 116 -31.70 -38.92 -34.34
CA ALA D 116 -31.95 -39.69 -33.12
C ALA D 116 -32.28 -41.14 -33.46
N LEU D 158 -47.84 -23.65 -27.07
CA LEU D 158 -47.14 -24.39 -28.11
C LEU D 158 -46.13 -23.50 -28.85
N HIS D 159 -45.97 -22.26 -28.37
CA HIS D 159 -45.05 -21.33 -28.99
C HIS D 159 -43.61 -21.84 -28.84
N ARG D 160 -42.81 -21.59 -29.87
CA ARG D 160 -41.43 -22.06 -29.78
C ARG D 160 -40.57 -21.04 -29.05
N PRO D 161 -39.49 -21.47 -28.39
CA PRO D 161 -38.66 -20.53 -27.63
C PRO D 161 -37.92 -19.57 -28.55
N HIS D 162 -37.47 -18.46 -27.95
CA HIS D 162 -36.68 -17.47 -28.66
C HIS D 162 -35.46 -17.13 -27.81
N PHE D 163 -34.38 -16.74 -28.49
CA PHE D 163 -33.16 -16.33 -27.80
C PHE D 163 -33.35 -14.94 -27.20
N ASN D 164 -33.85 -14.88 -25.97
CA ASN D 164 -34.14 -13.61 -25.32
C ASN D 164 -32.87 -13.02 -24.72
N GLN D 165 -31.82 -12.90 -25.54
CA GLN D 165 -30.53 -12.42 -25.06
C GLN D 165 -29.63 -12.22 -26.26
N THR D 166 -28.82 -11.16 -26.21
CA THR D 166 -27.97 -10.79 -27.34
C THR D 166 -26.53 -10.61 -26.87
N CYS D 167 -25.60 -10.87 -27.78
CA CYS D 167 -24.18 -10.72 -27.48
C CYS D 167 -23.45 -10.35 -28.76
N ILE D 168 -22.29 -9.72 -28.59
CA ILE D 168 -21.46 -9.28 -29.71
C ILE D 168 -20.41 -10.35 -29.96
N LEU D 169 -20.58 -11.09 -31.06
CA LEU D 169 -19.69 -12.20 -31.36
C LEU D 169 -18.37 -11.70 -31.91
N PHE D 170 -17.27 -12.26 -31.40
CA PHE D 170 -15.93 -11.97 -31.90
C PHE D 170 -15.64 -10.47 -31.88
N ASP D 171 -15.71 -9.88 -30.69
CA ASP D 171 -15.41 -8.46 -30.56
C ASP D 171 -13.91 -8.23 -30.61
N GLY D 172 -13.49 -7.26 -31.43
CA GLY D 172 -12.09 -6.93 -31.52
C GLY D 172 -11.20 -8.03 -32.01
N HIS D 173 -11.74 -9.01 -32.72
CA HIS D 173 -10.95 -10.12 -33.21
C HIS D 173 -10.11 -9.68 -34.41
N ASP D 174 -9.17 -10.55 -34.82
CA ASP D 174 -8.26 -10.24 -35.90
C ASP D 174 -8.75 -10.79 -37.24
N LEU D 175 -9.11 -12.07 -37.29
CA LEU D 175 -9.44 -12.72 -38.55
C LEU D 175 -10.94 -12.73 -38.85
N LEU D 176 -11.78 -12.20 -37.96
CA LEU D 176 -13.22 -12.38 -38.07
C LEU D 176 -13.94 -11.05 -37.93
N PHE D 177 -15.11 -10.97 -38.56
CA PHE D 177 -15.95 -9.78 -38.48
C PHE D 177 -16.80 -9.84 -37.22
N SER D 178 -16.88 -8.71 -36.51
CA SER D 178 -17.73 -8.62 -35.33
C SER D 178 -19.17 -8.34 -35.76
N THR D 179 -20.11 -9.06 -35.17
CA THR D 179 -21.52 -8.94 -35.50
C THR D 179 -22.36 -8.98 -34.22
N VAL D 180 -23.54 -8.38 -34.29
CA VAL D 180 -24.49 -8.35 -33.18
C VAL D 180 -25.69 -9.19 -33.56
N THR D 181 -25.92 -10.26 -32.83
CA THR D 181 -26.96 -11.23 -33.15
C THR D 181 -27.60 -11.73 -31.87
N PRO D 182 -28.84 -12.22 -31.94
CA PRO D 182 -29.41 -12.93 -30.79
C PRO D 182 -28.64 -14.21 -30.53
N CYS D 183 -28.51 -14.55 -29.25
CA CYS D 183 -27.62 -15.64 -28.86
C CYS D 183 -28.00 -16.13 -27.47
N LEU D 184 -27.48 -17.30 -27.13
CA LEU D 184 -27.53 -17.83 -25.77
C LEU D 184 -26.12 -17.79 -25.21
N HIS D 185 -25.84 -16.79 -24.38
CA HIS D 185 -24.50 -16.51 -23.90
C HIS D 185 -24.41 -16.88 -22.42
N GLN D 186 -23.41 -17.69 -22.07
CA GLN D 186 -23.32 -18.26 -20.74
C GLN D 186 -21.84 -18.42 -20.39
N GLY D 187 -21.38 -17.74 -19.35
CA GLY D 187 -19.97 -17.70 -19.00
C GLY D 187 -19.70 -18.38 -17.68
N PHE D 188 -18.59 -19.13 -17.64
CA PHE D 188 -18.14 -19.82 -16.44
C PHE D 188 -16.79 -19.26 -16.02
N TYR D 189 -16.64 -18.94 -14.74
CA TYR D 189 -15.43 -18.34 -14.20
C TYR D 189 -14.89 -19.24 -13.11
N LEU D 190 -13.70 -19.79 -13.34
CA LEU D 190 -13.12 -20.77 -12.43
C LEU D 190 -12.67 -20.10 -11.14
N MET D 191 -12.14 -20.92 -10.22
CA MET D 191 -11.53 -20.39 -9.01
C MET D 191 -10.50 -19.33 -9.35
N ASP D 192 -9.59 -19.63 -10.26
CA ASP D 192 -8.53 -18.70 -10.62
C ASP D 192 -9.11 -17.54 -11.42
N GLU D 193 -8.81 -16.32 -10.99
CA GLU D 193 -9.32 -15.14 -11.69
C GLU D 193 -8.74 -15.01 -13.08
N LEU D 194 -7.70 -15.77 -13.42
CA LEU D 194 -7.04 -15.68 -14.72
C LEU D 194 -7.62 -16.65 -15.74
N ARG D 195 -8.61 -17.45 -15.39
CA ARG D 195 -9.19 -18.43 -16.29
C ARG D 195 -10.69 -18.29 -16.31
N TYR D 196 -11.29 -18.61 -17.46
CA TYR D 196 -12.74 -18.67 -17.58
C TYR D 196 -13.09 -19.24 -18.95
N VAL D 197 -14.21 -19.96 -18.98
CA VAL D 197 -14.71 -20.56 -20.20
C VAL D 197 -16.10 -19.99 -20.47
N LYS D 198 -16.33 -19.56 -21.71
CA LYS D 198 -17.58 -18.94 -22.10
C LYS D 198 -18.19 -19.73 -23.25
N ILE D 199 -19.48 -20.06 -23.13
CA ILE D 199 -20.21 -20.81 -24.14
C ILE D 199 -21.22 -19.88 -24.77
N THR D 200 -21.19 -19.79 -26.10
CA THR D 200 -22.15 -19.00 -26.86
C THR D 200 -22.73 -19.87 -27.96
N LEU D 201 -24.03 -19.73 -28.18
CA LEU D 201 -24.75 -20.53 -29.17
C LEU D 201 -25.60 -19.61 -30.02
N THR D 202 -25.77 -19.99 -31.28
CA THR D 202 -26.63 -19.25 -32.21
C THR D 202 -27.58 -20.23 -32.90
N GLU D 203 -28.28 -19.73 -33.92
CA GLU D 203 -29.30 -20.55 -34.57
C GLU D 203 -28.70 -21.76 -35.26
N ASP D 204 -27.55 -21.58 -35.94
CA ASP D 204 -26.97 -22.64 -36.75
C ASP D 204 -25.57 -23.06 -36.32
N PHE D 205 -24.91 -22.30 -35.45
CA PHE D 205 -23.57 -22.65 -35.01
C PHE D 205 -23.37 -22.07 -33.61
N PHE D 206 -22.38 -22.61 -32.91
CA PHE D 206 -22.07 -22.17 -31.56
C PHE D 206 -20.57 -21.95 -31.43
N VAL D 207 -20.18 -21.28 -30.35
CA VAL D 207 -18.81 -20.87 -30.11
C VAL D 207 -18.42 -21.25 -28.71
N VAL D 208 -17.18 -21.70 -28.54
CA VAL D 208 -16.60 -22.02 -27.24
C VAL D 208 -15.35 -21.19 -27.07
N THR D 209 -15.33 -20.34 -26.05
CA THR D 209 -14.22 -19.44 -25.78
C THR D 209 -13.48 -19.91 -24.54
N VAL D 210 -12.18 -20.13 -24.68
CA VAL D 210 -11.33 -20.54 -23.56
C VAL D 210 -10.26 -19.46 -23.40
N SER D 211 -10.21 -18.87 -22.22
CA SER D 211 -9.31 -17.75 -21.94
C SER D 211 -8.35 -18.11 -20.82
N ILE D 212 -7.10 -17.71 -20.98
CA ILE D 212 -6.06 -17.94 -19.98
C ILE D 212 -5.28 -16.65 -19.79
N ASP D 213 -5.18 -16.20 -18.55
CA ASP D 213 -4.35 -15.04 -18.20
C ASP D 213 -4.73 -13.80 -18.99
N ASP D 214 -6.01 -13.68 -19.33
CA ASP D 214 -6.61 -12.50 -19.97
C ASP D 214 -6.06 -12.25 -21.37
N ASP D 215 -5.22 -13.13 -21.92
CA ASP D 215 -4.68 -12.92 -23.25
C ASP D 215 -5.76 -13.24 -24.29
N THR D 216 -5.39 -13.23 -25.57
CA THR D 216 -6.33 -13.56 -26.61
C THR D 216 -6.78 -15.02 -26.44
N PRO D 217 -8.08 -15.30 -26.46
CA PRO D 217 -8.55 -16.64 -26.15
C PRO D 217 -8.57 -17.56 -27.37
N MET D 218 -8.60 -18.86 -27.08
CA MET D 218 -8.79 -19.87 -28.10
C MET D 218 -10.27 -20.01 -28.41
N LEU D 219 -10.59 -20.18 -29.69
CA LEU D 219 -11.97 -20.26 -30.16
C LEU D 219 -12.21 -21.60 -30.82
N LEU D 220 -13.28 -22.27 -30.44
CA LEU D 220 -13.80 -23.44 -31.13
C LEU D 220 -15.17 -23.12 -31.69
N ILE D 221 -15.34 -23.30 -32.99
CA ILE D 221 -16.58 -22.96 -33.67
C ILE D 221 -17.08 -24.21 -34.39
N PHE D 222 -18.37 -24.51 -34.21
CA PHE D 222 -18.98 -25.70 -34.77
C PHE D 222 -20.36 -25.36 -35.30
N GLY D 223 -20.72 -25.97 -36.43
CA GLY D 223 -22.01 -25.74 -37.04
C GLY D 223 -21.88 -25.33 -38.49
N HIS D 224 -22.91 -24.67 -39.02
CA HIS D 224 -22.85 -24.14 -40.37
C HIS D 224 -22.18 -22.78 -40.34
N LEU D 225 -21.06 -22.66 -41.03
CA LEU D 225 -20.29 -21.42 -40.99
C LEU D 225 -20.70 -20.52 -42.14
N PRO D 226 -20.84 -19.21 -41.92
CA PRO D 226 -21.21 -18.32 -43.03
C PRO D 226 -20.08 -18.20 -44.05
N ARG D 227 -20.46 -17.77 -45.25
CA ARG D 227 -19.51 -17.73 -46.36
C ARG D 227 -18.42 -16.71 -46.15
N VAL D 228 -18.73 -15.60 -45.49
CA VAL D 228 -17.83 -14.44 -45.46
C VAL D 228 -17.44 -14.10 -44.03
N LEU D 229 -17.28 -15.12 -43.19
CA LEU D 229 -16.93 -14.88 -41.80
C LEU D 229 -15.61 -14.14 -41.66
N PHE D 230 -14.60 -14.53 -42.43
CA PHE D 230 -13.26 -13.99 -42.27
C PHE D 230 -13.20 -12.53 -42.72
N LYS D 231 -12.34 -11.75 -42.04
CA LYS D 231 -12.18 -10.34 -42.34
C LYS D 231 -11.24 -10.08 -43.51
N ALA D 232 -10.46 -11.06 -43.93
CA ALA D 232 -9.57 -10.93 -45.07
C ALA D 232 -9.61 -12.23 -45.85
N PRO D 233 -9.28 -12.18 -47.14
CA PRO D 233 -9.39 -13.40 -47.96
C PRO D 233 -8.33 -14.43 -47.62
N TYR D 234 -8.48 -15.07 -46.47
CA TYR D 234 -7.58 -16.12 -46.04
C TYR D 234 -8.03 -17.47 -46.59
N GLN D 235 -7.14 -18.45 -46.49
CA GLN D 235 -7.44 -19.83 -46.88
C GLN D 235 -7.98 -20.55 -45.65
N ARG D 236 -9.31 -20.62 -45.54
CA ARG D 236 -9.93 -21.16 -44.33
C ARG D 236 -9.69 -22.65 -44.17
N ASP D 237 -9.24 -23.35 -45.21
CA ASP D 237 -9.04 -24.79 -45.12
C ASP D 237 -7.89 -25.12 -44.19
N ASN D 238 -7.12 -24.10 -43.79
CA ASN D 238 -6.08 -24.28 -42.79
C ASN D 238 -6.61 -24.16 -41.36
N PHE D 239 -7.92 -23.97 -41.19
CA PHE D 239 -8.50 -23.73 -39.88
C PHE D 239 -9.57 -24.73 -39.47
N ILE D 240 -10.20 -25.44 -40.41
CA ILE D 240 -11.20 -26.43 -40.06
C ILE D 240 -10.47 -27.68 -39.56
N LEU D 241 -10.64 -27.98 -38.27
CA LEU D 241 -9.92 -29.08 -37.65
C LEU D 241 -10.62 -30.42 -37.87
N ARG D 242 -11.95 -30.43 -37.78
CA ARG D 242 -12.72 -31.66 -37.97
C ARG D 242 -14.01 -31.32 -38.71
N GLN D 243 -14.37 -32.17 -39.67
CA GLN D 243 -15.55 -31.99 -40.49
C GLN D 243 -16.48 -33.17 -40.31
N THR D 244 -17.78 -32.90 -40.25
CA THR D 244 -18.79 -33.93 -40.06
C THR D 244 -19.75 -33.92 -41.24
N GLU D 245 -20.78 -34.76 -41.16
CA GLU D 245 -21.70 -34.90 -42.28
C GLU D 245 -22.42 -33.59 -42.58
N LYS D 246 -22.69 -32.78 -41.56
CA LYS D 246 -23.48 -31.56 -41.74
C LYS D 246 -22.84 -30.33 -41.13
N HIS D 247 -21.74 -30.46 -40.42
CA HIS D 247 -21.09 -29.32 -39.77
C HIS D 247 -19.59 -29.56 -39.73
N GLU D 248 -18.86 -28.51 -39.38
CA GLU D 248 -17.40 -28.57 -39.31
C GLU D 248 -16.91 -27.80 -38.10
N LEU D 249 -15.75 -28.20 -37.61
CA LEU D 249 -15.12 -27.57 -36.45
C LEU D 249 -13.96 -26.72 -36.93
N LEU D 250 -13.96 -25.45 -36.53
CA LEU D 250 -12.96 -24.47 -36.95
C LEU D 250 -12.31 -23.87 -35.71
N VAL D 251 -10.97 -23.84 -35.70
CA VAL D 251 -10.21 -23.52 -34.50
C VAL D 251 -9.27 -22.36 -34.80
N LEU D 252 -9.24 -21.38 -33.91
CA LEU D 252 -8.30 -20.27 -33.96
C LEU D 252 -7.53 -20.22 -32.65
N VAL D 253 -6.21 -20.14 -32.73
CA VAL D 253 -5.37 -20.06 -31.55
C VAL D 253 -4.02 -19.46 -31.91
N LYS D 254 -3.55 -18.51 -31.11
CA LYS D 254 -2.26 -17.90 -31.38
C LYS D 254 -1.15 -18.94 -31.21
N LYS D 255 -0.16 -18.87 -32.10
CA LYS D 255 0.89 -19.88 -32.11
C LYS D 255 1.64 -19.96 -30.78
N THR D 256 1.67 -18.87 -30.01
CA THR D 256 2.35 -18.89 -28.73
C THR D 256 1.57 -19.67 -27.67
N GLN D 257 0.29 -19.95 -27.91
CA GLN D 257 -0.55 -20.61 -26.91
C GLN D 257 -0.45 -22.13 -26.95
N LEU D 258 0.22 -22.71 -27.94
CA LEU D 258 0.31 -24.17 -28.00
C LEU D 258 1.14 -24.75 -26.86
N ASN D 259 1.91 -23.93 -26.14
CA ASN D 259 2.61 -24.41 -24.97
C ASN D 259 1.66 -24.79 -23.84
N ARG D 260 0.39 -24.39 -23.93
CA ARG D 260 -0.62 -24.73 -22.94
C ARG D 260 -1.70 -25.64 -23.48
N HIS D 261 -2.34 -25.27 -24.59
CA HIS D 261 -3.41 -26.07 -25.16
C HIS D 261 -2.84 -27.17 -26.04
N SER D 262 -1.92 -27.97 -25.49
CA SER D 262 -1.25 -29.00 -26.28
C SER D 262 -2.20 -30.09 -26.73
N TYR D 263 -3.34 -30.26 -26.06
CA TYR D 263 -4.25 -31.35 -26.41
C TYR D 263 -4.74 -31.26 -27.85
N LEU D 264 -4.68 -30.07 -28.46
CA LEU D 264 -5.06 -29.96 -29.85
C LEU D 264 -4.21 -30.86 -30.75
N LYS D 265 -2.92 -30.99 -30.43
CA LYS D 265 -2.03 -31.79 -31.25
C LYS D 265 -2.41 -33.26 -31.27
N ASP D 266 -3.13 -33.73 -30.25
CA ASP D 266 -3.49 -35.14 -30.17
C ASP D 266 -4.64 -35.45 -31.13
N SER D 267 -4.49 -36.53 -31.89
CA SER D 267 -5.51 -36.93 -32.86
C SER D 267 -6.78 -37.44 -32.20
N ASP D 268 -6.74 -37.76 -30.91
CA ASP D 268 -7.91 -38.28 -30.22
C ASP D 268 -8.86 -37.19 -29.75
N PHE D 269 -8.50 -35.91 -29.93
CA PHE D 269 -9.30 -34.81 -29.40
C PHE D 269 -10.72 -34.87 -29.95
N LEU D 270 -11.68 -35.06 -29.05
CA LEU D 270 -13.11 -35.11 -29.35
C LEU D 270 -13.48 -36.27 -30.26
N ASP D 271 -12.60 -37.27 -30.40
CA ASP D 271 -12.96 -38.43 -31.20
C ASP D 271 -14.17 -39.16 -30.64
N ALA D 272 -14.35 -39.11 -29.32
CA ALA D 272 -15.46 -39.80 -28.67
C ALA D 272 -16.74 -38.99 -28.69
N ALA D 273 -16.68 -37.69 -29.01
CA ALA D 273 -17.86 -36.84 -28.97
C ALA D 273 -18.44 -36.54 -30.35
N LEU D 274 -17.69 -36.79 -31.42
CA LEU D 274 -18.14 -36.50 -32.78
C LEU D 274 -18.39 -37.74 -33.61
N ASP D 275 -17.57 -38.78 -33.43
CA ASP D 275 -17.53 -39.92 -34.36
C ASP D 275 -18.69 -40.88 -34.10
N PHE D 276 -19.90 -40.33 -34.10
CA PHE D 276 -21.13 -41.13 -34.10
C PHE D 276 -22.29 -40.17 -34.30
N ASN D 277 -23.52 -40.69 -34.25
CA ASN D 277 -24.73 -39.91 -34.52
C ASN D 277 -24.99 -39.01 -33.32
N TYR D 278 -24.26 -37.90 -33.26
CA TYR D 278 -24.31 -37.03 -32.11
C TYR D 278 -25.67 -36.34 -31.93
N LEU D 279 -26.54 -36.36 -32.95
CA LEU D 279 -27.88 -35.84 -32.75
C LEU D 279 -28.74 -36.75 -31.90
N ASP D 280 -28.28 -37.97 -31.60
CA ASP D 280 -28.98 -38.88 -30.71
C ASP D 280 -28.65 -38.48 -29.27
N LEU D 281 -29.44 -37.52 -28.76
CA LEU D 281 -29.16 -36.96 -27.44
C LEU D 281 -29.11 -38.05 -26.38
N SER D 282 -30.09 -38.96 -26.40
CA SER D 282 -30.14 -40.01 -25.39
C SER D 282 -28.82 -40.80 -25.36
N ALA D 283 -28.33 -41.19 -26.54
CA ALA D 283 -27.03 -41.84 -26.60
C ALA D 283 -25.89 -40.85 -26.44
N LEU D 284 -26.09 -39.60 -26.85
CA LEU D 284 -25.00 -38.62 -26.77
C LEU D 284 -24.55 -38.41 -25.33
N LEU D 285 -25.49 -38.15 -24.42
CA LEU D 285 -25.10 -37.92 -23.04
C LEU D 285 -24.42 -39.14 -22.45
N ARG D 286 -24.95 -40.33 -22.73
CA ARG D 286 -24.38 -41.55 -22.19
C ARG D 286 -22.95 -41.77 -22.70
N ASN D 287 -22.71 -41.49 -23.98
CA ASN D 287 -21.45 -41.86 -24.61
C ASN D 287 -20.36 -40.82 -24.47
N SER D 288 -20.69 -39.52 -24.46
CA SER D 288 -19.70 -38.47 -24.55
C SER D 288 -19.59 -37.65 -23.28
N PHE D 289 -20.66 -37.03 -22.80
CA PHE D 289 -20.55 -36.11 -21.68
C PHE D 289 -20.26 -36.86 -20.39
N HIS D 290 -21.18 -37.73 -19.97
CA HIS D 290 -20.99 -38.44 -18.70
C HIS D 290 -19.69 -39.23 -18.71
N ARG D 291 -19.23 -39.66 -19.88
CA ARG D 291 -17.95 -40.35 -19.96
C ARG D 291 -16.83 -39.45 -19.46
N TYR D 292 -16.83 -38.18 -19.86
CA TYR D 292 -15.83 -37.25 -19.36
C TYR D 292 -16.10 -36.87 -17.91
N ALA D 293 -17.38 -36.78 -17.54
CA ALA D 293 -17.73 -36.36 -16.19
C ALA D 293 -17.23 -37.34 -15.14
N VAL D 294 -17.42 -38.63 -15.39
CA VAL D 294 -16.99 -39.64 -14.44
C VAL D 294 -15.49 -39.56 -14.24
N ASP D 295 -14.74 -39.49 -15.35
CA ASP D 295 -13.29 -39.44 -15.25
C ASP D 295 -12.82 -38.19 -14.52
N VAL D 296 -13.40 -37.04 -14.86
CA VAL D 296 -12.98 -35.79 -14.23
C VAL D 296 -13.26 -35.83 -12.73
N LEU D 297 -14.45 -36.31 -12.34
CA LEU D 297 -14.78 -36.39 -10.93
C LEU D 297 -13.84 -37.34 -10.20
N LYS D 298 -13.57 -38.51 -10.79
CA LYS D 298 -12.71 -39.49 -10.14
C LYS D 298 -11.30 -38.95 -9.96
N SER D 299 -10.75 -38.32 -11.00
CA SER D 299 -9.39 -37.80 -10.94
C SER D 299 -9.28 -36.48 -10.19
N GLY D 300 -10.40 -35.87 -9.82
CA GLY D 300 -10.36 -34.62 -9.09
C GLY D 300 -9.71 -33.49 -9.88
N ARG D 301 -10.00 -33.40 -11.17
CA ARG D 301 -9.47 -32.33 -12.01
C ARG D 301 -10.40 -31.13 -12.09
N CYS D 302 -11.51 -31.13 -11.36
CA CYS D 302 -12.44 -30.01 -11.42
C CYS D 302 -11.74 -28.73 -10.99
N GLN D 303 -12.33 -27.61 -11.41
CA GLN D 303 -11.83 -26.26 -11.13
C GLN D 303 -10.47 -25.99 -11.76
N MET D 304 -9.99 -26.90 -12.62
CA MET D 304 -8.71 -26.73 -13.30
C MET D 304 -8.94 -26.89 -14.80
N LEU D 305 -8.41 -25.95 -15.57
CA LEU D 305 -8.60 -25.94 -17.01
C LEU D 305 -7.61 -26.90 -17.65
N ASP D 306 -8.08 -28.10 -17.99
CA ASP D 306 -7.24 -29.12 -18.59
C ASP D 306 -7.98 -29.73 -19.77
N ARG D 307 -7.34 -30.69 -20.42
CA ARG D 307 -7.92 -31.30 -21.61
C ARG D 307 -9.31 -31.84 -21.34
N ARG D 308 -9.45 -32.58 -20.24
CA ARG D 308 -10.74 -33.22 -19.96
C ARG D 308 -11.83 -32.18 -19.71
N THR D 309 -11.50 -31.10 -19.00
CA THR D 309 -12.52 -30.07 -18.75
C THR D 309 -12.96 -29.39 -20.05
N VAL D 310 -12.00 -29.09 -20.93
CA VAL D 310 -12.36 -28.46 -22.21
C VAL D 310 -13.20 -29.41 -23.04
N GLU D 311 -12.84 -30.69 -23.08
CA GLU D 311 -13.65 -31.66 -23.79
C GLU D 311 -15.05 -31.72 -23.20
N MET D 312 -15.16 -31.66 -21.88
CA MET D 312 -16.47 -31.65 -21.24
C MET D 312 -17.28 -30.45 -21.67
N ALA D 313 -16.67 -29.26 -21.67
CA ALA D 313 -17.40 -28.06 -22.05
C ALA D 313 -17.87 -28.13 -23.49
N PHE D 314 -17.00 -28.61 -24.38
CA PHE D 314 -17.41 -28.74 -25.78
C PHE D 314 -18.54 -29.74 -25.91
N ALA D 315 -18.48 -30.85 -25.18
CA ALA D 315 -19.57 -31.82 -25.24
C ALA D 315 -20.86 -31.22 -24.73
N TYR D 316 -20.80 -30.43 -23.68
CA TYR D 316 -21.99 -29.80 -23.14
C TYR D 316 -22.61 -28.86 -24.17
N ALA D 317 -21.77 -28.06 -24.82
CA ALA D 317 -22.27 -27.16 -25.85
C ALA D 317 -22.89 -27.95 -27.01
N LEU D 318 -22.23 -29.04 -27.42
CA LEU D 318 -22.78 -29.86 -28.50
C LEU D 318 -24.12 -30.45 -28.10
N ALA D 319 -24.25 -30.89 -26.85
CA ALA D 319 -25.53 -31.43 -26.39
C ALA D 319 -26.62 -30.36 -26.45
N LEU D 320 -26.31 -29.15 -25.99
CA LEU D 320 -27.29 -28.08 -26.10
C LEU D 320 -27.67 -27.84 -27.55
N PHE D 321 -26.68 -27.83 -28.44
CA PHE D 321 -26.96 -27.63 -29.86
C PHE D 321 -27.89 -28.70 -30.38
N ALA D 322 -27.69 -29.95 -29.96
CA ALA D 322 -28.54 -31.03 -30.42
C ALA D 322 -29.98 -30.83 -29.98
N ALA D 323 -30.18 -30.33 -28.76
CA ALA D 323 -31.53 -30.15 -28.26
C ALA D 323 -32.34 -29.22 -29.15
N ALA D 324 -31.73 -28.11 -29.57
CA ALA D 324 -32.43 -27.18 -30.46
C ALA D 324 -32.78 -27.84 -31.78
N ARG D 325 -32.01 -28.85 -32.20
CA ARG D 325 -32.25 -29.53 -33.46
C ARG D 325 -33.33 -30.60 -33.37
N GLN D 326 -33.86 -30.88 -32.19
CA GLN D 326 -34.79 -32.00 -32.00
C GLN D 326 -36.22 -31.53 -32.25
N GLU D 327 -36.51 -31.27 -33.53
CA GLU D 327 -37.87 -31.09 -34.01
C GLU D 327 -38.58 -29.96 -33.25
N GLU D 328 -38.06 -28.75 -33.46
CA GLU D 328 -38.74 -27.55 -32.95
C GLU D 328 -40.05 -27.29 -33.68
N ALA D 329 -40.32 -28.00 -34.79
CA ALA D 329 -41.57 -27.78 -35.51
C ALA D 329 -42.78 -27.99 -34.62
N GLY D 330 -42.67 -28.86 -33.61
CA GLY D 330 -43.75 -29.07 -32.67
C GLY D 330 -44.48 -30.39 -32.86
N THR D 331 -43.73 -31.45 -33.14
CA THR D 331 -44.32 -32.78 -33.22
C THR D 331 -44.80 -33.21 -31.83
N GLU D 332 -45.83 -34.05 -31.81
CA GLU D 332 -46.38 -34.52 -30.54
C GLU D 332 -45.34 -35.33 -29.80
N ILE D 333 -45.29 -35.14 -28.48
CA ILE D 333 -44.28 -35.75 -27.62
C ILE D 333 -44.96 -36.38 -26.42
N SER D 334 -44.55 -37.62 -26.10
CA SER D 334 -44.96 -38.22 -24.84
C SER D 334 -44.27 -37.49 -23.69
N ILE D 335 -45.06 -37.05 -22.71
CA ILE D 335 -44.52 -36.17 -21.67
C ILE D 335 -43.39 -36.83 -20.90
N PRO D 336 -43.50 -38.09 -20.46
CA PRO D 336 -42.38 -38.66 -19.67
C PRO D 336 -41.04 -38.60 -20.39
N ARG D 337 -41.03 -38.83 -21.70
CA ARG D 337 -39.78 -38.76 -22.45
C ARG D 337 -39.21 -37.35 -22.43
N ALA D 338 -40.07 -36.35 -22.64
CA ALA D 338 -39.60 -34.96 -22.58
C ALA D 338 -39.08 -34.63 -21.19
N LEU D 339 -39.77 -35.10 -20.16
CA LEU D 339 -39.32 -34.85 -18.79
C LEU D 339 -37.94 -35.44 -18.58
N ASP D 340 -37.72 -36.68 -19.04
CA ASP D 340 -36.41 -37.30 -18.90
C ASP D 340 -35.34 -36.50 -19.63
N ARG D 341 -35.64 -36.08 -20.86
CA ARG D 341 -34.66 -35.33 -21.64
C ARG D 341 -34.29 -34.03 -20.94
N GLN D 342 -35.30 -33.26 -20.54
CA GLN D 342 -35.03 -31.99 -19.87
C GLN D 342 -34.28 -32.21 -18.56
N ALA D 343 -34.65 -33.25 -17.81
CA ALA D 343 -33.96 -33.51 -16.55
C ALA D 343 -32.49 -33.80 -16.81
N ALA D 344 -32.19 -34.59 -17.84
CA ALA D 344 -30.80 -34.87 -18.17
C ALA D 344 -30.05 -33.59 -18.52
N LEU D 345 -30.67 -32.73 -19.34
CA LEU D 345 -30.00 -31.49 -19.73
C LEU D 345 -29.74 -30.61 -18.50
N LEU D 346 -30.73 -30.50 -17.61
CA LEU D 346 -30.55 -29.67 -16.43
C LEU D 346 -29.49 -30.26 -15.50
N GLN D 347 -29.45 -31.58 -15.37
CA GLN D 347 -28.38 -32.20 -14.59
C GLN D 347 -27.02 -31.85 -15.16
N ILE D 348 -26.89 -31.90 -16.49
CA ILE D 348 -25.62 -31.55 -17.12
C ILE D 348 -25.25 -30.12 -16.78
N GLN D 349 -26.20 -29.20 -16.95
CA GLN D 349 -25.91 -27.79 -16.68
C GLN D 349 -25.51 -27.58 -15.23
N GLU D 350 -26.22 -28.22 -14.30
CA GLU D 350 -25.91 -28.06 -12.89
C GLU D 350 -24.52 -28.60 -12.56
N PHE D 351 -24.18 -29.77 -13.12
CA PHE D 351 -22.85 -30.31 -12.88
C PHE D 351 -21.78 -29.34 -13.38
N MET D 352 -21.97 -28.77 -14.56
CA MET D 352 -20.95 -27.86 -15.06
C MET D 352 -20.89 -26.60 -14.21
N ILE D 353 -22.03 -26.09 -13.75
CA ILE D 353 -22.04 -24.93 -12.87
C ILE D 353 -21.22 -25.21 -11.63
N THR D 354 -21.41 -26.38 -11.02
CA THR D 354 -20.67 -26.70 -9.81
C THR D 354 -19.21 -27.05 -10.07
N CYS D 355 -18.88 -27.45 -11.30
CA CYS D 355 -17.52 -27.88 -11.61
C CYS D 355 -16.63 -26.77 -12.16
N LEU D 356 -17.21 -25.70 -12.72
CA LEU D 356 -16.40 -24.69 -13.39
C LEU D 356 -16.85 -23.26 -13.15
N SER D 357 -17.74 -23.00 -12.18
CA SER D 357 -18.26 -21.66 -11.99
C SER D 357 -18.27 -21.29 -10.51
N GLN D 358 -18.09 -20.00 -10.25
CA GLN D 358 -18.28 -19.49 -8.90
C GLN D 358 -19.75 -19.51 -8.52
N THR D 359 -20.61 -19.03 -9.39
CA THR D 359 -22.05 -18.99 -9.16
C THR D 359 -22.76 -19.30 -10.47
N PRO D 360 -24.01 -19.77 -10.41
CA PRO D 360 -24.69 -20.18 -11.62
C PRO D 360 -24.92 -19.00 -12.54
N PRO D 361 -24.93 -19.21 -13.86
CA PRO D 361 -25.25 -18.12 -14.77
C PRO D 361 -26.71 -17.73 -14.68
N ARG D 362 -26.97 -16.42 -14.68
CA ARG D 362 -28.33 -15.93 -14.55
C ARG D 362 -29.15 -16.14 -15.82
N THR D 363 -28.53 -16.53 -16.93
CA THR D 363 -29.25 -16.57 -18.20
C THR D 363 -30.44 -17.51 -18.13
N THR D 364 -30.22 -18.75 -17.72
CA THR D 364 -31.28 -19.74 -17.59
C THR D 364 -32.16 -19.67 -18.84
N LEU D 365 -33.45 -19.99 -18.71
CA LEU D 365 -34.38 -20.03 -19.83
C LEU D 365 -33.75 -20.70 -21.06
N LEU D 366 -33.35 -21.95 -20.87
CA LEU D 366 -32.89 -22.75 -22.00
C LEU D 366 -34.06 -23.14 -22.89
N LEU D 367 -33.84 -23.14 -24.20
CA LEU D 367 -34.89 -23.53 -25.13
C LEU D 367 -35.11 -25.04 -25.08
N TYR D 368 -36.36 -25.45 -25.01
CA TYR D 368 -36.74 -26.84 -24.86
C TYR D 368 -37.80 -27.21 -25.87
N PRO D 369 -37.99 -28.51 -26.13
CA PRO D 369 -39.06 -28.92 -27.05
C PRO D 369 -40.43 -28.38 -26.65
N THR D 370 -40.71 -28.32 -25.35
CA THR D 370 -41.97 -27.81 -24.84
C THR D 370 -41.68 -26.75 -23.80
N ALA D 371 -42.35 -25.60 -23.93
CA ALA D 371 -42.21 -24.55 -22.93
C ALA D 371 -42.69 -25.06 -21.57
N VAL D 372 -42.02 -24.62 -20.51
CA VAL D 372 -42.29 -25.14 -19.18
C VAL D 372 -43.74 -24.87 -18.77
N ASP D 373 -44.25 -23.69 -19.14
CA ASP D 373 -45.65 -23.39 -18.84
C ASP D 373 -46.59 -24.37 -19.53
N LEU D 374 -46.31 -24.67 -20.80
CA LEU D 374 -47.13 -25.63 -21.52
C LEU D 374 -47.08 -27.00 -20.86
N ALA D 375 -45.89 -27.44 -20.42
CA ALA D 375 -45.79 -28.71 -19.72
C ALA D 375 -46.65 -28.69 -18.46
N LYS D 376 -46.50 -27.65 -17.65
CA LYS D 376 -47.27 -27.55 -16.42
C LYS D 376 -48.75 -27.70 -16.70
N ARG D 377 -49.27 -26.92 -17.65
CA ARG D 377 -50.70 -26.91 -17.89
C ARG D 377 -51.17 -28.24 -18.49
N ALA D 378 -50.45 -28.74 -19.50
CA ALA D 378 -50.85 -29.98 -20.14
C ALA D 378 -50.82 -31.15 -19.17
N LEU D 379 -50.01 -31.07 -18.12
CA LEU D 379 -49.90 -32.20 -17.18
C LEU D 379 -50.75 -32.04 -15.94
N TRP D 380 -51.21 -30.83 -15.62
CA TRP D 380 -52.06 -30.60 -14.48
C TRP D 380 -53.50 -30.26 -14.85
N THR D 381 -53.84 -30.26 -16.14
CA THR D 381 -55.24 -30.19 -16.52
C THR D 381 -55.90 -31.56 -16.38
N PRO D 382 -55.26 -32.65 -16.79
CA PRO D 382 -55.85 -33.98 -16.61
C PRO D 382 -55.38 -34.74 -15.37
N ASP D 383 -54.48 -34.17 -14.58
CA ASP D 383 -53.80 -34.91 -13.52
C ASP D 383 -53.13 -36.16 -14.09
N GLN D 384 -52.48 -35.99 -15.25
CA GLN D 384 -51.87 -37.12 -15.94
C GLN D 384 -50.71 -37.72 -15.16
N ILE D 385 -50.21 -37.03 -14.13
CA ILE D 385 -49.09 -37.52 -13.34
C ILE D 385 -49.64 -38.51 -12.32
N THR D 386 -49.24 -39.78 -12.46
CA THR D 386 -49.55 -40.81 -11.48
C THR D 386 -48.30 -41.50 -10.98
N ASP D 387 -47.12 -40.93 -11.26
CA ASP D 387 -45.85 -41.48 -10.85
C ASP D 387 -45.08 -40.42 -10.08
N ILE D 388 -44.56 -40.79 -8.92
CA ILE D 388 -43.83 -39.82 -8.09
C ILE D 388 -42.56 -39.37 -8.80
N THR D 389 -41.88 -40.28 -9.50
CA THR D 389 -40.63 -39.92 -10.17
C THR D 389 -40.88 -38.85 -11.22
N SER D 390 -41.93 -39.00 -12.02
CA SER D 390 -42.25 -37.96 -13.00
C SER D 390 -42.54 -36.63 -12.31
N LEU D 391 -43.22 -36.68 -11.16
CA LEU D 391 -43.53 -35.45 -10.44
C LEU D 391 -42.26 -34.75 -9.99
N VAL D 392 -41.30 -35.49 -9.43
CA VAL D 392 -40.07 -34.86 -8.96
C VAL D 392 -39.30 -34.29 -10.15
N ARG D 393 -39.28 -35.03 -11.27
CA ARG D 393 -38.61 -34.50 -12.45
C ARG D 393 -39.26 -33.20 -12.92
N LEU D 394 -40.59 -33.16 -12.93
CA LEU D 394 -41.28 -31.95 -13.36
C LEU D 394 -40.97 -30.78 -12.43
N VAL D 395 -40.96 -31.02 -11.13
CA VAL D 395 -40.67 -29.95 -10.19
C VAL D 395 -39.23 -29.46 -10.38
N TYR D 396 -38.31 -30.39 -10.63
CA TYR D 396 -36.94 -29.99 -10.92
C TYR D 396 -36.87 -29.09 -12.15
N ILE D 397 -37.57 -29.49 -13.21
CA ILE D 397 -37.57 -28.69 -14.42
C ILE D 397 -38.10 -27.29 -14.14
N LEU D 398 -39.23 -27.20 -13.44
CA LEU D 398 -39.80 -25.89 -13.16
C LEU D 398 -38.88 -25.04 -12.31
N SER D 399 -38.27 -25.63 -11.28
CA SER D 399 -37.43 -24.86 -10.37
C SER D 399 -36.19 -24.35 -11.07
N LYS D 400 -35.53 -25.19 -11.87
CA LYS D 400 -34.30 -24.76 -12.53
C LYS D 400 -34.59 -23.74 -13.62
N GLN D 401 -35.74 -23.82 -14.27
CA GLN D 401 -36.08 -22.86 -15.30
C GLN D 401 -36.48 -21.51 -14.74
N ASN D 402 -36.38 -21.27 -13.44
CA ASN D 402 -36.59 -19.94 -12.88
C ASN D 402 -38.06 -19.53 -12.97
N GLN D 403 -38.95 -20.46 -12.65
CA GLN D 403 -40.39 -20.24 -12.67
C GLN D 403 -41.03 -20.73 -11.38
N GLN D 404 -40.45 -20.33 -10.25
CA GLN D 404 -40.84 -20.86 -8.96
C GLN D 404 -42.33 -20.68 -8.70
N HIS D 405 -42.88 -19.54 -9.10
CA HIS D 405 -44.27 -19.22 -8.76
C HIS D 405 -45.27 -20.24 -9.27
N LEU D 406 -44.86 -21.16 -10.14
CA LEU D 406 -45.77 -22.16 -10.68
C LEU D 406 -45.87 -23.41 -9.82
N ILE D 407 -45.06 -23.54 -8.77
CA ILE D 407 -45.01 -24.77 -7.99
C ILE D 407 -46.06 -24.75 -6.89
N PRO D 408 -47.02 -25.67 -6.89
CA PRO D 408 -48.01 -25.72 -5.80
C PRO D 408 -47.47 -26.44 -4.58
N GLN D 409 -48.19 -26.27 -3.47
CA GLN D 409 -47.74 -26.82 -2.20
C GLN D 409 -47.97 -28.33 -2.11
N TRP D 410 -49.09 -28.81 -2.65
CA TRP D 410 -49.43 -30.22 -2.47
C TRP D 410 -48.41 -31.12 -3.16
N ALA D 411 -47.93 -30.73 -4.34
CA ALA D 411 -46.93 -31.53 -5.02
C ALA D 411 -45.67 -31.65 -4.17
N LEU D 412 -45.24 -30.55 -3.57
CA LEU D 412 -44.06 -30.59 -2.71
C LEU D 412 -44.32 -31.42 -1.46
N ARG D 413 -45.55 -31.40 -0.94
CA ARG D 413 -45.90 -32.27 0.17
C ARG D 413 -45.75 -33.74 -0.21
N GLN D 414 -46.21 -34.10 -1.42
CA GLN D 414 -46.06 -35.47 -1.87
C GLN D 414 -44.59 -35.84 -2.06
N ILE D 415 -43.79 -34.89 -2.57
CA ILE D 415 -42.36 -35.14 -2.69
C ILE D 415 -41.74 -35.41 -1.33
N ALA D 416 -42.12 -34.63 -0.32
CA ALA D 416 -41.61 -34.85 1.02
C ALA D 416 -42.05 -36.21 1.54
N ASP D 417 -43.28 -36.62 1.25
CA ASP D 417 -43.74 -37.94 1.66
C ASP D 417 -42.90 -39.03 1.03
N PHE D 418 -42.57 -38.88 -0.26
CA PHE D 418 -41.70 -39.86 -0.91
C PHE D 418 -40.32 -39.87 -0.27
N ALA D 419 -39.80 -38.69 0.09
CA ALA D 419 -38.51 -38.63 0.76
C ALA D 419 -38.56 -39.40 2.09
N LEU D 420 -39.65 -39.23 2.84
CA LEU D 420 -39.79 -39.98 4.10
C LEU D 420 -39.87 -41.48 3.83
N GLN D 421 -40.57 -41.87 2.76
CA GLN D 421 -40.60 -43.27 2.38
C GLN D 421 -39.18 -43.80 2.18
N LEU D 422 -38.37 -43.08 1.41
CA LEU D 422 -36.99 -43.51 1.19
C LEU D 422 -36.21 -43.55 2.51
N HIS D 423 -36.42 -42.56 3.36
CA HIS D 423 -35.72 -42.54 4.64
C HIS D 423 -36.03 -43.79 5.45
N LYS D 424 -37.31 -44.17 5.50
CA LYS D 424 -37.68 -45.40 6.20
C LYS D 424 -37.05 -46.62 5.54
N THR D 425 -37.02 -46.66 4.19
CA THR D 425 -36.53 -47.83 3.49
C THR D 425 -35.06 -48.12 3.78
N HIS D 426 -34.19 -47.17 3.46
CA HIS D 426 -32.75 -47.39 3.52
C HIS D 426 -32.13 -46.81 4.80
N LEU D 427 -32.84 -46.88 5.92
CA LEU D 427 -32.33 -46.32 7.16
C LEU D 427 -31.04 -47.03 7.56
N ALA D 428 -30.03 -46.23 7.92
CA ALA D 428 -28.77 -46.76 8.46
C ALA D 428 -28.17 -47.83 7.55
N SER D 429 -28.16 -47.56 6.25
CA SER D 429 -27.57 -48.49 5.29
C SER D 429 -27.24 -47.72 4.03
N PHE D 430 -26.42 -48.33 3.18
CA PHE D 430 -26.01 -47.69 1.95
C PHE D 430 -27.17 -47.62 0.97
N LEU D 431 -27.25 -46.50 0.25
CA LEU D 431 -28.37 -46.26 -0.65
C LEU D 431 -28.26 -47.10 -1.91
N SER D 432 -29.36 -47.73 -2.30
CA SER D 432 -29.41 -48.46 -3.56
C SER D 432 -29.32 -47.50 -4.73
N ALA D 433 -28.81 -48.01 -5.86
CA ALA D 433 -28.57 -47.16 -7.02
C ALA D 433 -29.82 -46.36 -7.37
N PHE D 434 -30.98 -47.00 -7.38
CA PHE D 434 -32.22 -46.30 -7.68
C PHE D 434 -32.44 -45.17 -6.68
N ALA D 435 -32.23 -45.46 -5.38
CA ALA D 435 -32.42 -44.44 -4.37
C ALA D 435 -31.45 -43.28 -4.56
N ARG D 436 -30.19 -43.58 -4.88
CA ARG D 436 -29.23 -42.51 -5.13
C ARG D 436 -29.69 -41.63 -6.29
N GLN D 437 -30.05 -42.27 -7.41
CA GLN D 437 -30.44 -41.52 -8.59
C GLN D 437 -31.64 -40.63 -8.30
N GLU D 438 -32.67 -41.17 -7.64
CA GLU D 438 -33.86 -40.38 -7.36
C GLU D 438 -33.55 -39.26 -6.38
N LEU D 439 -32.90 -39.57 -5.26
CA LEU D 439 -32.66 -38.56 -4.25
C LEU D 439 -31.69 -37.49 -4.72
N TYR D 440 -30.91 -37.74 -5.77
CA TYR D 440 -30.06 -36.69 -6.30
C TYR D 440 -30.90 -35.49 -6.72
N LEU D 441 -31.98 -35.74 -7.45
CA LEU D 441 -32.85 -34.65 -7.90
C LEU D 441 -33.44 -33.91 -6.71
N MET D 442 -33.93 -34.65 -5.70
CA MET D 442 -34.53 -34.01 -4.54
C MET D 442 -33.51 -33.15 -3.81
N GLY D 443 -32.30 -33.66 -3.64
CA GLY D 443 -31.28 -32.88 -2.96
C GLY D 443 -30.90 -31.63 -3.73
N SER D 444 -30.83 -31.73 -5.06
CA SER D 444 -30.52 -30.56 -5.87
C SER D 444 -31.70 -29.61 -5.99
N LEU D 445 -32.90 -30.05 -5.62
CA LEU D 445 -34.09 -29.23 -5.78
C LEU D 445 -34.23 -28.22 -4.65
N VAL D 446 -34.31 -28.70 -3.41
CA VAL D 446 -34.64 -27.84 -2.28
C VAL D 446 -33.72 -26.65 -2.16
N HIS D 447 -32.54 -26.70 -2.77
CA HIS D 447 -31.60 -25.60 -2.69
C HIS D 447 -31.83 -24.53 -3.75
N SER D 448 -32.79 -24.73 -4.66
CA SER D 448 -33.04 -23.81 -5.76
C SER D 448 -34.46 -23.25 -5.70
N MET D 449 -34.92 -22.91 -4.49
CA MET D 449 -36.25 -22.35 -4.31
C MET D 449 -36.27 -21.51 -3.05
N LEU D 450 -37.31 -20.68 -2.92
CA LEU D 450 -37.56 -19.93 -1.71
C LEU D 450 -38.98 -20.07 -1.19
N VAL D 451 -39.86 -20.72 -1.94
CA VAL D 451 -41.24 -20.93 -1.53
C VAL D 451 -41.35 -22.27 -0.83
N HIS D 452 -42.28 -22.35 0.12
CA HIS D 452 -42.50 -23.57 0.90
C HIS D 452 -41.23 -23.98 1.66
N THR D 453 -40.81 -23.10 2.57
CA THR D 453 -39.62 -23.39 3.36
C THR D 453 -39.83 -24.60 4.26
N THR D 454 -41.07 -24.84 4.70
CA THR D 454 -41.31 -25.96 5.61
C THR D 454 -40.98 -27.29 4.95
N GLU D 455 -41.55 -27.54 3.77
CA GLU D 455 -41.33 -28.81 3.09
C GLU D 455 -39.87 -28.94 2.66
N ARG D 456 -39.26 -27.82 2.24
CA ARG D 456 -37.85 -27.87 1.88
C ARG D 456 -36.99 -28.25 3.08
N ARG D 457 -37.31 -27.72 4.26
CA ARG D 457 -36.59 -28.13 5.46
C ARG D 457 -36.81 -29.61 5.74
N GLU D 458 -38.05 -30.08 5.60
CA GLU D 458 -38.35 -31.48 5.88
C GLU D 458 -37.61 -32.40 4.93
N ILE D 459 -37.31 -31.94 3.72
CA ILE D 459 -36.54 -32.75 2.78
C ILE D 459 -35.05 -32.63 3.03
N PHE D 460 -34.59 -31.43 3.40
CA PHE D 460 -33.17 -31.21 3.64
C PHE D 460 -32.69 -32.00 4.85
N ILE D 461 -33.52 -32.09 5.90
CA ILE D 461 -33.12 -32.86 7.06
C ILE D 461 -32.92 -34.33 6.67
N VAL D 462 -33.82 -34.87 5.86
CA VAL D 462 -33.67 -36.26 5.41
C VAL D 462 -32.41 -36.41 4.58
N GLU D 463 -32.18 -35.48 3.65
CA GLU D 463 -30.98 -35.56 2.83
C GLU D 463 -29.72 -35.53 3.69
N THR D 464 -29.76 -34.82 4.82
CA THR D 464 -28.62 -34.82 5.71
C THR D 464 -28.53 -36.09 6.55
N GLY D 465 -29.67 -36.69 6.88
CA GLY D 465 -29.71 -37.80 7.80
C GLY D 465 -29.38 -39.15 7.21
N LEU D 466 -29.19 -39.24 5.90
CA LEU D 466 -28.80 -40.49 5.28
C LEU D 466 -27.29 -40.68 5.25
N CYS D 467 -26.51 -39.72 5.75
CA CYS D 467 -25.06 -39.79 5.70
C CYS D 467 -24.51 -40.60 6.88
N SER D 468 -24.94 -41.85 6.96
CA SER D 468 -24.42 -42.77 7.96
C SER D 468 -23.07 -43.32 7.51
N LEU D 469 -22.25 -43.69 8.49
CA LEU D 469 -20.91 -44.20 8.18
C LEU D 469 -20.98 -45.36 7.21
N ALA D 470 -22.04 -46.16 7.26
CA ALA D 470 -22.20 -47.22 6.28
C ALA D 470 -22.29 -46.66 4.88
N GLU D 471 -23.01 -45.54 4.72
CA GLU D 471 -23.08 -44.89 3.41
C GLU D 471 -21.69 -44.46 2.96
N LEU D 472 -20.90 -43.89 3.87
CA LEU D 472 -19.54 -43.48 3.50
C LEU D 472 -18.72 -44.67 3.06
N SER D 473 -18.80 -45.79 3.78
CA SER D 473 -18.03 -46.97 3.41
C SER D 473 -18.45 -47.48 2.03
N HIS D 474 -19.76 -47.59 1.81
CA HIS D 474 -20.23 -48.11 0.53
C HIS D 474 -19.82 -47.18 -0.61
N PHE D 475 -19.88 -45.87 -0.38
CA PHE D 475 -19.39 -44.92 -1.38
C PHE D 475 -17.92 -45.14 -1.65
N THR D 476 -17.13 -45.36 -0.59
CA THR D 476 -15.70 -45.61 -0.76
C THR D 476 -15.48 -46.82 -1.66
N GLN D 477 -16.20 -47.91 -1.40
CA GLN D 477 -16.07 -49.06 -2.28
C GLN D 477 -16.61 -48.78 -3.67
N LEU D 478 -17.59 -47.87 -3.79
CA LEU D 478 -18.17 -47.56 -5.09
C LEU D 478 -17.14 -46.91 -6.02
N LEU D 479 -16.32 -46.01 -5.49
CA LEU D 479 -15.44 -45.22 -6.34
C LEU D 479 -14.50 -46.11 -7.16
N ALA D 480 -14.04 -47.22 -6.57
CA ALA D 480 -13.10 -48.09 -7.27
C ALA D 480 -13.74 -48.83 -8.44
N HIS D 481 -15.06 -48.81 -8.57
CA HIS D 481 -15.73 -49.53 -9.64
C HIS D 481 -15.56 -48.78 -10.96
N PRO D 482 -14.98 -49.40 -11.99
CA PRO D 482 -14.87 -48.70 -13.29
C PRO D 482 -16.17 -48.66 -14.07
N HIS D 483 -17.14 -49.52 -13.74
CA HIS D 483 -18.40 -49.59 -14.48
C HIS D 483 -19.39 -48.56 -13.92
N HIS D 484 -19.14 -47.30 -14.27
CA HIS D 484 -19.99 -46.18 -13.86
C HIS D 484 -20.33 -45.39 -15.12
N GLU D 485 -21.38 -45.81 -15.83
CA GLU D 485 -21.76 -45.13 -17.06
C GLU D 485 -22.23 -43.71 -16.79
N TYR D 486 -23.04 -43.52 -15.75
CA TYR D 486 -23.74 -42.26 -15.53
C TYR D 486 -23.19 -41.54 -14.32
N LEU D 487 -23.25 -40.20 -14.38
CA LEU D 487 -22.77 -39.37 -13.29
C LEU D 487 -23.65 -39.44 -12.06
N SER D 488 -24.92 -39.79 -12.21
CA SER D 488 -25.81 -39.84 -11.06
C SER D 488 -25.37 -40.88 -10.04
N ASP D 489 -24.89 -42.03 -10.53
CA ASP D 489 -24.57 -43.14 -9.64
C ASP D 489 -23.55 -42.74 -8.58
N LEU D 490 -22.73 -41.74 -8.86
CA LEU D 490 -21.69 -41.32 -7.92
C LEU D 490 -22.18 -40.27 -6.94
N TYR D 491 -23.48 -39.99 -6.90
CA TYR D 491 -24.01 -39.07 -5.91
C TYR D 491 -24.08 -39.74 -4.54
N THR D 492 -23.91 -38.93 -3.50
CA THR D 492 -24.06 -39.37 -2.13
C THR D 492 -24.63 -38.21 -1.32
N PRO D 493 -25.58 -38.47 -0.43
CA PRO D 493 -26.13 -37.37 0.37
C PRO D 493 -25.09 -36.67 1.21
N CYS D 494 -24.00 -37.36 1.56
CA CYS D 494 -22.96 -36.75 2.38
C CYS D 494 -22.35 -35.52 1.73
N SER D 495 -22.47 -35.39 0.40
CA SER D 495 -21.74 -34.34 -0.31
C SER D 495 -22.45 -32.99 -0.20
N SER D 496 -23.67 -32.91 -0.74
CA SER D 496 -24.35 -31.62 -0.87
C SER D 496 -25.26 -31.31 0.31
N SER D 497 -25.40 -32.19 1.28
CA SER D 497 -26.30 -31.97 2.39
C SER D 497 -25.68 -30.97 3.37
N GLY D 498 -26.23 -30.90 4.58
CA GLY D 498 -25.84 -29.92 5.56
C GLY D 498 -24.58 -30.24 6.33
N ARG D 499 -23.93 -31.36 6.07
CA ARG D 499 -22.70 -31.75 6.75
C ARG D 499 -21.52 -31.36 5.88
N ARG D 500 -20.68 -30.45 6.36
CA ARG D 500 -19.56 -29.94 5.61
C ARG D 500 -18.33 -29.83 6.51
N ASP D 501 -18.09 -30.86 7.31
CA ASP D 501 -16.95 -30.92 8.22
C ASP D 501 -16.11 -32.17 7.98
N HIS D 502 -16.16 -32.71 6.77
CA HIS D 502 -15.44 -33.93 6.47
C HIS D 502 -13.93 -33.72 6.47
N SER D 503 -13.20 -34.75 6.88
CA SER D 503 -11.75 -34.72 6.88
C SER D 503 -11.23 -36.13 6.71
N LEU D 504 -9.97 -36.24 6.31
CA LEU D 504 -9.38 -37.56 6.10
C LEU D 504 -9.38 -38.39 7.38
N GLU D 505 -9.32 -37.73 8.54
CA GLU D 505 -9.30 -38.46 9.80
C GLU D 505 -10.56 -39.31 9.96
N ARG D 506 -11.72 -38.70 9.74
CA ARG D 506 -12.97 -39.46 9.87
C ARG D 506 -13.01 -40.60 8.87
N LEU D 507 -12.57 -40.35 7.63
CA LEU D 507 -12.62 -41.37 6.60
C LEU D 507 -11.68 -42.53 6.94
N THR D 508 -10.44 -42.21 7.29
CA THR D 508 -9.46 -43.26 7.55
C THR D 508 -9.86 -44.12 8.75
N ARG D 509 -10.31 -43.48 9.83
CA ARG D 509 -10.59 -44.20 11.06
C ARG D 509 -11.80 -45.10 10.91
N LEU D 510 -12.54 -44.94 9.81
CA LEU D 510 -13.70 -45.78 9.56
C LEU D 510 -13.33 -47.23 9.25
N PHE D 511 -12.06 -47.51 8.99
CA PHE D 511 -11.66 -48.82 8.51
C PHE D 511 -10.86 -49.57 9.56
N PRO D 512 -11.30 -50.76 9.98
CA PRO D 512 -10.48 -51.55 10.90
C PRO D 512 -9.30 -52.24 10.23
N ASP D 513 -9.36 -52.44 8.90
CA ASP D 513 -8.27 -53.07 8.18
C ASP D 513 -7.02 -52.20 8.12
N ALA D 514 -7.12 -50.92 8.49
CA ALA D 514 -6.02 -49.97 8.38
C ALA D 514 -5.57 -49.80 6.93
N THR D 515 -6.45 -50.10 5.98
CA THR D 515 -6.12 -50.01 4.56
C THR D 515 -7.36 -49.63 3.78
N VAL D 516 -7.18 -48.69 2.84
CA VAL D 516 -8.26 -48.30 1.93
C VAL D 516 -7.69 -48.20 0.52
N PRO D 517 -8.48 -48.60 -0.50
CA PRO D 517 -7.99 -48.48 -1.88
C PRO D 517 -7.35 -47.13 -2.14
N ALA D 518 -6.06 -47.14 -2.48
CA ALA D 518 -5.21 -45.98 -2.28
C ALA D 518 -5.82 -44.69 -2.82
N THR D 519 -6.38 -44.74 -4.04
CA THR D 519 -6.94 -43.52 -4.62
C THR D 519 -8.12 -43.00 -3.82
N VAL D 520 -8.92 -43.90 -3.26
CA VAL D 520 -10.23 -43.51 -2.74
C VAL D 520 -10.13 -42.60 -1.52
N PRO D 521 -9.32 -42.90 -0.50
CA PRO D 521 -9.31 -42.02 0.68
C PRO D 521 -8.82 -40.62 0.37
N ALA D 522 -8.12 -40.42 -0.74
CA ALA D 522 -7.73 -39.08 -1.17
C ALA D 522 -8.77 -38.44 -2.07
N ALA D 523 -9.45 -39.24 -2.90
CA ALA D 523 -10.42 -38.66 -3.84
C ALA D 523 -11.70 -38.25 -3.13
N LEU D 524 -12.19 -39.07 -2.20
CA LEU D 524 -13.43 -38.72 -1.51
C LEU D 524 -13.32 -37.42 -0.74
N SER D 525 -12.14 -37.09 -0.22
CA SER D 525 -12.01 -35.79 0.44
C SER D 525 -12.39 -34.66 -0.50
N ILE D 526 -11.85 -34.66 -1.72
CA ILE D 526 -12.16 -33.59 -2.66
C ILE D 526 -13.62 -33.68 -3.09
N LEU D 527 -14.12 -34.90 -3.31
CA LEU D 527 -15.50 -35.06 -3.78
C LEU D 527 -16.49 -34.51 -2.77
N SER D 528 -16.32 -34.84 -1.50
CA SER D 528 -17.22 -34.36 -0.46
C SER D 528 -16.95 -32.92 -0.07
N THR D 529 -15.76 -32.39 -0.38
CA THR D 529 -15.44 -30.99 -0.07
C THR D 529 -15.69 -30.06 -1.24
N MET D 530 -16.18 -30.56 -2.37
CA MET D 530 -16.57 -29.68 -3.46
C MET D 530 -17.72 -28.79 -2.99
N GLN D 531 -17.68 -27.52 -3.39
CA GLN D 531 -18.55 -26.51 -2.80
C GLN D 531 -19.80 -26.32 -3.64
N PRO D 532 -20.98 -26.72 -3.16
CA PRO D 532 -22.23 -26.22 -3.75
C PRO D 532 -22.58 -24.86 -3.19
N SER D 533 -22.15 -24.60 -1.96
CA SER D 533 -22.39 -23.32 -1.30
C SER D 533 -23.88 -22.99 -1.23
N THR D 534 -24.72 -24.01 -1.09
CA THR D 534 -26.17 -23.84 -1.14
C THR D 534 -26.73 -23.90 0.29
N LEU D 535 -26.65 -22.76 0.97
CA LEU D 535 -27.36 -22.53 2.21
C LEU D 535 -28.07 -21.19 2.23
N GLU D 536 -27.93 -20.39 1.17
CA GLU D 536 -28.55 -19.08 1.12
C GLU D 536 -30.07 -19.15 1.10
N THR D 537 -30.64 -20.28 0.71
CA THR D 537 -32.08 -20.42 0.56
C THR D 537 -32.78 -20.73 1.89
N PHE D 538 -32.14 -20.45 3.01
CA PHE D 538 -32.74 -20.63 4.33
C PHE D 538 -32.55 -19.33 5.09
N PRO D 539 -33.63 -18.68 5.54
CA PRO D 539 -33.49 -17.34 6.13
C PRO D 539 -32.57 -17.29 7.34
N ASP D 540 -32.52 -18.35 8.14
CA ASP D 540 -31.79 -18.32 9.40
C ASP D 540 -30.35 -18.79 9.28
N LEU D 541 -29.90 -19.18 8.09
CA LEU D 541 -28.56 -19.71 7.91
C LEU D 541 -27.76 -19.03 6.79
N PHE D 542 -28.38 -18.18 5.97
CA PHE D 542 -27.69 -17.67 4.79
C PHE D 542 -26.42 -16.92 5.16
N CYS D 543 -26.35 -16.38 6.38
CA CYS D 543 -25.19 -15.61 6.81
C CYS D 543 -24.07 -16.49 7.36
N LEU D 544 -24.27 -17.80 7.42
CA LEU D 544 -23.25 -18.69 7.96
C LEU D 544 -22.06 -18.78 7.00
N PRO D 545 -20.84 -18.50 7.44
CA PRO D 545 -19.69 -18.61 6.54
C PRO D 545 -19.56 -20.02 5.99
N LEU D 546 -19.15 -20.11 4.72
CA LEU D 546 -19.08 -21.38 4.01
C LEU D 546 -17.72 -22.05 4.15
N GLY D 547 -16.73 -21.40 4.76
CA GLY D 547 -15.41 -21.96 4.84
C GLY D 547 -15.20 -22.90 6.02
N GLU D 548 -15.46 -22.42 7.22
CA GLU D 548 -15.20 -23.21 8.42
C GLU D 548 -16.06 -24.46 8.43
N SER D 549 -15.49 -25.56 8.94
CA SER D 549 -16.24 -26.79 9.07
C SER D 549 -17.38 -26.60 10.06
N PHE D 550 -18.50 -27.27 9.80
CA PHE D 550 -19.70 -27.12 10.62
C PHE D 550 -20.68 -28.21 10.24
N SER D 551 -21.84 -28.18 10.88
CA SER D 551 -22.95 -29.07 10.57
C SER D 551 -24.25 -28.31 10.79
N ALA D 552 -25.21 -28.57 9.90
CA ALA D 552 -26.52 -27.91 9.95
C ALA D 552 -27.60 -28.96 9.96
N LEU D 553 -28.68 -28.70 10.71
CA LEU D 553 -29.77 -29.66 10.83
C LEU D 553 -31.06 -28.87 10.97
N THR D 554 -31.96 -29.03 9.99
CA THR D 554 -33.29 -28.42 10.04
C THR D 554 -34.27 -29.47 10.57
N VAL D 555 -34.24 -29.67 11.88
CA VAL D 555 -34.99 -30.77 12.49
C VAL D 555 -36.48 -30.58 12.29
N SER D 556 -36.96 -29.35 12.32
CA SER D 556 -38.39 -29.07 12.15
C SER D 556 -38.53 -27.67 11.57
N GLU D 557 -39.76 -27.16 11.57
CA GLU D 557 -40.03 -25.83 11.05
C GLU D 557 -39.56 -24.74 12.01
N HIS D 558 -39.79 -24.93 13.31
CA HIS D 558 -39.53 -23.89 14.29
C HIS D 558 -38.10 -23.86 14.79
N VAL D 559 -37.42 -25.00 14.83
CA VAL D 559 -36.09 -25.11 15.41
C VAL D 559 -35.09 -25.47 14.32
N SER D 560 -33.83 -25.09 14.56
CA SER D 560 -32.76 -25.37 13.60
C SER D 560 -31.45 -25.34 14.35
N TYR D 561 -30.76 -26.48 14.40
CA TYR D 561 -29.51 -26.62 15.14
C TYR D 561 -28.32 -26.51 14.19
N VAL D 562 -27.27 -25.84 14.66
CA VAL D 562 -26.00 -25.78 13.96
C VAL D 562 -24.92 -26.22 14.95
N VAL D 563 -24.14 -27.23 14.56
CA VAL D 563 -23.08 -27.77 15.40
C VAL D 563 -21.75 -27.35 14.81
N THR D 564 -20.92 -26.70 15.61
CA THR D 564 -19.70 -26.09 15.11
C THR D 564 -18.60 -26.25 16.14
N ASN D 565 -17.36 -26.19 15.66
CA ASN D 565 -16.21 -26.08 16.56
C ASN D 565 -16.11 -24.70 17.19
N GLN D 566 -16.89 -23.73 16.71
CA GLN D 566 -16.78 -22.35 17.15
C GLN D 566 -18.16 -21.73 17.17
N TYR D 567 -18.32 -20.69 17.99
CA TYR D 567 -19.56 -19.91 18.04
C TYR D 567 -19.59 -19.03 16.80
N LEU D 568 -20.32 -19.49 15.78
CA LEU D 568 -20.32 -18.80 14.49
C LEU D 568 -21.46 -17.80 14.36
N ILE D 569 -22.68 -18.19 14.75
CA ILE D 569 -23.87 -17.38 14.52
C ILE D 569 -24.60 -17.15 15.83
N LYS D 570 -25.45 -16.13 15.84
CA LYS D 570 -26.20 -15.78 17.03
C LYS D 570 -27.23 -16.86 17.36
N GLY D 571 -27.59 -16.93 18.64
CA GLY D 571 -28.57 -17.89 19.10
C GLY D 571 -28.11 -18.63 20.33
N ILE D 572 -28.99 -19.47 20.90
CA ILE D 572 -28.60 -20.26 22.05
C ILE D 572 -27.49 -21.21 21.64
N SER D 573 -26.44 -21.29 22.46
CA SER D 573 -25.25 -22.07 22.14
C SER D 573 -24.87 -22.92 23.35
N TYR D 574 -25.15 -24.20 23.28
CA TYR D 574 -24.70 -25.13 24.32
C TYR D 574 -23.28 -25.58 24.02
N PRO D 575 -22.32 -25.32 24.90
CA PRO D 575 -21.00 -25.92 24.75
C PRO D 575 -20.95 -27.34 25.29
N VAL D 576 -20.12 -28.16 24.65
CA VAL D 576 -19.97 -29.56 25.00
C VAL D 576 -18.50 -29.85 25.26
N SER D 577 -18.23 -31.01 25.85
CA SER D 577 -16.86 -31.39 26.16
C SER D 577 -15.98 -31.25 24.93
N THR D 578 -14.72 -30.88 25.18
CA THR D 578 -13.79 -30.61 24.10
C THR D 578 -13.46 -31.88 23.33
N THR D 579 -13.50 -31.80 21.99
CA THR D 579 -12.96 -32.87 21.18
C THR D 579 -11.47 -33.05 21.46
N VAL D 580 -10.74 -31.94 21.52
CA VAL D 580 -9.37 -31.91 22.00
C VAL D 580 -9.19 -30.63 22.82
N VAL D 581 -8.37 -30.72 23.87
CA VAL D 581 -8.16 -29.59 24.76
C VAL D 581 -7.75 -28.38 23.91
N GLY D 582 -8.55 -27.31 23.98
CA GLY D 582 -8.38 -26.15 23.13
C GLY D 582 -9.35 -26.08 21.98
N GLN D 583 -10.02 -27.19 21.65
CA GLN D 583 -11.06 -27.22 20.63
C GLN D 583 -12.33 -27.77 21.25
N SER D 584 -13.45 -27.08 21.00
CA SER D 584 -14.71 -27.40 21.66
C SER D 584 -15.78 -27.72 20.62
N LEU D 585 -16.58 -28.73 20.93
CA LEU D 585 -17.76 -29.06 20.14
C LEU D 585 -18.91 -28.19 20.62
N ILE D 586 -19.29 -27.21 19.81
CA ILE D 586 -20.30 -26.22 20.18
C ILE D 586 -21.59 -26.54 19.44
N ILE D 587 -22.70 -26.55 20.17
CA ILE D 587 -24.02 -26.79 19.61
C ILE D 587 -24.81 -25.48 19.71
N THR D 588 -25.29 -25.00 18.57
CA THR D 588 -26.06 -23.76 18.49
C THR D 588 -27.48 -24.09 18.08
N GLN D 589 -28.44 -23.58 18.84
CA GLN D 589 -29.86 -23.76 18.56
C GLN D 589 -30.47 -22.41 18.25
N THR D 590 -31.25 -22.35 17.15
CA THR D 590 -31.85 -21.11 16.70
C THR D 590 -33.26 -21.40 16.19
N ASP D 591 -34.05 -20.34 16.04
CA ASP D 591 -35.40 -20.43 15.53
C ASP D 591 -35.41 -20.05 14.05
N SER D 592 -36.04 -20.89 13.22
CA SER D 592 -36.00 -20.69 11.78
C SER D 592 -36.69 -19.40 11.36
N GLN D 593 -37.63 -18.89 12.14
CA GLN D 593 -38.40 -17.72 11.74
C GLN D 593 -37.63 -16.42 11.92
N SER D 594 -36.35 -16.47 12.29
CA SER D 594 -35.55 -15.28 12.51
C SER D 594 -34.42 -15.20 11.48
N LYS D 595 -34.03 -13.97 11.17
CA LYS D 595 -32.98 -13.75 10.19
C LYS D 595 -31.63 -14.24 10.69
N CYS D 596 -30.82 -14.75 9.77
CA CYS D 596 -29.47 -15.18 10.12
C CYS D 596 -28.67 -13.99 10.63
N GLU D 597 -27.83 -14.24 11.63
CA GLU D 597 -27.00 -13.20 12.21
C GLU D 597 -25.61 -13.75 12.49
N LEU D 598 -24.59 -12.97 12.16
CA LEU D 598 -23.20 -13.37 12.34
C LEU D 598 -22.63 -12.79 13.64
N THR D 599 -23.16 -13.29 14.77
CA THR D 599 -22.69 -12.88 16.08
C THR D 599 -21.71 -13.94 16.60
N ARG D 600 -20.48 -13.50 16.87
CA ARG D 600 -19.42 -14.39 17.33
C ARG D 600 -19.21 -14.33 18.84
N ASN D 601 -20.01 -13.53 19.56
CA ASN D 601 -19.78 -13.30 20.98
C ASN D 601 -20.31 -14.47 21.80
N MET D 602 -19.90 -14.50 23.06
CA MET D 602 -20.34 -15.51 24.01
C MET D 602 -21.60 -15.02 24.71
N HIS D 603 -22.70 -15.76 24.55
CA HIS D 603 -23.93 -15.44 25.26
C HIS D 603 -24.84 -16.65 25.22
N THR D 604 -25.73 -16.73 26.22
CA THR D 604 -26.66 -17.85 26.36
C THR D 604 -25.92 -19.18 26.28
N THR D 605 -24.78 -19.25 26.97
CA THR D 605 -23.96 -20.46 26.99
C THR D 605 -24.53 -21.44 28.00
N HIS D 606 -25.73 -21.92 27.69
CA HIS D 606 -26.44 -22.81 28.60
C HIS D 606 -25.79 -24.19 28.61
N SER D 607 -25.95 -24.88 29.74
CA SER D 607 -25.33 -26.18 29.95
C SER D 607 -26.19 -27.30 29.38
N ILE D 608 -25.56 -28.45 29.17
CA ILE D 608 -26.25 -29.62 28.64
C ILE D 608 -27.00 -30.30 29.78
N THR D 609 -28.28 -30.59 29.53
CA THR D 609 -29.08 -31.35 30.48
C THR D 609 -28.98 -32.83 30.17
N ALA D 610 -29.60 -33.66 31.00
CA ALA D 610 -29.53 -35.11 30.84
C ALA D 610 -30.87 -35.74 31.21
N ALA D 611 -31.11 -36.91 30.63
CA ALA D 611 -32.31 -37.69 30.93
C ALA D 611 -32.04 -39.13 30.54
N LEU D 612 -32.51 -40.07 31.36
CA LEU D 612 -32.27 -41.49 31.14
C LEU D 612 -33.55 -42.24 30.79
N ASN D 613 -34.57 -42.20 31.65
CA ASN D 613 -35.85 -42.83 31.36
C ASN D 613 -36.75 -41.83 30.65
N ILE D 614 -36.39 -41.57 29.39
CA ILE D 614 -37.11 -40.57 28.61
C ILE D 614 -38.57 -40.96 28.46
N SER D 615 -39.42 -39.96 28.31
CA SER D 615 -40.86 -40.15 28.14
C SER D 615 -41.21 -40.01 26.66
N LEU D 616 -42.00 -40.95 26.14
CA LEU D 616 -42.37 -40.98 24.75
C LEU D 616 -43.87 -40.75 24.53
N GLU D 617 -44.54 -40.10 25.48
CA GLU D 617 -45.96 -39.82 25.32
C GLU D 617 -46.20 -38.97 24.09
N ASN D 618 -47.16 -39.39 23.27
CA ASN D 618 -47.49 -38.68 22.03
C ASN D 618 -46.24 -38.43 21.19
N CYS D 619 -45.23 -39.27 21.36
CA CYS D 619 -43.95 -39.14 20.68
C CYS D 619 -43.45 -37.69 20.72
N ALA D 620 -43.22 -37.21 21.94
CA ALA D 620 -42.58 -35.91 22.11
C ALA D 620 -41.16 -35.89 21.57
N PHE D 621 -40.56 -37.05 21.33
CA PHE D 621 -39.22 -37.16 20.76
C PHE D 621 -39.22 -37.31 19.25
N CYS D 622 -40.39 -37.43 18.62
CA CYS D 622 -40.46 -37.54 17.18
C CYS D 622 -39.78 -36.33 16.52
N GLN D 623 -39.38 -36.51 15.28
CA GLN D 623 -38.71 -35.47 14.50
C GLN D 623 -37.56 -34.87 15.31
N SER D 624 -36.63 -35.74 15.70
CA SER D 624 -35.49 -35.35 16.50
C SER D 624 -34.23 -35.98 15.91
N ALA D 625 -33.11 -35.28 16.08
CA ALA D 625 -31.82 -35.74 15.59
C ALA D 625 -30.90 -36.05 16.77
N LEU D 626 -30.14 -37.14 16.63
CA LEU D 626 -29.22 -37.57 17.67
C LEU D 626 -27.80 -37.55 17.13
N LEU D 627 -26.84 -37.40 18.04
CA LEU D 627 -25.43 -37.33 17.68
C LEU D 627 -24.61 -38.06 18.73
N GLU D 628 -23.70 -38.92 18.28
CA GLU D 628 -22.81 -39.65 19.17
C GLU D 628 -21.47 -38.92 19.18
N TYR D 629 -21.33 -37.98 20.11
CA TYR D 629 -20.10 -37.20 20.23
C TYR D 629 -19.01 -38.04 20.89
N ASP D 630 -17.84 -38.08 20.27
CA ASP D 630 -16.69 -38.81 20.79
C ASP D 630 -15.72 -37.82 21.41
N ASP D 631 -15.28 -38.12 22.64
CA ASP D 631 -14.57 -37.13 23.44
C ASP D 631 -13.23 -36.76 22.82
N THR D 632 -12.46 -37.75 22.38
CA THR D 632 -11.08 -37.54 21.97
C THR D 632 -10.88 -37.74 20.45
N GLN D 633 -11.83 -37.28 19.66
CA GLN D 633 -11.69 -37.32 18.20
C GLN D 633 -12.81 -36.50 17.59
N GLY D 634 -12.87 -36.49 16.26
CA GLY D 634 -13.89 -35.74 15.58
C GLY D 634 -15.27 -36.30 15.81
N VAL D 635 -16.27 -35.43 15.77
CA VAL D 635 -17.66 -35.83 15.92
C VAL D 635 -18.08 -36.64 14.70
N ILE D 636 -19.01 -37.57 14.90
CA ILE D 636 -19.30 -38.57 13.88
C ILE D 636 -20.76 -38.98 13.95
N ASN D 637 -21.30 -39.37 12.78
CA ASN D 637 -22.49 -40.20 12.67
C ASN D 637 -23.71 -39.54 13.34
N ILE D 638 -24.15 -38.45 12.73
CA ILE D 638 -25.43 -37.85 13.08
C ILE D 638 -26.55 -38.65 12.44
N MET D 639 -27.69 -38.71 13.11
CA MET D 639 -28.85 -39.44 12.59
C MET D 639 -30.12 -38.69 12.96
N TYR D 640 -31.12 -38.80 12.08
CA TYR D 640 -32.39 -38.13 12.24
C TYR D 640 -33.52 -39.16 12.28
N MET D 641 -34.33 -39.09 13.32
CA MET D 641 -35.47 -40.00 13.51
C MET D 641 -36.76 -39.22 13.34
N HIS D 642 -37.62 -39.70 12.44
CA HIS D 642 -38.86 -38.98 12.14
C HIS D 642 -39.96 -39.36 13.11
N ASP D 643 -40.33 -40.63 13.15
CA ASP D 643 -41.47 -41.12 13.91
C ASP D 643 -41.00 -41.83 15.18
N SER D 644 -41.96 -42.38 15.92
CA SER D 644 -41.63 -43.17 17.10
C SER D 644 -40.88 -44.43 16.72
N ASP D 645 -41.27 -45.06 15.61
CA ASP D 645 -40.63 -46.31 15.20
C ASP D 645 -39.16 -46.07 14.88
N ASP D 646 -38.84 -44.96 14.23
CA ASP D 646 -37.44 -44.68 13.88
C ASP D 646 -36.59 -44.56 15.13
N VAL D 647 -37.07 -43.81 16.13
CA VAL D 647 -36.29 -43.64 17.35
C VAL D 647 -36.20 -44.96 18.12
N LEU D 648 -37.27 -45.75 18.09
CA LEU D 648 -37.21 -47.07 18.73
C LEU D 648 -36.13 -47.93 18.07
N PHE D 649 -36.07 -47.92 16.74
CA PHE D 649 -35.04 -48.68 16.04
C PHE D 649 -33.65 -48.17 16.40
N ALA D 650 -33.48 -46.84 16.40
CA ALA D 650 -32.17 -46.28 16.67
C ALA D 650 -31.69 -46.61 18.08
N LEU D 651 -32.59 -46.51 19.07
CA LEU D 651 -32.21 -46.78 20.45
C LEU D 651 -31.80 -48.24 20.63
N ASP D 652 -32.49 -49.16 19.96
CA ASP D 652 -32.19 -50.58 20.09
C ASP D 652 -30.71 -50.83 19.78
N PRO D 653 -29.89 -51.14 20.78
CA PRO D 653 -28.46 -51.33 20.51
C PRO D 653 -28.17 -52.50 19.58
N TYR D 654 -29.10 -53.45 19.45
CA TYR D 654 -28.86 -54.58 18.56
C TYR D 654 -28.59 -54.13 17.13
N ASN D 655 -29.13 -52.97 16.74
CA ASN D 655 -28.92 -52.44 15.40
C ASN D 655 -27.60 -51.68 15.28
N GLU D 656 -26.81 -51.61 16.34
CA GLU D 656 -25.49 -50.98 16.36
C GLU D 656 -25.56 -49.47 16.20
N VAL D 657 -26.76 -48.88 16.23
CA VAL D 657 -26.87 -47.43 16.13
C VAL D 657 -26.27 -46.78 17.38
N VAL D 658 -26.47 -47.40 18.54
CA VAL D 658 -25.96 -46.89 19.81
C VAL D 658 -25.17 -48.00 20.48
N VAL D 659 -23.95 -47.68 20.92
CA VAL D 659 -23.07 -48.66 21.53
C VAL D 659 -22.84 -48.39 23.01
N SER D 660 -22.89 -47.12 23.45
CA SER D 660 -22.80 -46.77 24.87
C SER D 660 -21.39 -46.96 25.43
N SER D 661 -20.36 -46.81 24.59
CA SER D 661 -19.00 -46.89 25.08
C SER D 661 -18.68 -45.66 25.93
N PRO D 662 -17.81 -45.81 26.95
CA PRO D 662 -17.51 -44.65 27.80
C PRO D 662 -16.94 -43.47 27.05
N ARG D 663 -16.10 -43.72 26.03
CA ARG D 663 -15.47 -42.63 25.32
C ARG D 663 -16.49 -41.75 24.60
N THR D 664 -17.48 -42.37 23.96
CA THR D 664 -18.47 -41.66 23.18
C THR D 664 -19.71 -41.38 24.01
N HIS D 665 -20.42 -40.31 23.66
CA HIS D 665 -21.62 -39.89 24.35
C HIS D 665 -22.69 -39.55 23.33
N TYR D 666 -23.93 -39.89 23.65
CA TYR D 666 -25.06 -39.73 22.74
C TYR D 666 -25.94 -38.59 23.21
N LEU D 667 -26.35 -37.74 22.27
CA LEU D 667 -27.16 -36.56 22.58
C LEU D 667 -28.43 -36.58 21.75
N MET D 668 -29.47 -35.95 22.29
CA MET D 668 -30.75 -35.81 21.62
C MET D 668 -31.06 -34.35 21.40
N LEU D 669 -31.51 -34.01 20.19
CA LEU D 669 -31.93 -32.66 19.83
C LEU D 669 -33.42 -32.73 19.52
N LEU D 670 -34.23 -32.31 20.48
CA LEU D 670 -35.67 -32.45 20.37
C LEU D 670 -36.24 -31.43 19.37
N LYS D 671 -37.51 -31.63 19.02
CA LYS D 671 -38.14 -30.73 18.05
C LYS D 671 -38.17 -29.30 18.57
N ASN D 672 -38.25 -29.11 19.87
CA ASN D 672 -38.13 -27.78 20.45
C ASN D 672 -36.65 -27.52 20.77
N GLY D 673 -36.38 -26.45 21.50
CA GLY D 673 -35.00 -26.03 21.72
C GLY D 673 -34.21 -26.85 22.71
N THR D 674 -34.79 -27.91 23.27
CA THR D 674 -34.11 -28.68 24.30
C THR D 674 -32.93 -29.45 23.70
N VAL D 675 -31.78 -29.34 24.35
CA VAL D 675 -30.61 -30.16 24.06
C VAL D 675 -30.25 -30.92 25.33
N LEU D 676 -30.18 -32.24 25.23
CA LEU D 676 -29.99 -33.06 26.42
C LEU D 676 -29.14 -34.27 26.10
N GLU D 677 -28.55 -34.84 27.14
CA GLU D 677 -27.76 -36.06 27.02
C GLU D 677 -28.65 -37.28 27.13
N VAL D 678 -28.19 -38.38 26.52
CA VAL D 678 -28.94 -39.63 26.56
C VAL D 678 -28.68 -40.33 27.88
N PHE E 4 5.84 -4.42 -36.24
CA PHE E 4 4.94 -3.65 -35.32
C PHE E 4 5.73 -3.09 -34.14
N ALA E 5 5.17 -2.06 -33.49
CA ALA E 5 5.83 -1.46 -32.35
C ALA E 5 5.95 -2.44 -31.18
N THR E 6 5.05 -3.39 -31.07
CA THR E 6 5.10 -4.40 -30.02
C THR E 6 4.00 -5.42 -30.27
N ALA E 7 3.92 -6.42 -29.41
CA ALA E 7 2.87 -7.42 -29.41
C ALA E 7 2.14 -7.40 -28.06
N ASP E 8 1.19 -8.30 -27.91
CA ASP E 8 0.47 -8.40 -26.64
C ASP E 8 1.44 -8.84 -25.54
N ILE E 9 1.19 -8.32 -24.33
CA ILE E 9 2.11 -8.58 -23.23
C ILE E 9 2.26 -10.08 -23.05
N ALA E 10 3.51 -10.54 -23.02
CA ALA E 10 3.81 -11.96 -22.88
C ALA E 10 4.30 -12.32 -21.49
N GLU E 11 4.77 -11.35 -20.71
CA GLU E 11 5.39 -11.61 -19.41
C GLU E 11 4.85 -10.64 -18.36
N LYS E 12 3.53 -10.54 -18.26
CA LYS E 12 2.89 -9.64 -17.30
C LYS E 12 3.55 -9.70 -15.94
N MET E 13 3.56 -8.57 -15.23
CA MET E 13 4.01 -8.53 -13.85
C MET E 13 3.14 -7.52 -13.10
N TRP E 14 3.05 -7.70 -11.79
CA TRP E 14 2.23 -6.85 -10.95
C TRP E 14 3.10 -6.20 -9.88
N ALA E 15 2.97 -4.89 -9.74
CA ALA E 15 3.65 -4.21 -8.65
C ALA E 15 3.00 -4.56 -7.32
N GLU E 16 3.82 -4.61 -6.27
CA GLU E 16 3.29 -4.98 -4.95
C GLU E 16 2.24 -4.01 -4.45
N ASN E 17 2.19 -2.80 -5.00
CA ASN E 17 1.14 -1.84 -4.68
C ASN E 17 -0.06 -1.97 -5.62
N TYR E 18 -0.06 -2.98 -6.49
CA TYR E 18 -1.14 -3.13 -7.46
C TYR E 18 -2.50 -3.25 -6.77
N GLU E 19 -2.59 -4.11 -5.76
CA GLU E 19 -3.85 -4.34 -5.07
C GLU E 19 -3.93 -3.58 -3.75
N THR E 20 -2.94 -2.75 -3.44
CA THR E 20 -2.99 -1.90 -2.27
C THR E 20 -3.35 -0.46 -2.60
N THR E 21 -3.18 -0.05 -3.86
CA THR E 21 -3.46 1.32 -4.27
C THR E 21 -4.52 1.42 -5.36
N SER E 22 -5.06 0.31 -5.83
CA SER E 22 -6.09 0.35 -6.84
C SER E 22 -7.40 0.82 -6.21
N PRO E 23 -8.00 1.92 -6.65
CA PRO E 23 -9.24 2.38 -6.04
C PRO E 23 -10.35 1.35 -6.17
N ALA E 24 -11.24 1.34 -5.18
CA ALA E 24 -12.35 0.41 -5.19
C ALA E 24 -13.31 0.75 -6.34
N PRO E 25 -14.10 -0.21 -6.78
CA PRO E 25 -15.00 0.04 -7.91
C PRO E 25 -15.84 1.29 -7.69
N VAL E 26 -16.21 1.94 -8.79
CA VAL E 26 -16.93 3.20 -8.75
C VAL E 26 -18.17 3.10 -9.63
N LEU E 27 -19.28 3.61 -9.13
CA LEU E 27 -20.53 3.66 -9.88
C LEU E 27 -20.71 5.06 -10.45
N VAL E 28 -20.65 5.17 -11.77
CA VAL E 28 -20.73 6.46 -12.46
C VAL E 28 -21.96 6.45 -13.35
N ALA E 29 -22.70 7.57 -13.31
CA ALA E 29 -23.94 7.65 -14.07
C ALA E 29 -23.67 7.48 -15.56
N GLU E 30 -24.59 6.83 -16.24
CA GLU E 30 -24.47 6.63 -17.68
C GLU E 30 -24.45 7.97 -18.39
N GLY E 31 -23.64 8.06 -19.45
CA GLY E 31 -23.59 9.25 -20.26
C GLY E 31 -22.68 10.36 -19.75
N GLU E 32 -21.90 10.09 -18.71
CA GLU E 32 -21.02 11.09 -18.12
C GLU E 32 -19.60 10.90 -18.63
N GLN E 33 -18.86 12.01 -18.70
CA GLN E 33 -17.52 12.02 -19.29
C GLN E 33 -16.46 11.72 -18.24
N VAL E 34 -16.38 10.44 -17.88
CA VAL E 34 -15.36 10.01 -16.93
C VAL E 34 -14.00 10.06 -17.62
N THR E 35 -12.96 10.22 -16.80
CA THR E 35 -11.58 10.20 -17.27
C THR E 35 -10.75 9.38 -16.31
N ILE E 36 -9.74 8.70 -16.84
CA ILE E 36 -8.88 7.80 -16.07
C ILE E 36 -7.59 8.56 -15.76
N PRO E 37 -7.34 8.94 -14.50
CA PRO E 37 -6.06 9.56 -14.17
C PRO E 37 -4.97 8.51 -14.01
N CYS E 38 -3.75 9.00 -13.81
CA CYS E 38 -2.61 8.12 -13.59
C CYS E 38 -1.41 8.97 -13.21
N THR E 39 -0.43 8.32 -12.60
CA THR E 39 0.82 8.99 -12.21
C THR E 39 1.90 7.94 -12.07
N VAL E 40 2.90 8.01 -12.94
CA VAL E 40 4.02 7.08 -12.91
C VAL E 40 5.30 7.88 -12.74
N MET E 41 6.13 7.46 -11.79
CA MET E 41 7.38 8.15 -11.55
C MET E 41 8.36 7.91 -12.69
N THR E 42 9.33 8.79 -12.81
CA THR E 42 10.31 8.69 -13.90
C THR E 42 10.93 7.30 -13.89
N HIS E 43 10.97 6.68 -15.07
CA HIS E 43 11.31 5.27 -15.18
C HIS E 43 12.30 5.09 -16.34
N SER E 44 12.62 3.83 -16.62
CA SER E 44 13.46 3.47 -17.74
C SER E 44 12.70 2.73 -18.84
N TRP E 45 11.39 2.57 -18.70
CA TRP E 45 10.60 1.85 -19.68
C TRP E 45 10.37 2.72 -20.91
N PRO E 46 10.71 2.26 -22.11
CA PRO E 46 10.48 3.10 -23.30
C PRO E 46 9.03 3.49 -23.52
N MET E 47 8.06 2.64 -23.17
CA MET E 47 6.68 2.86 -23.52
C MET E 47 5.78 2.69 -22.29
N VAL E 48 4.84 3.63 -22.12
CA VAL E 48 3.77 3.49 -21.15
C VAL E 48 2.47 3.33 -21.91
N SER E 49 1.51 2.68 -21.29
CA SER E 49 0.27 2.37 -21.98
C SER E 49 -0.86 2.20 -20.96
N ILE E 50 -2.08 2.27 -21.47
CA ILE E 50 -3.29 2.04 -20.69
C ILE E 50 -3.95 0.79 -21.24
N ARG E 51 -4.20 -0.19 -20.37
CA ARG E 51 -4.76 -1.47 -20.76
C ARG E 51 -6.19 -1.56 -20.28
N ALA E 52 -7.07 -2.10 -21.11
CA ALA E 52 -8.50 -2.08 -20.87
C ALA E 52 -9.08 -3.48 -20.98
N ARG E 53 -10.13 -3.71 -20.20
CA ARG E 53 -10.92 -4.94 -20.29
C ARG E 53 -12.37 -4.58 -20.04
N PHE E 54 -13.16 -4.49 -21.10
CA PHE E 54 -14.56 -4.11 -20.97
C PHE E 54 -15.39 -5.26 -20.43
N CYS E 55 -16.37 -4.92 -19.58
CA CYS E 55 -17.16 -5.95 -18.92
C CYS E 55 -17.97 -6.77 -19.93
N ARG E 56 -18.71 -6.09 -20.79
CA ARG E 56 -19.74 -6.74 -21.60
C ARG E 56 -19.14 -7.28 -22.90
N SER E 57 -19.30 -8.58 -23.11
CA SER E 57 -19.00 -9.22 -24.39
C SER E 57 -17.61 -8.80 -24.91
N HIS E 58 -16.59 -9.17 -24.16
CA HIS E 58 -15.23 -8.84 -24.54
C HIS E 58 -14.27 -9.85 -23.95
N ASP E 59 -13.20 -10.13 -24.69
CA ASP E 59 -12.17 -11.05 -24.25
C ASP E 59 -10.83 -10.54 -24.74
N GLY E 60 -9.76 -10.98 -24.10
CA GLY E 60 -8.45 -10.44 -24.39
C GLY E 60 -8.27 -9.06 -23.80
N SER E 61 -7.35 -8.30 -24.38
CA SER E 61 -7.07 -6.96 -23.89
C SER E 61 -6.74 -6.05 -25.06
N ASP E 62 -7.05 -4.77 -24.89
CA ASP E 62 -6.71 -3.73 -25.85
C ASP E 62 -5.94 -2.64 -25.13
N GLU E 63 -4.87 -2.16 -25.74
CA GLU E 63 -3.93 -1.26 -25.10
C GLU E 63 -3.62 -0.08 -26.01
N LEU E 64 -3.38 1.07 -25.39
CA LEU E 64 -2.98 2.29 -26.07
C LEU E 64 -1.57 2.62 -25.61
N ILE E 65 -0.63 2.71 -26.55
CA ILE E 65 0.79 2.79 -26.25
C ILE E 65 1.27 4.21 -26.51
N LEU E 66 1.83 4.85 -25.49
CA LEU E 66 2.38 6.19 -25.57
C LEU E 66 3.88 6.14 -25.37
N ASP E 67 4.62 6.96 -26.12
CA ASP E 67 6.05 7.08 -25.88
C ASP E 67 6.27 7.60 -24.46
N ALA E 68 7.30 7.07 -23.81
CA ALA E 68 7.48 7.34 -22.38
C ALA E 68 7.71 8.81 -22.09
N VAL E 69 8.49 9.50 -22.92
CA VAL E 69 8.97 10.84 -22.61
C VAL E 69 8.22 11.90 -23.42
N LYS E 70 8.15 11.73 -24.74
CA LYS E 70 7.55 12.77 -25.57
C LYS E 70 6.05 12.84 -25.37
N GLY E 71 5.38 11.69 -25.38
CA GLY E 71 3.93 11.65 -25.31
C GLY E 71 3.23 11.33 -26.62
N HIS E 72 3.98 11.02 -27.67
CA HIS E 72 3.37 10.66 -28.93
C HIS E 72 2.58 9.36 -28.79
N ARG E 73 1.70 9.12 -29.75
CA ARG E 73 0.96 7.87 -29.82
C ARG E 73 1.69 6.92 -30.77
N LEU E 74 1.91 5.68 -30.31
CA LEU E 74 2.55 4.66 -31.13
C LEU E 74 1.59 3.58 -31.60
N MET E 75 0.54 3.28 -30.84
CA MET E 75 -0.44 2.30 -31.24
C MET E 75 -1.67 2.46 -30.37
N ASN E 76 -2.84 2.37 -30.98
CA ASN E 76 -4.12 2.58 -30.30
C ASN E 76 -5.04 1.41 -30.62
N GLY E 77 -5.14 0.47 -29.69
CA GLY E 77 -6.04 -0.66 -29.83
C GLY E 77 -7.44 -0.43 -29.34
N LEU E 78 -7.67 0.66 -28.61
CA LEU E 78 -9.01 0.97 -28.11
C LEU E 78 -9.93 1.50 -29.19
N GLN E 79 -9.52 1.43 -30.45
CA GLN E 79 -10.27 2.07 -31.53
C GLN E 79 -11.69 1.52 -31.64
N TYR E 80 -11.81 0.21 -31.82
CA TYR E 80 -13.10 -0.38 -32.17
C TYR E 80 -14.14 -0.22 -31.06
N ARG E 81 -13.72 0.09 -29.84
CA ARG E 81 -14.66 0.29 -28.74
C ARG E 81 -14.71 1.72 -28.24
N LEU E 82 -13.70 2.54 -28.53
CA LEU E 82 -13.66 3.94 -28.11
C LEU E 82 -13.28 4.79 -29.33
N PRO E 83 -14.17 4.89 -30.30
CA PRO E 83 -13.85 5.69 -31.50
C PRO E 83 -13.59 7.15 -31.20
N TYR E 84 -14.13 7.69 -30.10
CA TYR E 84 -14.02 9.12 -29.80
C TYR E 84 -13.34 9.39 -28.47
N ALA E 85 -12.49 8.47 -28.01
CA ALA E 85 -11.74 8.70 -26.78
C ALA E 85 -10.49 9.51 -27.08
N THR E 86 -10.21 10.48 -26.21
CA THR E 86 -9.05 11.36 -26.35
C THR E 86 -8.12 11.13 -25.18
N TRP E 87 -6.85 10.91 -25.46
CA TRP E 87 -5.85 10.66 -24.43
C TRP E 87 -5.21 11.98 -24.02
N ASN E 88 -4.11 11.90 -23.27
CA ASN E 88 -3.43 13.08 -22.76
C ASN E 88 -2.08 12.65 -22.23
N PHE E 89 -1.17 13.61 -22.13
CA PHE E 89 0.17 13.34 -21.61
C PHE E 89 0.81 14.64 -21.19
N SER E 90 1.08 14.77 -19.88
CA SER E 90 1.75 15.94 -19.33
C SER E 90 3.01 15.47 -18.61
N GLN E 91 4.10 16.20 -18.81
CA GLN E 91 5.40 15.82 -18.26
C GLN E 91 5.77 16.76 -17.12
N LEU E 92 5.83 16.21 -15.92
CA LEU E 92 6.47 16.85 -14.78
C LEU E 92 7.85 16.24 -14.66
N HIS E 93 8.89 17.08 -14.73
CA HIS E 93 10.25 16.56 -14.77
C HIS E 93 10.45 15.48 -13.72
N LEU E 94 9.73 15.60 -12.61
CA LEU E 94 9.77 14.55 -11.59
C LEU E 94 9.11 13.28 -12.09
N GLY E 95 7.99 13.39 -12.80
CA GLY E 95 7.29 12.21 -13.27
C GLY E 95 6.25 12.58 -14.31
N GLN E 96 5.84 11.57 -15.06
CA GLN E 96 4.89 11.76 -16.14
C GLN E 96 3.46 11.48 -15.69
N ILE E 97 2.52 12.08 -16.41
CA ILE E 97 1.09 11.85 -16.20
C ILE E 97 0.44 11.63 -17.56
N PHE E 98 -0.42 10.61 -17.64
CA PHE E 98 -1.22 10.39 -18.83
C PHE E 98 -2.63 10.04 -18.40
N SER E 99 -3.60 10.29 -19.30
CA SER E 99 -4.99 10.10 -18.96
C SER E 99 -5.76 9.68 -20.22
N LEU E 100 -6.91 9.06 -19.99
CA LEU E 100 -7.83 8.67 -21.05
C LEU E 100 -9.22 9.16 -20.67
N THR E 101 -9.94 9.69 -21.66
CA THR E 101 -11.27 10.25 -21.44
C THR E 101 -12.24 9.70 -22.47
N PHE E 102 -13.48 9.50 -22.03
CA PHE E 102 -14.52 8.94 -22.90
C PHE E 102 -15.87 9.27 -22.30
N ASN E 103 -16.92 8.68 -22.86
CA ASN E 103 -18.29 8.83 -22.38
C ASN E 103 -18.75 7.46 -21.89
N VAL E 104 -18.62 7.21 -20.59
CA VAL E 104 -18.97 5.91 -20.05
C VAL E 104 -20.40 5.56 -20.41
N SER E 105 -20.61 4.31 -20.80
CA SER E 105 -21.92 3.81 -21.16
C SER E 105 -21.96 2.32 -20.83
N THR E 106 -22.98 1.63 -21.34
CA THR E 106 -23.08 0.20 -21.06
C THR E 106 -21.93 -0.59 -21.67
N ASP E 107 -21.45 -0.18 -22.85
CA ASP E 107 -20.47 -0.95 -23.59
C ASP E 107 -19.03 -0.63 -23.20
N THR E 108 -18.79 0.43 -22.44
CA THR E 108 -17.42 0.85 -22.13
C THR E 108 -17.07 0.70 -20.66
N ALA E 109 -17.92 0.10 -19.85
CA ALA E 109 -17.58 -0.18 -18.47
C ALA E 109 -16.63 -1.37 -18.39
N GLY E 110 -15.64 -1.27 -17.52
CA GLY E 110 -14.67 -2.34 -17.39
C GLY E 110 -13.49 -1.91 -16.53
N MET E 111 -12.43 -2.70 -16.60
CA MET E 111 -11.21 -2.44 -15.86
C MET E 111 -10.20 -1.71 -16.73
N TYR E 112 -9.52 -0.73 -16.14
CA TYR E 112 -8.48 0.01 -16.81
C TYR E 112 -7.23 0.01 -15.94
N GLU E 113 -6.07 -0.24 -16.55
CA GLU E 113 -4.84 -0.44 -15.81
C GLU E 113 -3.70 0.29 -16.49
N CYS E 114 -3.02 1.16 -15.75
CA CYS E 114 -1.79 1.75 -16.23
C CYS E 114 -0.70 0.68 -16.29
N VAL E 115 0.07 0.67 -17.37
CA VAL E 115 1.03 -0.40 -17.61
C VAL E 115 2.31 0.21 -18.18
N LEU E 116 3.38 0.18 -17.41
CA LEU E 116 4.70 0.46 -17.95
C LEU E 116 5.07 -0.67 -18.90
N ARG E 117 5.64 -0.31 -20.06
CA ARG E 117 5.75 -1.25 -21.16
C ARG E 117 7.08 -1.10 -21.86
N ASN E 118 7.55 -2.21 -22.43
CA ASN E 118 8.56 -2.20 -23.48
C ASN E 118 8.13 -3.24 -24.51
N TYR E 119 9.04 -3.60 -25.41
CA TYR E 119 8.63 -4.40 -26.56
C TYR E 119 7.92 -5.68 -26.14
N SER E 120 8.41 -6.33 -25.08
CA SER E 120 7.89 -7.63 -24.69
C SER E 120 7.18 -7.60 -23.33
N HIS E 121 7.84 -7.11 -22.29
CA HIS E 121 7.33 -7.25 -20.94
C HIS E 121 6.34 -6.14 -20.62
N GLY E 122 5.87 -6.15 -19.38
CA GLY E 122 5.00 -5.11 -18.87
C GLY E 122 4.87 -5.25 -17.37
N LEU E 123 4.45 -4.17 -16.74
CA LEU E 123 4.38 -4.12 -15.28
C LEU E 123 3.12 -3.37 -14.89
N ILE E 124 2.06 -4.11 -14.57
CA ILE E 124 0.82 -3.48 -14.11
C ILE E 124 1.11 -2.69 -12.85
N MET E 125 0.55 -1.48 -12.78
CA MET E 125 0.81 -0.57 -11.67
C MET E 125 -0.45 -0.21 -10.88
N GLN E 126 -1.58 -0.05 -11.54
CA GLN E 126 -2.80 0.36 -10.86
C GLN E 126 -3.99 -0.13 -11.67
N ARG E 127 -5.13 -0.25 -11.00
CA ARG E 127 -6.35 -0.74 -11.63
C ARG E 127 -7.53 0.13 -11.23
N PHE E 128 -8.41 0.40 -12.18
CA PHE E 128 -9.67 1.09 -11.94
C PHE E 128 -10.81 0.26 -12.52
N VAL E 129 -11.90 0.18 -11.78
CA VAL E 129 -13.09 -0.56 -12.20
C VAL E 129 -14.25 0.43 -12.32
N ILE E 130 -14.88 0.47 -13.48
CA ILE E 130 -15.99 1.37 -13.76
C ILE E 130 -17.25 0.52 -13.96
N LEU E 131 -18.30 0.84 -13.22
CA LEU E 131 -19.56 0.10 -13.28
C LEU E 131 -20.71 1.08 -13.45
N THR E 132 -21.77 0.61 -14.09
CA THR E 132 -22.99 1.37 -14.27
C THR E 132 -24.20 0.71 -13.63
N GLN E 133 -24.27 -0.62 -13.61
CA GLN E 133 -25.35 -1.35 -12.96
C GLN E 133 -24.76 -2.44 -12.09
N LEU E 134 -25.31 -2.59 -10.89
CA LEU E 134 -24.85 -3.59 -9.93
C LEU E 134 -26.03 -4.43 -9.50
N GLU E 135 -25.81 -5.74 -9.37
CA GLU E 135 -26.88 -6.68 -9.06
C GLU E 135 -27.00 -6.87 -7.55
N THR E 136 -28.24 -6.91 -7.08
CA THR E 136 -28.54 -7.29 -5.71
C THR E 136 -29.81 -8.14 -5.71
N LEU E 137 -29.87 -9.10 -4.79
CA LEU E 137 -30.96 -10.05 -4.73
C LEU E 137 -31.80 -9.80 -3.48
N SER E 138 -33.11 -9.88 -3.65
CA SER E 138 -34.06 -9.65 -2.56
C SER E 138 -35.01 -10.83 -2.45
N ARG E 139 -35.34 -11.20 -1.22
CA ARG E 139 -36.26 -12.30 -0.98
C ARG E 139 -37.69 -11.88 -1.32
N PRO E 140 -38.55 -12.84 -1.67
CA PRO E 140 -39.83 -12.46 -2.30
C PRO E 140 -40.68 -11.50 -1.48
N ASP E 141 -40.72 -11.66 -0.16
CA ASP E 141 -41.58 -10.84 0.68
C ASP E 141 -40.83 -9.80 1.50
N GLU E 142 -39.51 -9.92 1.62
CA GLU E 142 -38.76 -8.98 2.43
C GLU E 142 -38.83 -7.58 1.80
N PRO E 143 -38.87 -6.54 2.62
CA PRO E 143 -38.90 -5.18 2.06
C PRO E 143 -37.64 -4.88 1.27
N CYS E 144 -37.79 -4.01 0.27
CA CYS E 144 -36.67 -3.67 -0.60
C CYS E 144 -35.50 -3.14 0.21
N CYS E 145 -34.30 -3.61 -0.12
CA CYS E 145 -33.10 -3.18 0.56
C CYS E 145 -32.86 -1.68 0.31
N THR E 146 -31.87 -1.14 1.02
CA THR E 146 -31.55 0.29 0.94
C THR E 146 -30.07 0.49 1.20
N PRO E 147 -29.25 0.42 0.16
CA PRO E 147 -27.82 0.70 0.35
C PRO E 147 -27.59 2.17 0.67
N ALA E 148 -26.40 2.45 1.19
CA ALA E 148 -26.02 3.78 1.65
C ALA E 148 -24.75 4.25 0.95
N LEU E 149 -24.75 4.18 -0.37
CA LEU E 149 -23.59 4.61 -1.14
C LEU E 149 -23.20 6.04 -0.76
N GLY E 150 -21.90 6.24 -0.55
CA GLY E 150 -21.36 7.56 -0.34
C GLY E 150 -20.17 7.79 -1.24
N ARG E 151 -19.66 9.02 -1.21
CA ARG E 151 -18.51 9.36 -2.02
C ARG E 151 -17.32 8.52 -1.56
N TYR E 152 -16.18 8.65 -2.23
CA TYR E 152 -15.11 7.66 -2.11
C TYR E 152 -14.86 7.21 -0.67
N SER E 153 -14.70 8.17 0.24
CA SER E 153 -14.27 7.86 1.60
C SER E 153 -12.96 7.08 1.47
N LEU E 154 -12.82 5.93 2.11
CA LEU E 154 -11.62 5.13 1.92
C LEU E 154 -11.92 3.70 2.36
N GLY E 155 -11.26 2.75 1.70
CA GLY E 155 -11.40 1.34 2.01
C GLY E 155 -11.75 0.53 0.78
N ASP E 156 -12.55 -0.52 1.00
CA ASP E 156 -12.99 -1.40 -0.08
C ASP E 156 -14.46 -1.21 -0.41
N GLN E 157 -15.09 -0.16 0.12
CA GLN E 157 -16.51 0.06 -0.12
C GLN E 157 -16.73 0.63 -1.52
N ILE E 158 -17.67 0.04 -2.26
CA ILE E 158 -18.07 0.62 -3.52
C ILE E 158 -18.59 2.03 -3.27
N TRP E 159 -18.35 2.92 -4.23
CA TRP E 159 -18.66 4.33 -4.05
C TRP E 159 -19.09 4.93 -5.38
N SER E 160 -19.81 6.05 -5.30
CA SER E 160 -20.26 6.77 -6.46
C SER E 160 -19.96 8.25 -6.26
N PRO E 161 -19.41 8.96 -7.25
CA PRO E 161 -19.20 10.40 -7.07
C PRO E 161 -20.48 11.19 -6.88
N THR E 162 -21.62 10.63 -7.27
CA THR E 162 -22.92 11.30 -7.13
C THR E 162 -23.91 10.32 -6.51
N PRO E 163 -23.74 9.99 -5.22
CA PRO E 163 -24.63 8.99 -4.61
C PRO E 163 -26.09 9.39 -4.62
N TRP E 164 -26.40 10.67 -4.44
CA TRP E 164 -27.79 11.08 -4.29
C TRP E 164 -28.62 10.83 -5.54
N ARG E 165 -27.98 10.56 -6.69
CA ARG E 165 -28.69 10.19 -7.91
C ARG E 165 -28.83 8.69 -8.07
N LEU E 166 -28.90 7.95 -6.96
CA LEU E 166 -28.99 6.50 -7.01
C LEU E 166 -30.44 6.07 -7.18
N ARG E 167 -30.66 5.12 -8.09
CA ARG E 167 -31.99 4.57 -8.32
C ARG E 167 -31.84 3.12 -8.74
N ASN E 168 -32.89 2.34 -8.47
CA ASN E 168 -32.84 0.89 -8.66
C ASN E 168 -34.08 0.42 -9.40
N HIS E 169 -33.94 -0.73 -10.05
CA HIS E 169 -35.04 -1.36 -10.76
C HIS E 169 -34.83 -2.87 -10.72
N ASP E 170 -35.92 -3.61 -10.94
CA ASP E 170 -35.91 -5.07 -10.85
C ASP E 170 -36.02 -5.66 -12.25
N CYS E 171 -35.26 -6.73 -12.48
CA CYS E 171 -35.15 -7.35 -13.80
C CYS E 171 -35.53 -8.83 -13.73
N GLY E 172 -36.63 -9.15 -13.05
CA GLY E 172 -37.12 -10.51 -13.03
C GLY E 172 -36.74 -11.28 -11.79
N MET E 173 -36.58 -12.60 -11.94
CA MET E 173 -36.28 -13.48 -10.82
C MET E 173 -35.04 -14.31 -11.12
N TYR E 174 -34.46 -14.86 -10.07
CA TYR E 174 -33.30 -15.75 -10.20
C TYR E 174 -33.35 -16.75 -9.06
N ARG E 175 -33.63 -18.02 -9.39
CA ARG E 175 -33.66 -19.08 -8.40
C ARG E 175 -34.55 -18.71 -7.21
N GLY E 176 -35.70 -18.10 -7.51
CA GLY E 176 -36.63 -17.68 -6.50
C GLY E 176 -36.40 -16.26 -6.02
N PHE E 177 -35.16 -15.82 -5.95
CA PHE E 177 -34.88 -14.44 -5.57
C PHE E 177 -35.41 -13.49 -6.64
N GLN E 178 -35.47 -12.22 -6.29
CA GLN E 178 -35.80 -11.16 -7.23
C GLN E 178 -34.56 -10.28 -7.42
N ARG E 179 -34.15 -10.11 -8.67
CA ARG E 179 -32.93 -9.36 -8.97
C ARG E 179 -33.25 -7.88 -8.98
N ASN E 180 -32.64 -7.13 -8.05
CA ASN E 180 -32.76 -5.69 -8.00
C ASN E 180 -31.42 -5.07 -8.39
N TYR E 181 -31.44 -4.18 -9.36
CA TYR E 181 -30.23 -3.57 -9.89
C TYR E 181 -30.14 -2.11 -9.42
N PHE E 182 -28.93 -1.69 -9.09
CA PHE E 182 -28.66 -0.33 -8.63
C PHE E 182 -27.88 0.43 -9.68
N TYR E 183 -28.27 1.68 -9.92
CA TYR E 183 -27.63 2.51 -10.93
C TYR E 183 -27.80 3.97 -10.53
N ILE E 184 -26.98 4.82 -11.14
CA ILE E 184 -27.05 6.26 -10.94
C ILE E 184 -27.81 6.86 -12.10
N GLY E 185 -28.88 7.60 -11.79
CA GLY E 185 -29.75 8.13 -12.82
C GLY E 185 -29.66 9.63 -12.99
N ARG E 186 -30.80 10.28 -13.17
CA ARG E 186 -30.92 11.72 -13.41
C ARG E 186 -30.43 12.11 -14.80
N ALA E 187 -30.01 11.16 -15.63
CA ALA E 187 -29.73 11.48 -17.02
C ALA E 187 -30.94 12.10 -17.69
N ASP E 188 -32.11 11.51 -17.46
CA ASP E 188 -33.39 12.13 -17.79
C ASP E 188 -33.95 12.80 -16.54
N ALA E 189 -35.02 13.56 -16.73
CA ALA E 189 -35.63 14.26 -15.61
C ALA E 189 -36.23 13.28 -14.61
N GLU E 190 -35.90 13.47 -13.34
CA GLU E 190 -36.49 12.69 -12.26
C GLU E 190 -36.38 11.19 -12.53
N ASP E 191 -37.39 10.43 -12.11
CA ASP E 191 -37.36 8.97 -12.17
C ASP E 191 -37.63 8.43 -13.58
N CYS E 192 -37.78 9.31 -14.58
CA CYS E 192 -38.16 8.84 -15.91
C CYS E 192 -37.14 7.85 -16.46
N TRP E 193 -35.86 8.15 -16.33
CA TRP E 193 -34.84 7.32 -16.96
C TRP E 193 -34.82 5.93 -16.31
N LYS E 194 -34.68 4.91 -17.15
CA LYS E 194 -34.53 3.53 -16.68
C LYS E 194 -33.53 2.85 -17.60
N PRO E 195 -32.36 2.44 -17.11
CA PRO E 195 -31.38 1.81 -17.99
C PRO E 195 -31.94 0.57 -18.67
N ALA E 196 -31.18 0.07 -19.64
CA ALA E 196 -31.54 -1.16 -20.31
C ALA E 196 -31.20 -2.35 -19.42
N CYS E 197 -32.06 -3.37 -19.48
CA CYS E 197 -31.86 -4.55 -18.65
C CYS E 197 -30.54 -5.22 -19.02
N PRO E 198 -29.69 -5.56 -18.05
CA PRO E 198 -28.44 -6.24 -18.39
C PRO E 198 -28.69 -7.55 -19.12
N ASP E 199 -27.84 -7.84 -20.09
CA ASP E 199 -28.01 -8.99 -20.96
C ASP E 199 -27.17 -10.19 -20.55
N GLU E 200 -26.40 -10.09 -19.46
CA GLU E 200 -25.61 -11.23 -19.01
C GLU E 200 -25.08 -10.97 -17.61
N GLU E 201 -25.05 -12.05 -16.80
CA GLU E 201 -24.40 -12.06 -15.51
C GLU E 201 -24.18 -13.51 -15.13
N PRO E 202 -23.02 -13.87 -14.57
CA PRO E 202 -21.86 -13.03 -14.26
C PRO E 202 -21.06 -12.72 -15.52
N ASP E 203 -20.44 -11.56 -15.57
CA ASP E 203 -19.67 -11.11 -16.72
C ASP E 203 -18.19 -11.07 -16.37
N ARG E 204 -17.38 -10.57 -17.31
CA ARG E 204 -15.93 -10.59 -17.14
C ARG E 204 -15.49 -9.87 -15.86
N CYS E 205 -16.28 -8.92 -15.37
CA CYS E 205 -15.93 -8.15 -14.20
C CYS E 205 -16.54 -8.69 -12.91
N TRP E 206 -17.24 -9.81 -12.97
CA TRP E 206 -17.95 -10.30 -11.79
C TRP E 206 -16.99 -10.70 -10.68
N THR E 207 -15.86 -11.33 -11.03
CA THR E 207 -14.95 -11.82 -10.00
C THR E 207 -14.43 -10.69 -9.13
N VAL E 208 -13.91 -9.64 -9.76
CA VAL E 208 -13.28 -8.56 -9.00
C VAL E 208 -14.32 -7.80 -8.17
N ILE E 209 -15.45 -7.48 -8.79
CA ILE E 209 -16.42 -6.60 -8.12
C ILE E 209 -16.90 -7.23 -6.82
N GLN E 210 -17.28 -8.51 -6.87
CA GLN E 210 -17.88 -9.15 -5.71
C GLN E 210 -16.90 -9.35 -4.57
N ARG E 211 -15.65 -8.96 -4.71
CA ARG E 211 -14.70 -8.99 -3.61
C ARG E 211 -14.72 -7.72 -2.78
N TYR E 212 -15.55 -6.76 -3.14
CA TYR E 212 -15.63 -5.48 -2.44
C TYR E 212 -17.02 -5.32 -1.85
N ARG E 213 -17.07 -4.95 -0.57
CA ARG E 213 -18.33 -4.86 0.15
C ARG E 213 -19.10 -3.61 -0.25
N LEU E 214 -20.43 -3.71 -0.19
CA LEU E 214 -21.33 -2.60 -0.44
C LEU E 214 -21.87 -2.08 0.88
N PRO E 215 -21.61 -0.83 1.26
CA PRO E 215 -22.12 -0.35 2.55
C PRO E 215 -23.64 -0.46 2.62
N GLY E 216 -24.13 -0.81 3.81
CA GLY E 216 -25.54 -1.05 4.01
C GLY E 216 -25.88 -2.53 3.94
N ASP E 217 -27.14 -2.83 4.25
CA ASP E 217 -27.63 -4.20 4.27
C ASP E 217 -28.14 -4.58 2.89
N CYS E 218 -27.56 -5.63 2.32
CA CYS E 218 -27.97 -6.14 1.02
C CYS E 218 -27.24 -7.45 0.78
N TYR E 219 -27.86 -8.31 -0.03
CA TYR E 219 -27.34 -9.65 -0.29
C TYR E 219 -26.89 -9.76 -1.75
N ARG E 220 -25.68 -10.24 -1.96
CA ARG E 220 -25.14 -10.46 -3.28
C ARG E 220 -24.45 -11.83 -3.30
N SER E 221 -24.66 -12.59 -4.37
CA SER E 221 -23.90 -13.81 -4.55
C SER E 221 -22.42 -13.48 -4.57
N GLN E 222 -21.63 -14.26 -3.84
CA GLN E 222 -20.22 -13.94 -3.65
C GLN E 222 -19.35 -15.15 -4.01
N PRO E 223 -18.10 -14.91 -4.42
CA PRO E 223 -17.21 -16.04 -4.72
C PRO E 223 -16.96 -16.92 -3.51
N HIS E 224 -16.20 -18.00 -3.70
CA HIS E 224 -15.93 -18.93 -2.61
C HIS E 224 -14.95 -18.33 -1.60
N ASP F 202 2.32 4.97 -51.44
CA ASP F 202 1.41 4.34 -52.44
C ASP F 202 -0.05 4.50 -52.03
N TYR F 203 -0.33 4.33 -50.73
CA TYR F 203 -1.69 4.33 -50.21
C TYR F 203 -1.82 5.43 -49.19
N SER F 204 -2.89 6.22 -49.29
CA SER F 204 -3.09 7.34 -48.39
C SER F 204 -3.13 6.86 -46.94
N VAL F 205 -2.16 7.28 -46.14
CA VAL F 205 -2.08 6.84 -44.75
C VAL F 205 -3.34 7.26 -44.02
N ARG F 206 -3.89 6.33 -43.23
CA ARG F 206 -5.11 6.55 -42.45
C ARG F 206 -4.73 6.44 -40.97
N GLN F 207 -4.47 7.58 -40.34
CA GLN F 207 -4.05 7.57 -38.94
C GLN F 207 -5.19 7.13 -38.02
N SER F 208 -6.41 7.52 -38.35
CA SER F 208 -7.57 7.20 -37.52
C SER F 208 -8.72 6.74 -38.40
N SER F 209 -9.57 5.88 -37.83
CA SER F 209 -10.67 5.31 -38.58
C SER F 209 -11.78 6.32 -38.80
N VAL F 210 -12.10 7.10 -37.76
CA VAL F 210 -13.14 8.12 -37.90
C VAL F 210 -12.78 9.07 -39.03
N SER F 211 -11.48 9.28 -39.27
CA SER F 211 -11.07 10.07 -40.42
C SER F 211 -11.50 9.41 -41.72
N PHE F 212 -11.37 8.10 -41.81
CA PHE F 212 -11.73 7.40 -43.03
C PHE F 212 -13.22 7.60 -43.31
N PRO F 213 -13.59 8.11 -44.49
CA PRO F 213 -15.00 8.37 -44.76
C PRO F 213 -15.82 7.09 -44.71
N PRO F 214 -17.03 7.14 -44.17
CA PRO F 214 -17.98 6.05 -44.37
C PRO F 214 -18.70 6.23 -45.71
N TRP F 215 -19.68 5.36 -45.96
CA TRP F 215 -20.45 5.47 -47.19
C TRP F 215 -21.27 6.75 -47.24
N ARG F 216 -21.45 7.42 -46.12
CA ARG F 216 -22.25 8.64 -46.10
C ARG F 216 -21.55 9.81 -46.77
N ASP F 217 -20.22 9.75 -46.92
CA ASP F 217 -19.46 10.86 -47.49
C ASP F 217 -18.85 10.56 -48.85
N ILE F 218 -18.41 9.33 -49.09
CA ILE F 218 -17.80 9.00 -50.37
C ILE F 218 -18.83 9.11 -51.48
N ASP F 219 -18.35 9.37 -52.69
CA ASP F 219 -19.22 9.55 -53.85
C ASP F 219 -18.87 8.67 -55.03
N SER F 220 -17.62 8.21 -55.16
CA SER F 220 -17.23 7.38 -56.28
C SER F 220 -16.04 6.53 -55.88
N VAL F 221 -16.08 5.26 -56.27
CA VAL F 221 -14.98 4.32 -56.07
C VAL F 221 -14.49 3.88 -57.43
N THR F 222 -13.18 3.94 -57.64
CA THR F 222 -12.57 3.73 -58.94
C THR F 222 -11.59 2.56 -58.89
N PHE F 223 -11.41 1.92 -60.04
CA PHE F 223 -10.48 0.81 -60.20
C PHE F 223 -9.67 1.00 -61.46
N VAL F 224 -8.47 0.43 -61.47
CA VAL F 224 -7.63 0.40 -62.67
C VAL F 224 -6.93 -0.96 -62.72
N PRO F 225 -7.13 -1.75 -63.76
CA PRO F 225 -6.47 -3.06 -63.83
C PRO F 225 -4.99 -2.93 -64.15
N ARG F 226 -4.31 -4.08 -64.11
CA ARG F 226 -2.87 -4.09 -64.39
C ARG F 226 -2.55 -3.67 -65.81
N ASN F 227 -3.52 -3.74 -66.73
CA ASN F 227 -3.26 -3.37 -68.11
C ASN F 227 -2.73 -1.95 -68.22
N LEU F 228 -3.13 -1.07 -67.30
CA LEU F 228 -2.62 0.29 -67.24
C LEU F 228 -1.87 0.61 -65.96
N SER F 229 -1.99 -0.22 -64.93
CA SER F 229 -1.31 0.01 -63.66
C SER F 229 -0.01 -0.77 -63.60
N ASN F 230 1.03 -0.10 -63.11
CA ASN F 230 2.34 -0.72 -62.95
C ASN F 230 2.52 -1.41 -61.61
N CYS F 231 1.52 -1.34 -60.73
CA CYS F 231 1.64 -1.94 -59.41
C CYS F 231 1.72 -3.45 -59.51
N SER F 232 2.49 -4.05 -58.59
CA SER F 232 2.62 -5.49 -58.55
C SER F 232 1.32 -6.20 -58.18
N ALA F 233 0.37 -5.48 -57.59
CA ALA F 233 -0.92 -6.05 -57.23
C ALA F 233 -1.84 -6.26 -58.41
N HIS F 234 -1.35 -6.05 -59.64
CA HIS F 234 -2.14 -6.23 -60.86
C HIS F 234 -3.31 -5.26 -60.94
N GLY F 235 -3.22 -4.13 -60.27
CA GLY F 235 -4.27 -3.14 -60.32
C GLY F 235 -4.16 -2.17 -59.16
N LEU F 236 -5.09 -1.22 -59.15
CA LEU F 236 -5.15 -0.22 -58.10
C LEU F 236 -6.59 0.30 -58.01
N ALA F 237 -6.92 0.87 -56.86
CA ALA F 237 -8.24 1.43 -56.62
C ALA F 237 -8.11 2.76 -55.92
N VAL F 238 -9.01 3.69 -56.25
CA VAL F 238 -9.03 5.02 -55.66
C VAL F 238 -10.49 5.41 -55.42
N ILE F 239 -10.71 6.21 -54.37
CA ILE F 239 -12.04 6.65 -53.99
C ILE F 239 -12.08 8.17 -54.00
N VAL F 240 -13.29 8.70 -53.97
CA VAL F 240 -13.53 10.13 -54.06
C VAL F 240 -14.32 10.57 -52.84
N ALA F 241 -13.81 11.58 -52.14
CA ALA F 241 -14.52 12.24 -51.06
C ALA F 241 -14.51 13.74 -51.31
N GLY F 242 -15.47 14.44 -50.71
CA GLY F 242 -15.61 15.86 -50.96
C GLY F 242 -14.37 16.67 -50.65
N ASN F 243 -13.53 16.20 -49.74
CA ASN F 243 -12.35 16.93 -49.31
C ASN F 243 -11.04 16.36 -49.82
N GLN F 244 -10.90 15.04 -49.88
CA GLN F 244 -9.63 14.44 -50.26
C GLN F 244 -9.86 13.02 -50.74
N THR F 245 -9.13 12.62 -51.77
CA THR F 245 -9.20 11.26 -52.29
C THR F 245 -8.23 10.36 -51.53
N TRP F 246 -8.45 9.05 -51.65
CA TRP F 246 -7.66 8.06 -50.96
C TRP F 246 -7.29 6.92 -51.90
N TYR F 247 -6.07 6.43 -51.77
CA TYR F 247 -5.60 5.27 -52.50
C TYR F 247 -5.73 4.03 -51.62
N VAL F 248 -6.23 2.95 -52.20
CA VAL F 248 -6.55 1.75 -51.43
C VAL F 248 -6.22 0.52 -52.26
N ASN F 249 -5.85 -0.57 -51.57
CA ASN F 249 -5.48 -1.80 -52.26
C ASN F 249 -6.72 -2.50 -52.80
N PRO F 250 -6.66 -3.07 -54.01
CA PRO F 250 -7.85 -3.70 -54.59
C PRO F 250 -8.40 -4.87 -53.79
N PHE F 251 -7.56 -5.87 -53.52
CA PHE F 251 -8.08 -7.15 -53.05
C PHE F 251 -8.82 -7.02 -51.73
N SER F 252 -8.31 -6.20 -50.81
CA SER F 252 -9.01 -6.00 -49.55
C SER F 252 -10.39 -5.40 -49.77
N LEU F 253 -10.47 -4.39 -50.64
CA LEU F 253 -11.76 -3.76 -50.93
C LEU F 253 -12.71 -4.74 -51.59
N ALA F 254 -12.20 -5.57 -52.51
CA ALA F 254 -13.05 -6.56 -53.17
C ALA F 254 -13.57 -7.58 -52.17
N HIS F 255 -12.72 -8.03 -51.25
CA HIS F 255 -13.17 -8.96 -50.23
C HIS F 255 -14.24 -8.33 -49.34
N LEU F 256 -14.04 -7.06 -48.96
CA LEU F 256 -15.05 -6.38 -48.16
C LEU F 256 -16.37 -6.27 -48.92
N LEU F 257 -16.30 -5.93 -50.20
CA LEU F 257 -17.52 -5.82 -51.00
C LEU F 257 -18.24 -7.16 -51.09
N ASP F 258 -17.49 -8.24 -51.30
CA ASP F 258 -18.11 -9.56 -51.34
C ASP F 258 -18.75 -9.91 -50.01
N ALA F 259 -18.07 -9.59 -48.90
CA ALA F 259 -18.64 -9.86 -47.59
C ALA F 259 -19.94 -9.09 -47.39
N ILE F 260 -19.96 -7.81 -47.80
CA ILE F 260 -21.17 -7.02 -47.67
C ILE F 260 -22.28 -7.61 -48.53
N TYR F 261 -21.95 -8.01 -49.76
CA TYR F 261 -22.94 -8.57 -50.66
C TYR F 261 -23.57 -9.82 -50.05
N ASN F 262 -22.74 -10.70 -49.48
CA ASN F 262 -23.26 -11.89 -48.83
C ASN F 262 -24.12 -11.52 -47.62
N VAL F 263 -23.68 -10.52 -46.85
CA VAL F 263 -24.42 -10.13 -45.65
C VAL F 263 -25.83 -9.67 -46.04
N LEU F 264 -25.94 -8.85 -47.08
CA LEU F 264 -27.24 -8.45 -47.59
C LEU F 264 -27.84 -9.46 -48.56
N GLY F 265 -27.17 -10.58 -48.81
CA GLY F 265 -27.72 -11.60 -49.69
C GLY F 265 -27.97 -11.10 -51.09
N ILE F 266 -27.03 -10.34 -51.66
CA ILE F 266 -27.21 -9.75 -52.98
C ILE F 266 -26.64 -10.62 -54.09
N GLU F 267 -26.26 -11.87 -53.78
CA GLU F 267 -25.62 -12.72 -54.78
C GLU F 267 -26.46 -12.85 -56.04
N ASP F 268 -27.79 -12.81 -55.90
CA ASP F 268 -28.65 -12.91 -57.07
C ASP F 268 -28.43 -11.75 -58.03
N LEU F 269 -28.29 -10.54 -57.50
CA LEU F 269 -28.08 -9.34 -58.30
C LEU F 269 -26.62 -9.02 -58.52
N SER F 270 -25.70 -9.82 -57.99
CA SER F 270 -24.28 -9.51 -58.00
C SER F 270 -23.53 -10.09 -59.19
N ALA F 271 -24.20 -10.84 -60.07
CA ALA F 271 -23.51 -11.57 -61.13
C ALA F 271 -22.54 -10.66 -61.89
N ASN F 272 -23.08 -9.63 -62.54
CA ASN F 272 -22.24 -8.77 -63.37
C ASN F 272 -21.20 -8.05 -62.52
N PHE F 273 -21.62 -7.51 -61.36
CA PHE F 273 -20.70 -6.75 -60.54
C PHE F 273 -19.54 -7.62 -60.05
N ARG F 274 -19.87 -8.76 -59.43
CA ARG F 274 -18.82 -9.63 -58.91
C ARG F 274 -17.94 -10.16 -60.04
N ARG F 275 -18.53 -10.45 -61.20
CA ARG F 275 -17.72 -10.84 -62.35
C ARG F 275 -16.73 -9.74 -62.71
N GLN F 276 -17.18 -8.48 -62.66
CA GLN F 276 -16.28 -7.37 -62.92
C GLN F 276 -15.19 -7.25 -61.88
N LEU F 277 -15.49 -7.59 -60.62
CA LEU F 277 -14.47 -7.56 -59.57
C LEU F 277 -13.58 -8.79 -59.59
N ALA F 278 -13.87 -9.78 -60.43
CA ALA F 278 -13.10 -11.01 -60.44
C ALA F 278 -11.60 -10.79 -60.58
N PRO F 279 -11.11 -9.91 -61.45
CA PRO F 279 -9.66 -9.74 -61.59
C PRO F 279 -8.97 -9.32 -60.30
N TYR F 280 -9.66 -8.62 -59.41
CA TYR F 280 -9.06 -8.09 -58.19
C TYR F 280 -9.27 -8.98 -56.97
N ARG F 281 -10.17 -9.96 -57.05
CA ARG F 281 -10.41 -10.87 -55.93
C ARG F 281 -9.30 -11.90 -55.77
N HIS F 282 -8.22 -11.78 -56.53
CA HIS F 282 -7.13 -12.74 -56.47
C HIS F 282 -6.26 -12.45 -55.24
N THR F 283 -5.08 -13.09 -55.18
CA THR F 283 -4.15 -12.94 -54.07
C THR F 283 -4.67 -13.58 -52.80
N LEU F 284 -5.51 -14.61 -52.92
CA LEU F 284 -5.93 -15.35 -51.75
C LEU F 284 -4.72 -15.86 -50.99
N ILE F 285 -4.65 -15.54 -49.70
CA ILE F 285 -3.42 -15.72 -48.94
C ILE F 285 -3.20 -17.19 -48.62
N VAL F 286 -2.36 -17.85 -49.40
CA VAL F 286 -1.86 -19.17 -49.07
C VAL F 286 -0.96 -18.99 -47.85
N PRO F 287 -0.84 -19.97 -46.95
CA PRO F 287 -0.11 -19.71 -45.70
C PRO F 287 1.29 -19.14 -45.92
N GLN F 288 2.00 -19.57 -46.95
CA GLN F 288 3.30 -18.98 -47.26
C GLN F 288 3.14 -17.58 -47.84
C1 NAG G . 34.52 28.29 7.06
C2 NAG G . 35.67 27.28 7.10
C3 NAG G . 36.45 27.33 5.80
C4 NAG G . 35.51 27.19 4.60
C5 NAG G . 34.34 28.16 4.73
C6 NAG G . 33.32 28.03 3.62
C7 NAG G . 36.43 26.90 9.40
C8 NAG G . 37.42 27.35 10.45
N2 NAG G . 36.51 27.54 8.23
O3 NAG G . 37.41 26.31 5.83
O4 NAG G . 36.28 27.44 3.45
O5 NAG G . 33.68 27.99 5.97
O6 NAG G . 33.92 28.31 2.37
O7 NAG G . 35.63 26.01 9.62
H1 NAG G . 34.89 29.18 6.93
H2 NAG G . 35.28 26.39 7.21
H3 NAG G . 36.87 28.21 5.73
H4 NAG G . 35.17 26.28 4.60
H5 NAG G . 34.69 29.07 4.66
H61 NAG G . 32.95 27.13 3.64
H62 NAG G . 32.58 28.63 3.81
H81 NAG G . 36.94 27.68 11.22
H82 NAG G . 37.95 26.59 10.74
H83 NAG G . 38.03 28.04 10.15
HN2 NAG G . 37.11 28.17 8.14
HO3 NAG G . 37.85 26.35 5.10
HO6 NAG G . 33.32 28.30 1.78
C1 NAG G . 36.31 26.28 2.61
C2 NAG G . 37.16 26.60 1.37
C3 NAG G . 37.20 25.40 0.45
C4 NAG G . 37.69 24.18 1.22
C5 NAG G . 36.84 23.98 2.48
C6 NAG G . 37.28 22.82 3.34
C7 NAG G . 37.30 28.94 0.58
C8 NAG G . 36.57 30.01 -0.18
N2 NAG G . 36.65 27.77 0.70
O3 NAG G . 38.04 25.71 -0.63
O4 NAG G . 37.58 23.07 0.35
O5 NAG G . 36.87 25.17 3.26
O6 NAG G . 36.57 22.82 4.54
O7 NAG G . 38.41 29.13 1.05
H1 NAG G . 35.41 26.07 2.32
H2 NAG G . 38.06 26.81 1.68
H3 NAG G . 36.30 25.22 0.14
H4 NAG G . 38.61 24.32 1.47
H5 NAG G . 35.92 23.80 2.20
H61 NAG G . 37.16 22.00 2.84
H62 NAG G . 38.24 22.91 3.48
H81 NAG G . 36.81 30.89 0.17
H82 NAG G . 36.84 29.99 -1.11
H83 NAG G . 35.60 29.93 -0.13
HN2 NAG G . 35.87 27.70 0.34
HO3 NAG G . 38.03 25.05 -1.17
HO4 NAG G . 38.15 22.49 0.57
HO6 NAG G . 36.90 22.23 5.05
C1 NAG H . 47.77 -19.44 19.61
C2 NAG H . 47.96 -20.57 18.59
C3 NAG H . 48.11 -21.90 19.31
C4 NAG H . 49.26 -21.83 20.31
C5 NAG H . 49.04 -20.61 21.22
C6 NAG H . 50.15 -20.41 22.23
C7 NAG H . 46.94 -20.11 16.40
C8 NAG H . 45.68 -20.27 15.59
N2 NAG H . 46.89 -20.62 17.65
O3 NAG H . 48.29 -22.88 18.33
O4 NAG H . 49.29 -23.00 21.08
O5 NAG H . 48.90 -19.43 20.45
O6 NAG H . 50.22 -21.51 23.10
O7 NAG H . 47.91 -19.52 15.95
H1 NAG H . 46.99 -19.63 20.14
H2 NAG H . 48.78 -20.40 18.10
H3 NAG H . 47.29 -22.07 19.82
H4 NAG H . 50.08 -21.69 19.82
H5 NAG H . 48.23 -20.76 21.75
H61 NAG H . 50.98 -20.28 21.73
H62 NAG H . 49.98 -19.57 22.69
H81 NAG H . 45.51 -19.48 15.07
H82 NAG H . 45.80 -21.00 14.96
H83 NAG H . 44.88 -20.46 16.13
HN2 NAG H . 46.16 -21.01 17.89
HO3 NAG H . 47.96 -23.61 18.62
HO6 NAG H . 50.43 -22.19 22.64
C1 NAG H . 49.75 -24.14 20.32
C2 NAG H . 50.78 -24.92 21.15
C3 NAG H . 51.17 -26.22 20.45
C4 NAG H . 49.93 -27.01 20.06
C5 NAG H . 49.02 -26.11 19.23
C6 NAG H . 47.76 -26.79 18.74
C7 NAG H . 52.46 -23.80 22.58
C8 NAG H . 53.71 -22.96 22.56
N2 NAG H . 51.96 -24.13 21.37
O3 NAG H . 52.00 -26.94 21.31
O4 NAG H . 50.35 -28.15 19.35
O5 NAG H . 48.67 -24.98 19.99
O6 NAG H . 46.95 -25.86 18.06
O7 NAG H . 51.94 -24.15 23.63
H1 NAG H . 50.17 -23.84 19.50
H2 NAG H . 50.39 -25.13 22.00
H3 NAG H . 51.64 -26.00 19.63
H4 NAG H . 49.47 -27.25 20.88
H5 NAG H . 49.51 -25.84 18.43
H61 NAG H . 48.01 -27.53 18.18
H62 NAG H . 47.31 -27.17 19.51
H81 NAG H . 53.57 -22.18 23.10
H82 NAG H . 53.87 -22.66 21.64
H83 NAG H . 54.49 -23.43 22.87
HN2 NAG H . 52.39 -23.85 20.67
HO3 NAG H . 52.22 -27.67 20.93
HO4 NAG H . 49.78 -28.78 19.46
HO6 NAG H . 46.22 -26.24 17.85
C1 NAG I . -14.02 18.18 9.21
C2 NAG I . -15.19 18.61 10.11
C3 NAG I . -15.22 17.72 11.34
C4 NAG I . -15.37 16.27 10.91
C5 NAG I . -14.26 15.91 9.92
C6 NAG I . -14.45 14.53 9.32
C7 NAG I . -16.17 20.84 10.41
C8 NAG I . -15.87 22.25 10.85
N2 NAG I . -15.12 20.00 10.48
O3 NAG I . -16.28 18.14 12.15
O4 NAG I . -15.31 15.47 12.08
O5 NAG I . -14.22 16.84 8.86
O6 NAG I . -14.28 13.55 10.30
O7 NAG I . -17.27 20.50 10.03
H1 NAG I . -13.19 18.26 9.72
H2 NAG I . -16.01 18.47 9.60
H3 NAG I . -14.37 17.80 11.81
H4 NAG I . -16.23 16.18 10.47
H5 NAG I . -13.41 15.90 10.40
H61 NAG I . -15.32 14.50 8.91
H62 NAG I . -13.81 14.44 8.60
H81 NAG I . -16.13 22.87 10.15
H82 NAG I . -14.92 22.35 11.00
H83 NAG I . -16.33 22.51 11.67
HN2 NAG I . -14.36 20.29 10.76
HO3 NAG I . -16.12 18.93 12.41
HO6 NAG I . -14.24 12.79 9.92
C1 NAG I . -16.36 14.49 12.06
C2 NAG I . -15.97 13.31 12.94
C3 NAG I . -17.07 12.25 12.85
C4 NAG I . -18.41 12.85 13.24
C5 NAG I . -18.66 14.13 12.43
C6 NAG I . -19.92 14.86 12.86
C7 NAG I . -13.65 12.59 13.38
C8 NAG I . -12.43 11.98 12.76
N2 NAG I . -14.70 12.74 12.55
O3 NAG I . -16.71 11.19 13.70
O4 NAG I . -19.38 11.87 12.95
O5 NAG I . -17.57 15.02 12.56
O6 NAG I . -21.03 14.01 12.71
O7 NAG I . -13.69 12.91 14.56
H1 NAG I . -16.51 14.17 11.15
H2 NAG I . -15.90 13.62 13.85
H3 NAG I . -17.12 11.95 11.94
H4 NAG I . -18.38 13.07 14.18
H5 NAG I . -18.79 13.88 11.50
H61 NAG I . -19.81 15.15 13.77
H62 NAG I . -19.99 15.66 12.32
H81 NAG I . -12.58 11.86 11.81
H82 NAG I . -11.68 12.59 12.86
H83 NAG I . -12.17 11.12 13.14
HN2 NAG I . -14.62 12.49 11.74
HO3 NAG I . -17.29 10.57 13.61
HO6 NAG I . -21.73 14.44 12.93
C1 BMA I . -19.84 11.22 14.16
C2 BMA I . -20.49 9.91 13.73
C3 BMA I . -21.08 9.21 14.99
C4 BMA I . -20.43 9.66 16.31
C5 BMA I . -18.99 10.13 16.17
C6 BMA I . -17.98 8.99 16.18
O2 BMA I . -19.54 9.13 13.07
O3 BMA I . -20.98 7.84 14.75
O4 BMA I . -21.25 10.69 16.82
O5 BMA I . -18.76 10.95 15.04
O6 BMA I . -18.37 8.06 15.20
H1 BMA I . -20.49 11.78 14.59
H2 BMA I . -21.23 10.12 13.14
H3 BMA I . -22.01 9.49 15.04
H4 BMA I . -20.44 8.90 16.92
H5 BMA I . -18.78 10.67 16.95
H61 BMA I . -17.08 9.32 16.01
H62 BMA I . -17.97 8.60 17.07
HO2 BMA I . -19.48 9.42 12.28
HO3 BMA I . -20.16 7.61 14.75
HO4 BMA I . -22.01 10.37 17.01
HO6 BMA I . -17.77 7.45 15.15
C1 NAG J . -37.47 -11.22 -22.63
C2 NAG J . -38.40 -11.59 -21.47
C3 NAG J . -39.40 -10.48 -21.23
C4 NAG J . -38.69 -9.14 -21.07
C5 NAG J . -37.71 -8.93 -22.23
C6 NAG J . -36.91 -7.65 -22.11
C7 NAG J . -38.63 -14.03 -21.29
C8 NAG J . -39.47 -15.21 -21.71
N2 NAG J . -39.06 -12.83 -21.75
O3 NAG J . -40.15 -10.81 -20.09
O4 NAG J . -39.70 -8.15 -21.05
O5 NAG J . -36.81 -10.02 -22.32
O6 NAG J . -37.78 -6.54 -22.14
O7 NAG J . -37.65 -14.16 -20.59
H1 NAG J . -38.00 -11.10 -23.43
H2 NAG J . -37.85 -11.71 -20.67
H3 NAG J . -39.97 -10.42 -22.01
H4 NAG J . -38.20 -9.16 -20.24
H5 NAG J . -38.22 -8.85 -23.05
H61 NAG J . -36.39 -7.68 -21.29
H62 NAG J . -36.27 -7.63 -22.84
H81 NAG J . -38.92 -15.83 -22.24
H82 NAG J . -39.76 -15.70 -20.93
H83 NAG J . -40.25 -14.98 -22.23
HN2 NAG J . -39.75 -12.81 -22.25
HO3 NAG J . -40.71 -10.19 -19.96
HO6 NAG J . -37.31 -5.83 -22.16
C1 NAG J . -39.59 -7.37 -19.84
C2 NAG J . -40.65 -6.26 -19.91
C3 NAG J . -40.55 -5.40 -18.66
C4 NAG J . -40.67 -6.28 -17.42
C5 NAG J . -39.65 -7.42 -17.49
C6 NAG J . -39.75 -8.39 -16.33
C7 NAG J . -41.36 -5.49 -22.14
C8 NAG J . -41.00 -4.57 -23.28
N2 NAG J . -40.50 -5.47 -21.11
O3 NAG J . -41.56 -4.43 -18.71
O4 NAG J . -40.42 -5.45 -16.30
O5 NAG J . -39.83 -8.15 -18.69
O6 NAG J . -38.90 -9.49 -16.56
O7 NAG J . -42.36 -6.18 -22.17
H1 NAG J . -38.71 -6.97 -19.79
H2 NAG J . -41.52 -6.68 -19.94
H3 NAG J . -39.67 -4.99 -18.64
H4 NAG J . -41.56 -6.65 -17.39
H5 NAG J . -38.76 -7.04 -17.46
H61 NAG J . -39.53 -7.91 -15.52
H62 NAG J . -40.68 -8.65 -16.25
H81 NAG J . -41.72 -3.96 -23.45
H82 NAG J . -40.22 -4.04 -23.04
H83 NAG J . -40.80 -5.03 -24.11
HN2 NAG J . -39.82 -4.95 -21.15
HO3 NAG J . -41.47 -3.92 -18.04
HO4 NAG J . -40.84 -5.77 -15.62
HO6 NAG J . -39.03 -10.06 -15.94
C1 NAG K . -39.39 -29.38 24.99
C2 NAG K . -39.63 -28.52 26.24
C3 NAG K . -39.40 -29.34 27.49
C4 NAG K . -40.29 -30.59 27.46
C5 NAG K . -40.06 -31.33 26.15
C6 NAG K . -40.93 -32.55 25.99
C7 NAG K . -39.18 -26.11 25.89
C8 NAG K . -38.12 -25.05 25.97
N2 NAG K . -38.78 -27.35 26.24
O3 NAG K . -39.66 -28.51 28.59
O4 NAG K . -39.97 -31.41 28.57
O5 NAG K . -40.28 -30.47 25.05
O6 NAG K . -40.64 -33.48 27.00
O7 NAG K . -40.32 -25.85 25.52
H1 NAG K . -38.49 -29.72 25.01
H2 NAG K . -40.55 -28.22 26.22
H3 NAG K . -38.48 -29.65 27.50
H4 NAG K . -41.22 -30.30 27.49
H5 NAG K . -39.14 -31.64 26.14
H61 NAG K . -41.86 -32.27 26.00
H62 NAG K . -40.78 -32.91 25.10
H81 NAG K . -38.15 -24.50 25.17
H82 NAG K . -38.30 -24.48 26.74
H83 NAG K . -37.22 -25.41 26.07
HN2 NAG K . -37.96 -27.46 26.49
HO3 NAG K . -39.19 -28.78 29.25
HO6 NAG K . -40.84 -33.13 27.74
C1 NAG K . -40.49 -30.87 29.80
C2 NAG K . -41.08 -32.03 30.63
C3 NAG K . -41.53 -31.53 32.00
C4 NAG K . -40.39 -30.77 32.68
C5 NAG K . -39.91 -29.66 31.75
C6 NAG K . -38.79 -28.83 32.32
C7 NAG K . -42.30 -33.97 29.71
C8 NAG K . -43.55 -34.38 28.97
N2 NAG K . -42.19 -32.65 29.94
O3 NAG K . -41.95 -32.63 32.75
O4 NAG K . -40.89 -30.26 33.89
O5 NAG K . -39.47 -30.24 30.54
O6 NAG K . -38.35 -27.90 31.35
O7 NAG K . -41.45 -34.78 30.05
H1 NAG K . -41.20 -30.23 29.62
H2 NAG K . -40.38 -32.69 30.75
H3 NAG K . -42.26 -30.90 31.87
H4 NAG K . -39.67 -31.40 32.83
H5 NAG K . -40.64 -29.06 31.58
H61 NAG K . -39.11 -28.39 33.12
H62 NAG K . -38.08 -29.43 32.60
H81 NAG K . -43.37 -35.20 28.48
H82 NAG K . -43.79 -33.69 28.33
H83 NAG K . -44.31 -34.54 29.56
HN2 NAG K . -42.82 -32.13 29.68
HO3 NAG K . -42.21 -32.35 33.51
HO4 NAG K . -40.25 -30.19 34.44
HO6 NAG K . -37.68 -27.48 31.67
C1 NAG L . 11.81 -5.17 -21.10
C2 NAG L . 13.02 -5.78 -21.82
C3 NAG L . 13.43 -7.05 -21.09
C4 NAG L . 13.77 -6.73 -19.65
C5 NAG L . 12.58 -6.01 -19.00
C6 NAG L . 12.89 -5.51 -17.61
C7 NAG L . 13.59 -5.71 -24.20
C8 NAG L . 13.14 -6.09 -25.58
N2 NAG L . 12.76 -6.05 -23.20
O3 NAG L . 14.53 -7.60 -21.76
O4 NAG L . 14.06 -7.93 -18.99
O5 NAG L . 12.18 -4.89 -19.78
O6 NAG L . 13.08 -6.58 -16.73
O7 NAG L . 14.65 -5.13 -24.01
H1 NAG L . 11.09 -5.82 -21.11
H2 NAG L . 13.74 -5.14 -21.76
H3 NAG L . 12.68 -7.67 -21.09
H4 NAG L . 14.53 -6.12 -19.65
H5 NAG L . 11.85 -6.64 -18.91
H61 NAG L . 13.67 -4.93 -17.66
H62 NAG L . 12.14 -4.95 -17.32
H81 NAG L . 13.77 -6.71 -25.97
H82 NAG L . 13.13 -5.30 -26.14
H83 NAG L . 12.26 -6.49 -25.61
HN2 NAG L . 12.03 -6.47 -23.40
HO3 NAG L . 14.28 -7.82 -22.55
HO6 NAG L . 13.13 -6.27 -15.94
C1 NAG L . 15.25 -7.78 -18.18
C2 NAG L . 15.24 -8.82 -17.06
C3 NAG L . 16.45 -8.59 -16.17
C4 NAG L . 17.73 -8.63 -17.00
C5 NAG L . 17.60 -7.69 -18.21
C6 NAG L . 18.78 -7.80 -19.16
C7 NAG L . 13.17 -9.79 -16.13
C8 NAG L . 11.97 -9.50 -15.28
N2 NAG L . 14.03 -8.76 -16.28
O3 NAG L . 16.45 -9.57 -15.16
O4 NAG L . 18.76 -8.18 -16.14
O5 NAG L . 16.43 -7.98 -18.93
O6 NAG L . 19.96 -7.48 -18.48
O7 NAG L . 13.34 -10.89 -16.65
H1 NAG L . 15.27 -6.90 -17.78
H2 NAG L . 15.30 -9.70 -17.45
H3 NAG L . 16.37 -7.70 -15.77
H4 NAG L . 17.87 -9.53 -17.31
H5 NAG L . 17.59 -6.78 -17.90
H61 NAG L . 18.80 -8.71 -19.52
H62 NAG L . 18.61 -7.22 -19.91
H81 NAG L . 11.95 -10.11 -14.53
H82 NAG L . 12.04 -8.60 -14.91
H83 NAG L . 11.12 -9.57 -15.74
HN2 NAG L . 13.85 -8.02 -15.90
HO3 NAG L . 17.08 -9.40 -14.63
HO6 NAG L . 20.61 -7.53 -19.03
C1 BMA L . 19.55 -9.30 -15.65
C2 BMA L . 20.22 -8.84 -14.36
C3 BMA L . 21.15 -9.95 -13.84
C4 BMA L . 20.78 -11.37 -14.35
C5 BMA L . 19.30 -11.54 -14.70
C6 BMA L . 18.44 -11.89 -13.48
O2 BMA L . 19.23 -8.48 -13.44
O3 BMA L . 21.14 -9.86 -12.44
O4 BMA L . 21.59 -11.57 -15.50
O5 BMA L . 18.73 -10.43 -15.38
O6 BMA L . 18.69 -10.93 -12.48
H1 BMA L . 20.23 -9.53 -16.30
H2 BMA L . 20.78 -8.07 -14.58
H3 BMA L . 22.04 -9.77 -14.18
H4 BMA L . 21.00 -12.01 -13.66
H5 BMA L . 19.23 -12.30 -15.29
H61 BMA L . 17.50 -11.92 -13.72
H62 BMA L . 18.69 -12.78 -13.19
HO2 BMA L . 18.95 -7.69 -13.65
HO3 BMA L . 20.36 -10.07 -12.16
HO4 BMA L . 22.40 -11.59 -15.25
HO6 BMA L . 18.17 -11.07 -11.84
C1 NAG M . -1.24 23.90 -15.51
C2 NAG M . -1.24 25.40 -15.82
C3 NAG M . -1.35 25.60 -17.32
C4 NAG M . -0.27 24.82 -18.05
C5 NAG M . -0.33 23.36 -17.61
C6 NAG M . 0.74 22.48 -18.23
C7 NAG M . -2.17 27.18 -14.38
C8 NAG M . -3.45 27.72 -13.79
N2 NAG M . -2.32 26.08 -15.14
O3 NAG M . -1.27 26.98 -17.59
O4 NAG M . -0.49 24.96 -19.43
O5 NAG M . -0.19 23.29 -16.21
O6 NAG M . 0.74 21.22 -17.60
O7 NAG M . -1.10 27.73 -14.19
H1 NAG M . -2.07 23.52 -15.82
H2 NAG M . -0.40 25.78 -15.51
H3 NAG M . -2.21 25.25 -17.62
H4 NAG M . 0.60 25.19 -17.79
H5 NAG M . -1.17 22.98 -17.87
H61 NAG M . 1.60 22.93 -18.12
H62 NAG M . 0.57 22.43 -19.18
H81 NAG M . -4.13 27.78 -14.47
H82 NAG M . -3.77 27.10 -13.11
H83 NAG M . -3.35 28.60 -13.37
HN2 NAG M . -3.11 25.75 -15.24
HO3 NAG M . -1.37 27.08 -18.43
HO4 NAG M . 0.24 24.86 -19.84
HO6 NAG M . 1.41 20.78 -17.88
C1 NAG N . 12.71 28.83 -13.42
C2 NAG N . 13.00 30.29 -13.75
C3 NAG N . 12.53 30.55 -15.19
C4 NAG N . 13.22 29.58 -16.13
C5 NAG N . 13.01 28.15 -15.64
C6 NAG N . 13.75 27.11 -16.47
C7 NAG N . 11.19 31.08 -12.23
C8 NAG N . 10.81 32.23 -11.33
N2 NAG N . 12.38 31.22 -12.84
O3 NAG N . 12.82 31.88 -15.51
O4 NAG N . 12.65 29.77 -17.41
O5 NAG N . 13.45 28.02 -14.30
O6 NAG N . 13.68 25.85 -15.84
O7 NAG N . 10.45 30.11 -12.35
H1 NAG N . 11.77 28.64 -13.55
H2 NAG N . 13.95 30.43 -13.71
H3 NAG N . 11.57 30.38 -15.23
H4 NAG N . 14.17 29.77 -16.14
H5 NAG N . 12.07 27.92 -15.71
H61 NAG N . 13.37 27.09 -17.36
H62 NAG N . 14.67 27.41 -16.57
H81 NAG N . 9.96 32.59 -11.62
H82 NAG N . 11.47 32.94 -11.41
H83 NAG N . 10.73 31.99 -10.39
HN2 NAG N . 12.82 31.95 -12.69
HO3 NAG N . 12.53 32.03 -16.29
HO4 NAG N . 13.22 29.55 -18.00
HO6 NAG N . 13.97 25.94 -15.04
C1 NAG O . -5.72 17.18 -22.17
C2 NAG O . -6.09 17.58 -23.62
C3 NAG O . -6.30 19.08 -23.67
C4 NAG O . -7.32 19.52 -22.63
C5 NAG O . -6.89 19.01 -21.26
C6 NAG O . -7.87 19.33 -20.15
C7 NAG O . -5.28 16.43 -25.64
C8 NAG O . -4.05 16.15 -26.48
N2 NAG O . -5.06 17.19 -24.55
O3 NAG O . -6.72 19.42 -24.98
O4 NAG O . -7.39 20.93 -22.68
O5 NAG O . -6.76 17.61 -21.32
O6 NAG O . -7.50 18.63 -18.99
O7 NAG O . -6.37 16.00 -25.96
H1 NAG O . -4.91 17.65 -21.92
H2 NAG O . -6.91 17.13 -23.85
H3 NAG O . -5.46 19.52 -23.46
H4 NAG O . -8.18 19.13 -22.87
H5 NAG O . -6.06 19.42 -21.02
H61 NAG O . -8.76 19.10 -20.45
H62 NAG O . -7.87 20.30 -20.02
H81 NAG O . -3.37 16.81 -26.27
H82 NAG O . -3.69 15.28 -26.24
H83 NAG O . -4.22 16.17 -27.44
HN2 NAG O . -4.26 17.46 -24.39
HO3 NAG O . -6.79 20.26 -25.01
HO4 NAG O . -8.15 21.18 -22.40
HO6 NAG O . -8.13 18.74 -18.41
C1 NAG P . -19.92 12.86 -24.65
C2 NAG P . -20.57 13.23 -25.99
C3 NAG P . -20.39 14.73 -26.22
C4 NAG P . -20.99 15.50 -25.06
C5 NAG P . -20.40 14.98 -23.74
C6 NAG P . -21.01 15.62 -22.52
C7 NAG P . -18.71 12.24 -27.31
C8 NAG P . -18.41 11.42 -28.54
N2 NAG P . -20.01 12.47 -27.09
O3 NAG P . -21.01 15.05 -27.44
O4 NAG P . -20.69 16.86 -25.26
O5 NAG P . -20.59 13.59 -23.64
O6 NAG P . -20.58 14.95 -21.36
O7 NAG P . -17.80 12.65 -26.59
H1 NAG P . -18.99 13.15 -24.66
H2 NAG P . -21.51 13.02 -25.94
H3 NAG P . -19.44 14.92 -26.25
H4 NAG P . -21.95 15.34 -25.05
H5 NAG P . -19.46 15.20 -23.72
H61 NAG P . -20.77 16.57 -22.50
H62 NAG P . -21.98 15.59 -22.61
H81 NAG P . -17.82 11.92 -29.13
H82 NAG P . -19.24 11.26 -29.02
H83 NAG P . -17.99 10.56 -28.36
HN2 NAG P . -20.57 12.15 -27.65
HO3 NAG P . -20.89 15.88 -27.57
HO4 NAG P . -21.28 17.33 -24.87
HO6 NAG P . -20.76 14.12 -21.44
#